data_3NZ7
# 
_entry.id   3NZ7 
# 
_audit_conform.dict_name       mmcif_pdbx.dic 
_audit_conform.dict_version    5.379 
_audit_conform.dict_location   http://mmcif.pdb.org/dictionaries/ascii/mmcif_pdbx.dic 
# 
loop_
_database_2.database_id 
_database_2.database_code 
_database_2.pdbx_database_accession 
_database_2.pdbx_DOI 
PDB   3NZ7         pdb_00003nz7 10.2210/pdb3nz7/pdb 
NDB   NA0640       ?            ?                   
RCSB  RCSB060463   ?            ?                   
WWPDB D_1000060463 ?            ?                   
# 
loop_
_pdbx_database_related.db_name 
_pdbx_database_related.db_id 
_pdbx_database_related.details 
_pdbx_database_related.content_type 
PDB 1JPQ 'Same quadruplex structure in its native form (ligand-free)' unspecified 
PDB 1JRN 'Same quadruplex structure in its native form (ligand-free)' unspecified 
PDB 1L1H 'Same quadruplex structure bound to the non-fluorinated form of the ligand BSU-6039' unspecified 
PDB 3CE5 
'A bimolecular parallel-stranded human telomeric quadruplex in complex with a 3,6,9-trisubstituted acridine molecular BRACO19' 
unspecified 
PDB 3EM2 
'A bimolecular anti-parallel-stranded Oxytricha nova telomeric quadruplex in complex with a 3,6-disubstituted acridine BSU-6038' 
unspecified 
PDB 3EQW 
;A bimolecular anti-parallel-stranded Oxytricha nova telomeric quadruplex in complex with a 3,6-disubstituted acridine BSU-6042 in small unit cell
;
unspecified 
PDB 3ERU 
'A bimolecular anti-parallel-stranded Oxytricha nova telomeric quadruplex in complex with a 3,6-disubstituted acridine BSU-6045' 
unspecified 
PDB 3ES0 
'A bimolecular anti-parallel-stranded Oxytricha nova telomeric quadruplex in complex with a 3,6-disubstituted acridine BSU-6048' 
unspecified 
PDB 3ET8 
'A bimolecular anti-parallel-stranded Oxytricha nova telomeric quadruplex in complex with a 3,6-disubstituted acridine BSU-6054' 
unspecified 
PDB 3EUI 
;A bimolecular anti-parallel-stranded Oxytricha nova telomeric quadruplex in complex with a 3,6-disubstituted acridine BSU-6042 in large unit cell
;
unspecified 
PDB 3EUM 
'A bimolecular anti-parallel-stranded Oxytricha nova telomeric quadruplex in complex with a 3,6-disubstituted acridine BSU-6066' 
unspecified 
PDB 3NYP 
;A bimolecular anti-parallel-stranded Oxytricha nova telomeric quadruplex in complex with a 3,6-disubstituted acridine ligand containing bis-3-fluoropyrrolidine end side chains
;
unspecified 
# 
_pdbx_database_status.entry_id                        3NZ7 
_pdbx_database_status.deposit_site                    RCSB 
_pdbx_database_status.process_site                    RCSB 
_pdbx_database_status.recvd_initial_deposition_date   2010-07-16 
_pdbx_database_status.status_code                     REL 
_pdbx_database_status.status_code_sf                  REL 
_pdbx_database_status.status_code_mr                  ? 
_pdbx_database_status.SG_entry                        ? 
_pdbx_database_status.status_code_cs                  ? 
_pdbx_database_status.pdb_format_compatible           Y 
_pdbx_database_status.status_code_nmr_data            ? 
_pdbx_database_status.methods_development_category    ? 
# 
loop_
_audit_author.name 
_audit_author.pdbx_ordinal 
'Campbell, N.H.' 1 
'Neidle, S.'     2 
# 
_citation.id                        primary 
_citation.title                     
;Fluorine in medicinal chemistry: beta-fluorination of peripheral pyrrolidines attached to acridine ligands affects their interactions with G-quadruplex DNA.
;
_citation.journal_abbrev            Org.Biomol.Chem. 
_citation.journal_volume            9 
_citation.page_first                1328 
_citation.page_last                 1331 
_citation.year                      2011 
_citation.journal_id_ASTM           ? 
_citation.country                   UK 
_citation.journal_id_ISSN           1477-0520 
_citation.journal_id_CSD            ? 
_citation.book_publisher            ? 
_citation.pdbx_database_id_PubMed   21221451 
_citation.pdbx_database_id_DOI      10.1039/c0ob00886a 
# 
loop_
_citation_author.citation_id 
_citation_author.name 
_citation_author.ordinal 
_citation_author.identifier_ORCID 
primary 'Campbell, N.H.' 1 ? 
primary 'Smith, D.L.'    2 ? 
primary 'Reszka, A.P.'   3 ? 
primary 'Neidle, S.'     4 ? 
primary 
;O'Hagan, D.
;
5 ? 
# 
_cell.length_a           55.574 
_cell.length_b           42.704 
_cell.length_c           26.995 
_cell.angle_alpha        90.000 
_cell.angle_beta         90.000 
_cell.angle_gamma        90.000 
_cell.entry_id           3NZ7 
_cell.pdbx_unique_axis   ? 
_cell.Z_PDB              8 
_cell.length_a_esd       ? 
_cell.length_b_esd       ? 
_cell.length_c_esd       ? 
_cell.angle_alpha_esd    ? 
_cell.angle_beta_esd     ? 
_cell.angle_gamma_esd    ? 
# 
_symmetry.space_group_name_H-M             'P 21 21 2' 
_symmetry.entry_id                         3NZ7 
_symmetry.Int_Tables_number                18 
_symmetry.pdbx_full_space_group_name_H-M   ? 
_symmetry.cell_setting                     ? 
_symmetry.space_group_name_Hall            ? 
# 
loop_
_entity.id 
_entity.type 
_entity.src_method 
_entity.pdbx_description 
_entity.formula_weight 
_entity.pdbx_number_of_molecules 
_entity.pdbx_ec 
_entity.pdbx_mutation 
_entity.pdbx_fragment 
_entity.details 
1 polymer     syn "5'-D(*GP*GP*GP*GP*TP*TP*TP*TP*GP*GP*GP*G)-3'"               3805.460 2   ? ? ? ? 
2 non-polymer syn 'POTASSIUM ION'                                              39.098   4   ? ? ? ? 
3 non-polymer syn "3,6-bis(3-(3'-(S)-fluoropyrrolindino)propionamido)acridine" 495.564  1   ? ? ? ? 
4 water       nat water                                                        18.015   188 ? ? ? ? 
# 
_entity_poly.entity_id                      1 
_entity_poly.type                           polydeoxyribonucleotide 
_entity_poly.nstd_linkage                   no 
_entity_poly.nstd_monomer                   no 
_entity_poly.pdbx_seq_one_letter_code       '(DG)(DG)(DG)(DG)(DT)(DT)(DT)(DT)(DG)(DG)(DG)(DG)' 
_entity_poly.pdbx_seq_one_letter_code_can   GGGGTTTTGGGG 
_entity_poly.pdbx_strand_id                 A,B 
_entity_poly.pdbx_target_identifier         ? 
# 
loop_
_entity_poly_seq.entity_id 
_entity_poly_seq.num 
_entity_poly_seq.mon_id 
_entity_poly_seq.hetero 
1 1  DG n 
1 2  DG n 
1 3  DG n 
1 4  DG n 
1 5  DT n 
1 6  DT n 
1 7  DT n 
1 8  DT n 
1 9  DG n 
1 10 DG n 
1 11 DG n 
1 12 DG n 
# 
_pdbx_entity_src_syn.entity_id              1 
_pdbx_entity_src_syn.pdbx_src_id            1 
_pdbx_entity_src_syn.pdbx_alt_source_flag   sample 
_pdbx_entity_src_syn.pdbx_beg_seq_num       ? 
_pdbx_entity_src_syn.pdbx_end_seq_num       ? 
_pdbx_entity_src_syn.organism_scientific    ? 
_pdbx_entity_src_syn.organism_common_name   ? 
_pdbx_entity_src_syn.ncbi_taxonomy_id       ? 
_pdbx_entity_src_syn.details                'This telomere sequence occurs naturally in the organism Oxytricha nova' 
# 
_struct_ref.id                         1 
_struct_ref.db_name                    PDB 
_struct_ref.db_code                    3NZ7 
_struct_ref.pdbx_db_accession          3NZ7 
_struct_ref.entity_id                  1 
_struct_ref.pdbx_align_begin           1 
_struct_ref.pdbx_seq_one_letter_code   GGGGTTTTGGGG 
_struct_ref.pdbx_db_isoform            ? 
# 
loop_
_struct_ref_seq.align_id 
_struct_ref_seq.ref_id 
_struct_ref_seq.pdbx_PDB_id_code 
_struct_ref_seq.pdbx_strand_id 
_struct_ref_seq.seq_align_beg 
_struct_ref_seq.pdbx_seq_align_beg_ins_code 
_struct_ref_seq.seq_align_end 
_struct_ref_seq.pdbx_seq_align_end_ins_code 
_struct_ref_seq.pdbx_db_accession 
_struct_ref_seq.db_align_beg 
_struct_ref_seq.pdbx_db_align_beg_ins_code 
_struct_ref_seq.db_align_end 
_struct_ref_seq.pdbx_db_align_end_ins_code 
_struct_ref_seq.pdbx_auth_seq_align_beg 
_struct_ref_seq.pdbx_auth_seq_align_end 
1 1 3NZ7 A 1 ? 12 ? 3NZ7 1 ? 12 ? 1 12 
2 1 3NZ7 B 1 ? 12 ? 3NZ7 1 ? 12 ? 1 12 
# 
loop_
_chem_comp.id 
_chem_comp.type 
_chem_comp.mon_nstd_flag 
_chem_comp.name 
_chem_comp.pdbx_synonyms 
_chem_comp.formula 
_chem_comp.formula_weight 
DG  'DNA linking' y "2'-DEOXYGUANOSINE-5'-MONOPHOSPHATE"                         ? 'C10 H14 N5 O7 P'  347.221 
DT  'DNA linking' y "THYMIDINE-5'-MONOPHOSPHATE"                                 ? 'C10 H15 N2 O8 P'  322.208 
HOH non-polymer   . WATER                                                        ? 'H2 O'             18.015  
K   non-polymer   . 'POTASSIUM ION'                                              ? 'K 1'              39.098  
SNS non-polymer   . "3,6-bis(3-(3'-(S)-fluoropyrrolindino)propionamido)acridine" 
"N,N'-acridine-3,6-diylbis{3-[(3S)-3-fluoropyrrolidin-1-yl]propanamide}" 'C27 H31 F2 N5 O2' 495.564 
# 
_exptl.crystals_number   2 
_exptl.entry_id          3NZ7 
_exptl.method            'X-RAY DIFFRACTION' 
# 
_exptl_crystal.id                    1 
_exptl_crystal.density_Matthews      2.10 
_exptl_crystal.density_meas          ? 
_exptl_crystal.density_percent_sol   41.55 
_exptl_crystal.description           ? 
_exptl_crystal.F_000                 ? 
_exptl_crystal.preparation           ? 
# 
_exptl_crystal_grow.crystal_id      1 
_exptl_crystal_grow.method          'VAPOR DIFFUSION, HANGING DROP' 
_exptl_crystal_grow.pH              6.5 
_exptl_crystal_grow.temp            285.15 
_exptl_crystal_grow.temp_details    ? 
_exptl_crystal_grow.pdbx_details    
;The 4 ul drop contained 0.75 mM quadruplex DNA, 0.75 mM ligand, 10 % MPD, 12.5 mM magnesium chloride, 12.5 mM spermine.4HCl and 10 mM potassium cacodylate buffer at pH 6.5. This was equilibrated against a reservoir well solution of 600 ul of 30% MPD, VAPOR DIFFUSION, HANGING DROP, temperature 285.15K
;
_exptl_crystal_grow.pdbx_pH_range   ? 
# 
_diffrn.id                     1 
_diffrn.ambient_temp           105 
_diffrn.ambient_temp_details   ? 
_diffrn.crystal_id             1 
# 
_diffrn_detector.diffrn_id              1 
_diffrn_detector.detector               CCD 
_diffrn_detector.type                   'ADSC QUANTUM 315' 
_diffrn_detector.pdbx_collection_date   2010-02-01 
_diffrn_detector.details                ? 
# 
_diffrn_radiation.diffrn_id                        1 
_diffrn_radiation.wavelength_id                    1 
_diffrn_radiation.pdbx_diffrn_protocol             'SINGLE WAVELENGTH' 
_diffrn_radiation.monochromator                    ? 
_diffrn_radiation.pdbx_monochromatic_or_laue_m_l   M 
_diffrn_radiation.pdbx_scattering_type             x-ray 
# 
_diffrn_radiation_wavelength.id           1 
_diffrn_radiation_wavelength.wavelength   0.9702 
_diffrn_radiation_wavelength.wt           1.0 
# 
_diffrn_source.diffrn_id                   1 
_diffrn_source.source                      SYNCHROTRON 
_diffrn_source.type                        'DIAMOND BEAMLINE I04' 
_diffrn_source.pdbx_wavelength             ? 
_diffrn_source.pdbx_wavelength_list        0.9702 
_diffrn_source.pdbx_synchrotron_site       Diamond 
_diffrn_source.pdbx_synchrotron_beamline   I04 
# 
_reflns.entry_id                     3NZ7 
_reflns.d_resolution_high            1.100 
_reflns.d_resolution_low             7.952 
_reflns.number_all                   25994 
_reflns.number_obs                   25994 
_reflns.pdbx_netI_over_sigmaI        25.400 
_reflns.pdbx_Rsym_value              0.073 
_reflns.pdbx_redundancy              9.500 
_reflns.percent_possible_obs         97.100 
_reflns.observed_criterion_sigma_F   2 
_reflns.observed_criterion_sigma_I   2 
_reflns.pdbx_Rmerge_I_obs            0.073 
_reflns.B_iso_Wilson_estimate        ? 
_reflns.R_free_details               ? 
_reflns.limit_h_max                  ? 
_reflns.limit_h_min                  ? 
_reflns.limit_k_max                  ? 
_reflns.limit_k_min                  ? 
_reflns.limit_l_max                  ? 
_reflns.limit_l_min                  ? 
_reflns.observed_criterion_F_max     ? 
_reflns.observed_criterion_F_min     ? 
_reflns.pdbx_chi_squared             ? 
_reflns.pdbx_scaling_rejects         ? 
_reflns.pdbx_diffrn_id               1 
_reflns.pdbx_ordinal                 1 
# 
loop_
_reflns_shell.d_res_high 
_reflns_shell.d_res_low 
_reflns_shell.number_measured_obs 
_reflns_shell.number_measured_all 
_reflns_shell.number_unique_obs 
_reflns_shell.Rmerge_I_obs 
_reflns_shell.meanI_over_sigI_obs 
_reflns_shell.pdbx_Rsym_value 
_reflns_shell.pdbx_chi_squared 
_reflns_shell.pdbx_redundancy 
_reflns_shell.percent_possible_obs 
_reflns_shell.number_unique_all 
_reflns_shell.percent_possible_all 
_reflns_shell.pdbx_diffrn_id 
_reflns_shell.pdbx_ordinal 
1.100 1.160 ? 18851 ? 0.087 6.8  0.087 ? 5.000  ? 3792 98.800  ? 1  
1.160 1.230 ? 33382 ? 0.099 5.9  0.099 ? 9.100  ? 3664 100.000 ? 2  
1.230 1.310 ? 37557 ? 0.075 7.7  0.075 ? 11.000 ? 3413 100.000 ? 3  
1.310 1.420 ? 35574 ? 0.070 7.7  0.070 ? 11.100 ? 3214 100.000 ? 4  
1.420 1.560 ? 32737 ? 0.068 7.7  0.068 ? 11.100 ? 2961 100.000 ? 5  
1.560 1.740 ? 29927 ? 0.065 7.1  0.065 ? 11.100 ? 2704 100.000 ? 6  
1.740 2.010 ? 26056 ? 0.076 7.3  0.076 ? 10.900 ? 2393 100.000 ? 7  
2.010 2.460 ? 20696 ? 0.078 7.4  0.078 ? 10.100 ? 2053 99.600  ? 8  
2.460 3.480 ? 10747 ? 0.061 10.0 0.061 ? 7.800  ? 1371 85.100  ? 9  
3.480 7.961 ? 2640  ? 0.062 10.0 0.062 ? 6.200  ? 429  43.300  ? 10 
# 
_refine.entry_id                                 3NZ7 
_refine.ls_d_res_high                            1.1000 
_refine.ls_d_res_low                             7.8050 
_refine.pdbx_ls_sigma_F                          0.190 
_refine.pdbx_data_cutoff_high_absF               ? 
_refine.pdbx_data_cutoff_low_absF                ? 
_refine.ls_percent_reflns_obs                    96.9500 
_refine.ls_number_reflns_obs                     25901 
_refine.ls_number_reflns_all                     25901 
_refine.pdbx_ls_cross_valid_method               ? 
_refine.pdbx_R_Free_selection_details            Random 
_refine.details                                  ? 
_refine.ls_R_factor_all                          ? 
_refine.ls_R_factor_obs                          0.1389 
_refine.ls_R_factor_R_work                       0.1379 
_refine.ls_wR_factor_R_work                      ? 
_refine.ls_R_factor_R_free                       0.1592 
_refine.ls_wR_factor_R_free                      ? 
_refine.ls_percent_reflns_R_free                 4.9700 
_refine.ls_number_reflns_R_free                  1286 
_refine.ls_R_factor_R_free_error                 ? 
_refine.B_iso_mean                               11.9351 
_refine.solvent_model_param_bsol                 55.8300 
_refine.solvent_model_param_ksol                 0.5260 
_refine.pdbx_isotropic_thermal_model             ? 
_refine.aniso_B[1][1]                            1.3432 
_refine.aniso_B[2][2]                            -1.5357 
_refine.aniso_B[3][3]                            0.1926 
_refine.aniso_B[1][2]                            -0.0000 
_refine.aniso_B[1][3]                            0.0000 
_refine.aniso_B[2][3]                            -0.0000 
_refine.correlation_coeff_Fo_to_Fc               ? 
_refine.correlation_coeff_Fo_to_Fc_free          ? 
_refine.overall_SU_R_Cruickshank_DPI             ? 
_refine.overall_SU_R_free                        ? 
_refine.pdbx_overall_ESU_R_Free                  ? 
_refine.overall_SU_ML                            0.1100 
_refine.overall_SU_B                             ? 
_refine.solvent_model_details                    'FLAT BULK SOLVENT MODEL' 
_refine.pdbx_solvent_vdw_probe_radii             1.1100 
_refine.pdbx_solvent_ion_probe_radii             ? 
_refine.pdbx_solvent_shrinkage_radii             0.9000 
_refine.ls_number_parameters                     ? 
_refine.ls_number_restraints                     ? 
_refine.pdbx_starting_model                      'PDB entry 1L1H' 
_refine.pdbx_method_to_determine_struct          'MOLECULAR REPLACEMENT' 
_refine.pdbx_stereochemistry_target_values       'Engh & Huber' 
_refine.pdbx_stereochem_target_val_spec_case     ? 
_refine.overall_FOM_work_R_set                   ? 
_refine.B_iso_max                                39.480 
_refine.B_iso_min                                3.400 
_refine.occupancy_max                            1.000 
_refine.occupancy_min                            0.420 
_refine.pdbx_ls_sigma_I                          ? 
_refine.ls_redundancy_reflns_obs                 ? 
_refine.ls_R_factor_R_free_error_details         ? 
_refine.pdbx_data_cutoff_high_rms_absF           ? 
_refine.overall_FOM_free_R_set                   ? 
_refine.pdbx_overall_phase_error                 ? 
_refine.pdbx_refine_id                           'X-RAY DIFFRACTION' 
_refine.pdbx_overall_ESU_R                       ? 
_refine.pdbx_diffrn_id                           1 
_refine.pdbx_TLS_residual_ADP_flag               ? 
_refine.pdbx_overall_SU_R_free_Cruickshank_DPI   ? 
_refine.pdbx_overall_SU_R_Blow_DPI               ? 
_refine.pdbx_overall_SU_R_free_Blow_DPI          ? 
# 
_refine_hist.pdbx_refine_id                   'X-RAY DIFFRACTION' 
_refine_hist.cycle_id                         LAST 
_refine_hist.pdbx_number_atoms_protein        0 
_refine_hist.pdbx_number_atoms_nucleic_acid   506 
_refine_hist.pdbx_number_atoms_ligand         40 
_refine_hist.number_atoms_solvent             188 
_refine_hist.number_atoms_total               734 
_refine_hist.d_res_high                       1.1000 
_refine_hist.d_res_low                        7.8050 
# 
loop_
_refine_ls_restr.type 
_refine_ls_restr.number 
_refine_ls_restr.dev_ideal 
_refine_ls_restr.dev_ideal_target 
_refine_ls_restr.weight 
_refine_ls_restr.pdbx_refine_id 
_refine_ls_restr.pdbx_restraint_function 
f_bond_d           609 0.015  ? ? 'X-RAY DIFFRACTION' ? 
f_angle_d          937 1.960  ? ? 'X-RAY DIFFRACTION' ? 
f_chiral_restr     94  0.098  ? ? 'X-RAY DIFFRACTION' ? 
f_plane_restr      27  0.026  ? ? 'X-RAY DIFFRACTION' ? 
f_dihedral_angle_d 265 34.658 ? ? 'X-RAY DIFFRACTION' ? 
# 
loop_
_refine_ls_shell.d_res_high 
_refine_ls_shell.d_res_low 
_refine_ls_shell.pdbx_total_number_of_bins_used 
_refine_ls_shell.percent_reflns_obs 
_refine_ls_shell.number_reflns_R_work 
_refine_ls_shell.R_factor_all 
_refine_ls_shell.R_factor_R_work 
_refine_ls_shell.R_factor_R_free 
_refine_ls_shell.percent_reflns_R_free 
_refine_ls_shell.number_reflns_R_free 
_refine_ls_shell.R_factor_R_free_error 
_refine_ls_shell.number_reflns_all 
_refine_ls_shell.number_reflns_obs 
_refine_ls_shell.redundancy_reflns_obs 
_refine_ls_shell.pdbx_refine_id 
1.1000 1.1439 9 97.0000  2679 . 0.1165 0.1371 . 142 . 2821 2683 . 'X-RAY DIFFRACTION' 
1.1439 1.1958 9 100.0000 2747 . 0.1035 0.1455 . 152 . 2899 2747 . 'X-RAY DIFFRACTION' 
1.1958 1.2586 9 100.0000 2796 . 0.0979 0.1143 . 140 . 2936 2796 . 'X-RAY DIFFRACTION' 
1.2586 1.3371 9 100.0000 2775 . 0.1068 0.1318 . 162 . 2937 2775 . 'X-RAY DIFFRACTION' 
1.3371 1.4398 9 100.0000 2792 . 0.1184 0.1577 . 143 . 2935 2792 . 'X-RAY DIFFRACTION' 
1.4398 1.5836 9 100.0000 2811 . 0.1249 0.1461 . 156 . 2967 2811 . 'X-RAY DIFFRACTION' 
1.5836 1.8102 9 100.0000 2814 . 0.1142 0.1301 . 151 . 2965 2818 . 'X-RAY DIFFRACTION' 
1.8102 2.2713 9 100.0000 2870 . 0.1353 0.1559 . 128 . 2998 2870 . 'X-RAY DIFFRACTION' 
2.2713 7.8056 9 78.0000  2331 . 0.1943 0.2137 . 112 . 2443 2331 . 'X-RAY DIFFRACTION' 
# 
_struct.entry_id                  3NZ7 
_struct.title                     
;A bimolecular anti-parallel-stranded Oxytricha nova telomeric quadruplex in complex with a 3,6-disubstituted acridine ligand containing bis-3-fluoropyrrolidine end side chains
;
_struct.pdbx_model_details        ? 
_struct.pdbx_CASP_flag            ? 
_struct.pdbx_model_type_details   ? 
# 
_struct_keywords.entry_id        3NZ7 
_struct_keywords.pdbx_keywords   DNA 
_struct_keywords.text            
;QUADRUPLEX, OXTYRICHA NOVA, BSU-6039, BSU6039, ANTI-PARALLEL, BIMOLECULAR, MACROMOLECULE, DNA, G-QUADRUPLEX, TELOMERE, ACRIDINE, FLUORINATION
;
# 
loop_
_struct_asym.id 
_struct_asym.pdbx_blank_PDB_chainid_flag 
_struct_asym.pdbx_modified 
_struct_asym.entity_id 
_struct_asym.details 
A N N 1 ? 
B N N 1 ? 
C N N 2 ? 
D N N 2 ? 
E N N 2 ? 
F N N 3 ? 
G N N 2 ? 
H N N 4 ? 
I N N 4 ? 
# 
_struct_biol.id        1 
_struct_biol.details   ? 
# 
loop_
_struct_conn.id 
_struct_conn.conn_type_id 
_struct_conn.pdbx_leaving_atom_flag 
_struct_conn.pdbx_PDB_id 
_struct_conn.ptnr1_label_asym_id 
_struct_conn.ptnr1_label_comp_id 
_struct_conn.ptnr1_label_seq_id 
_struct_conn.ptnr1_label_atom_id 
_struct_conn.pdbx_ptnr1_label_alt_id 
_struct_conn.pdbx_ptnr1_PDB_ins_code 
_struct_conn.pdbx_ptnr1_standard_comp_id 
_struct_conn.ptnr1_symmetry 
_struct_conn.ptnr2_label_asym_id 
_struct_conn.ptnr2_label_comp_id 
_struct_conn.ptnr2_label_seq_id 
_struct_conn.ptnr2_label_atom_id 
_struct_conn.pdbx_ptnr2_label_alt_id 
_struct_conn.pdbx_ptnr2_PDB_ins_code 
_struct_conn.ptnr1_auth_asym_id 
_struct_conn.ptnr1_auth_comp_id 
_struct_conn.ptnr1_auth_seq_id 
_struct_conn.ptnr2_auth_asym_id 
_struct_conn.ptnr2_auth_comp_id 
_struct_conn.ptnr2_auth_seq_id 
_struct_conn.ptnr2_symmetry 
_struct_conn.pdbx_ptnr3_label_atom_id 
_struct_conn.pdbx_ptnr3_label_seq_id 
_struct_conn.pdbx_ptnr3_label_comp_id 
_struct_conn.pdbx_ptnr3_label_asym_id 
_struct_conn.pdbx_ptnr3_label_alt_id 
_struct_conn.pdbx_ptnr3_PDB_ins_code 
_struct_conn.details 
_struct_conn.pdbx_dist_value 
_struct_conn.pdbx_value_order 
_struct_conn.pdbx_role 
metalc1  metalc ? ? A DG 1  O6 ? ? ? 1_555 C K   .  K  ? ? A DG 1  A K   14  1_555 ? ? ? ? ? ? ?               2.778 ? ? 
metalc2  metalc ? ? A DG 1  O6 ? ? ? 1_555 G K   .  K  ? ? A DG 1  B K   13  1_555 ? ? ? ? ? ? ?               3.026 ? ? 
metalc3  metalc ? ? A DG 2  O6 ? ? ? 1_555 C K   .  K  ? ? A DG 2  A K   14  1_555 ? ? ? ? ? ? ?               2.871 ? ? 
metalc4  metalc ? ? A DG 2  O6 ? ? ? 1_555 D K   .  K  ? ? A DG 2  A K   15  1_555 ? ? ? ? ? ? ?               2.825 ? ? 
metalc5  metalc ? ? A DG 3  O6 ? ? ? 1_555 D K   .  K  ? ? A DG 3  A K   15  1_555 ? ? ? ? ? ? ?               2.876 ? ? 
metalc6  metalc ? ? A DG 3  O6 ? ? ? 1_555 E K   .  K  ? ? A DG 3  A K   16  1_555 ? ? ? ? ? ? ?               3.053 ? ? 
metalc7  metalc ? ? A DG 4  O6 ? ? ? 1_555 E K   .  K  ? ? A DG 4  A K   16  1_555 ? ? ? ? ? ? ?               2.767 ? ? 
metalc8  metalc ? ? A DG 9  O6 ? ? ? 1_555 E K   .  K  ? ? A DG 9  A K   16  1_555 ? ? ? ? ? ? ?               2.735 ? ? 
metalc9  metalc ? ? A DG 10 O6 ? ? ? 1_555 D K   .  K  ? ? A DG 10 A K   15  1_555 ? ? ? ? ? ? ?               2.822 ? ? 
metalc10 metalc ? ? A DG 10 O6 ? ? ? 1_555 E K   .  K  ? ? A DG 10 A K   16  1_555 ? ? ? ? ? ? ?               3.055 ? ? 
metalc11 metalc ? ? A DG 11 O6 ? ? ? 1_555 C K   .  K  ? ? A DG 11 A K   14  1_555 ? ? ? ? ? ? ?               2.806 ? ? 
metalc12 metalc ? ? A DG 11 O6 ? ? ? 1_555 D K   .  K  ? ? A DG 11 A K   15  1_555 ? ? ? ? ? ? ?               2.942 ? ? 
metalc13 metalc ? ? A DG 12 O6 ? ? ? 1_555 C K   .  K  ? ? A DG 12 A K   14  1_555 ? ? ? ? ? ? ?               2.868 ? ? 
metalc14 metalc ? ? A DG 12 O6 ? ? ? 1_555 G K   .  K  ? ? A DG 12 B K   13  1_555 ? ? ? ? ? ? ?               2.863 ? ? 
metalc15 metalc ? ? C K  .  K  ? ? ? 1_555 B DG  3  O6 ? ? A K  14 B DG  3   1_555 ? ? ? ? ? ? ?               2.899 ? ? 
metalc16 metalc ? ? C K  .  K  ? ? ? 1_555 B DG  4  O6 ? ? A K  14 B DG  4   1_555 ? ? ? ? ? ? ?               2.878 ? ? 
metalc17 metalc ? ? C K  .  K  ? ? ? 1_555 B DG  9  O6 ? ? A K  14 B DG  9   1_555 ? ? ? ? ? ? ?               2.894 ? ? 
metalc18 metalc ? ? C K  .  K  ? ? ? 1_555 B DG  10 O6 ? ? A K  14 B DG  10  1_555 ? ? ? ? ? ? ?               2.867 ? ? 
metalc19 metalc ? ? D K  .  K  ? ? ? 1_555 B DG  2  O6 ? ? A K  15 B DG  2   1_555 ? ? ? ? ? ? ?               2.759 ? ? 
metalc20 metalc ? ? D K  .  K  ? ? ? 1_555 B DG  3  O6 ? ? A K  15 B DG  3   1_555 ? ? ? ? ? ? ?               2.879 ? ? 
metalc21 metalc ? ? D K  .  K  ? ? ? 1_555 B DG  10 O6 ? ? A K  15 B DG  10  1_555 ? ? ? ? ? ? ?               2.924 ? ? 
metalc22 metalc ? ? D K  .  K  ? ? ? 1_555 B DG  11 O6 ? ? A K  15 B DG  11  1_555 ? ? ? ? ? ? ?               2.831 ? ? 
metalc23 metalc ? ? E K  .  K  ? ? ? 1_555 B DG  1  O6 ? ? A K  16 B DG  1   1_555 ? ? ? ? ? ? ?               2.740 ? ? 
metalc24 metalc ? ? E K  .  K  ? ? ? 1_555 B DG  2  O6 ? ? A K  16 B DG  2   1_555 ? ? ? ? ? ? ?               2.937 ? ? 
metalc25 metalc ? ? E K  .  K  ? ? ? 1_555 B DG  11 O6 ? ? A K  16 B DG  11  1_555 ? ? ? ? ? ? ?               3.063 ? ? 
metalc26 metalc ? ? E K  .  K  ? ? ? 1_555 B DG  12 O6 ? ? A K  16 B DG  12  1_555 ? ? ? ? ? ? ?               2.727 ? ? 
metalc27 metalc ? ? B DG 4  O6 ? ? ? 1_555 G K   .  K  ? ? B DG 4  B K   13  1_555 ? ? ? ? ? ? ?               2.951 ? ? 
metalc28 metalc ? ? B DT 5  O2 ? ? ? 1_555 G K   .  K  ? ? B DT 5  B K   13  1_555 ? ? ? ? ? ? ?               2.831 ? ? 
metalc29 metalc ? ? B DT 7  O2 ? ? ? 1_555 G K   .  K  ? ? B DT 7  B K   13  1_555 ? ? ? ? ? ? ?               2.684 ? ? 
metalc30 metalc ? ? B DG 9  O6 ? ? ? 1_555 G K   .  K  ? ? B DG 9  B K   13  1_555 ? ? ? ? ? ? ?               2.911 ? ? 
metalc31 metalc ? ? G K  .  K  ? ? ? 1_555 I HOH .  O  ? ? B K  13 B HOH 20  1_555 ? ? ? ? ? ? ?               3.025 ? ? 
metalc32 metalc ? ? G K  .  K  ? ? ? 1_555 I HOH .  O  ? ? B K  13 B HOH 144 1_555 ? ? ? ? ? ? ?               2.713 ? ? 
hydrog1  hydrog ? ? A DG 1  N7 ? ? ? 1_555 B DG  4  N2 ? ? A DG 1  B DG  4   1_555 ? ? ? ? ? ? TYPE_6_PAIR     ?     ? ? 
hydrog2  hydrog ? ? A DG 1  O6 ? ? ? 1_555 B DG  4  N1 ? ? A DG 1  B DG  4   1_555 ? ? ? ? ? ? TYPE_6_PAIR     ?     ? ? 
hydrog3  hydrog ? ? A DG 1  N1 ? ? ? 1_555 B DG  9  O6 ? ? A DG 1  B DG  9   1_555 ? ? ? ? ? ? TYPE_6_PAIR     ?     ? ? 
hydrog4  hydrog ? ? A DG 1  N2 ? ? ? 1_555 B DG  9  N7 ? ? A DG 1  B DG  9   1_555 ? ? ? ? ? ? TYPE_6_PAIR     ?     ? ? 
hydrog5  hydrog ? ? A DG 2  N1 ? ? ? 1_555 B DG  3  O6 ? ? A DG 2  B DG  3   1_555 ? ? ? ? ? ? TYPE_6_PAIR     ?     ? ? 
hydrog6  hydrog ? ? A DG 2  N2 ? ? ? 1_555 B DG  3  N7 ? ? A DG 2  B DG  3   1_555 ? ? ? ? ? ? TYPE_6_PAIR     ?     ? ? 
hydrog7  hydrog ? ? A DG 2  N7 ? ? ? 1_555 B DG  10 N2 ? ? A DG 2  B DG  10  1_555 ? ? ? ? ? ? TYPE_6_PAIR     ?     ? ? 
hydrog8  hydrog ? ? A DG 2  O6 ? ? ? 1_555 B DG  10 N1 ? ? A DG 2  B DG  10  1_555 ? ? ? ? ? ? TYPE_6_PAIR     ?     ? ? 
hydrog9  hydrog ? ? A DG 3  N7 ? ? ? 1_555 B DG  2  N2 ? ? A DG 3  B DG  2   1_555 ? ? ? ? ? ? TYPE_6_PAIR     ?     ? ? 
hydrog10 hydrog ? ? A DG 3  O6 ? ? ? 1_555 B DG  2  N1 ? ? A DG 3  B DG  2   1_555 ? ? ? ? ? ? TYPE_6_PAIR     ?     ? ? 
hydrog11 hydrog ? ? A DG 3  N1 ? ? ? 1_555 B DG  11 O6 ? ? A DG 3  B DG  11  1_555 ? ? ? ? ? ? TYPE_6_PAIR     ?     ? ? 
hydrog12 hydrog ? ? A DG 3  N2 ? ? ? 1_555 B DG  11 N7 ? ? A DG 3  B DG  11  1_555 ? ? ? ? ? ? TYPE_6_PAIR     ?     ? ? 
hydrog13 hydrog ? ? A DG 4  N1 ? ? ? 1_555 B DG  1  O6 ? ? A DG 4  B DG  1   1_555 ? ? ? ? ? ? TYPE_6_PAIR     ?     ? ? 
hydrog14 hydrog ? ? A DG 4  N2 ? ? ? 1_555 B DG  1  N7 ? ? A DG 4  B DG  1   1_555 ? ? ? ? ? ? TYPE_6_PAIR     ?     ? ? 
hydrog15 hydrog ? ? A DG 4  N7 ? ? ? 1_555 B DG  12 N2 ? ? A DG 4  B DG  12  1_555 ? ? ? ? ? ? TYPE_6_PAIR     ?     ? ? 
hydrog16 hydrog ? ? A DG 4  O6 ? ? ? 1_555 B DG  12 N1 ? ? A DG 4  B DG  12  1_555 ? ? ? ? ? ? TYPE_6_PAIR     ?     ? ? 
hydrog17 hydrog ? ? A DG 9  N7 ? ? ? 1_555 B DG  1  N2 ? ? A DG 9  B DG  1   1_555 ? ? ? ? ? ? TYPE_6_PAIR     ?     ? ? 
hydrog18 hydrog ? ? A DG 9  O6 ? ? ? 1_555 B DG  1  N1 ? ? A DG 9  B DG  1   1_555 ? ? ? ? ? ? TYPE_6_PAIR     ?     ? ? 
hydrog19 hydrog ? ? A DG 9  N1 ? ? ? 1_555 B DG  12 O6 ? ? A DG 9  B DG  12  1_555 ? ? ? ? ? ? TYPE_6_PAIR     ?     ? ? 
hydrog20 hydrog ? ? A DG 9  N2 ? ? ? 1_555 B DG  12 N7 ? ? A DG 9  B DG  12  1_555 ? ? ? ? ? ? TYPE_6_PAIR     ?     ? ? 
hydrog21 hydrog ? ? A DG 10 N1 ? ? ? 1_555 B DG  2  O6 ? ? A DG 10 B DG  2   1_555 ? ? ? ? ? ? TYPE_6_PAIR     ?     ? ? 
hydrog22 hydrog ? ? A DG 10 N2 ? ? ? 1_555 B DG  2  N7 ? ? A DG 10 B DG  2   1_555 ? ? ? ? ? ? TYPE_6_PAIR     ?     ? ? 
hydrog23 hydrog ? ? A DG 10 N7 ? ? ? 1_555 B DG  11 N2 ? ? A DG 10 B DG  11  1_555 ? ? ? ? ? ? TYPE_6_PAIR     ?     ? ? 
hydrog24 hydrog ? ? A DG 10 O6 ? ? ? 1_555 B DG  11 N1 ? ? A DG 10 B DG  11  1_555 ? ? ? ? ? ? TYPE_6_PAIR     ?     ? ? 
hydrog25 hydrog ? ? A DG 11 N7 ? ? ? 1_555 B DG  3  N2 ? ? A DG 11 B DG  3   1_555 ? ? ? ? ? ? TYPE_6_PAIR     ?     ? ? 
hydrog26 hydrog ? ? A DG 11 O6 ? ? ? 1_555 B DG  3  N1 ? ? A DG 11 B DG  3   1_555 ? ? ? ? ? ? TYPE_6_PAIR     ?     ? ? 
hydrog27 hydrog ? ? A DG 11 N1 ? ? ? 1_555 B DG  10 O6 ? ? A DG 11 B DG  10  1_555 ? ? ? ? ? ? TYPE_6_PAIR     ?     ? ? 
hydrog28 hydrog ? ? A DG 11 N2 ? ? ? 1_555 B DG  10 N7 ? ? A DG 11 B DG  10  1_555 ? ? ? ? ? ? TYPE_6_PAIR     ?     ? ? 
hydrog29 hydrog ? ? A DG 12 N1 ? ? ? 1_555 B DG  4  O6 ? ? A DG 12 B DG  4   1_555 ? ? ? ? ? ? TYPE_6_PAIR     ?     ? ? 
hydrog30 hydrog ? ? A DG 12 N2 ? ? ? 1_555 B DG  4  N7 ? ? A DG 12 B DG  4   1_555 ? ? ? ? ? ? TYPE_6_PAIR     ?     ? ? 
hydrog31 hydrog ? ? A DG 12 N7 ? ? ? 1_555 B DG  9  N2 ? ? A DG 12 B DG  9   1_555 ? ? ? ? ? ? TYPE_6_PAIR     ?     ? ? 
hydrog32 hydrog ? ? A DG 12 O6 ? ? ? 1_555 B DG  9  N1 ? ? A DG 12 B DG  9   1_555 ? ? ? ? ? ? TYPE_6_PAIR     ?     ? ? 
hydrog33 hydrog ? ? B DT 5  O2 ? ? ? 1_555 B DT  7  N3 ? ? B DT 5  B DT  7   1_555 ? ? ? ? ? ? 'DT-DT MISPAIR' ?     ? ? 
# 
loop_
_struct_conn_type.id 
_struct_conn_type.criteria 
_struct_conn_type.reference 
metalc ? ? 
hydrog ? ? 
# 
loop_
_struct_site.id 
_struct_site.pdbx_evidence_code 
_struct_site.pdbx_auth_asym_id 
_struct_site.pdbx_auth_comp_id 
_struct_site.pdbx_auth_seq_id 
_struct_site.pdbx_auth_ins_code 
_struct_site.pdbx_num_residues 
_struct_site.details 
AC1 Software A K   14 ? 10 'BINDING SITE FOR RESIDUE K A 14'   
AC2 Software A K   15 ? 10 'BINDING SITE FOR RESIDUE K A 15'   
AC3 Software A K   16 ? 9  'BINDING SITE FOR RESIDUE K A 16'   
AC4 Software A SNS 17 ? 12 'BINDING SITE FOR RESIDUE SNS A 17' 
AC5 Software B K   13 ? 9  'BINDING SITE FOR RESIDUE K B 13'   
# 
loop_
_struct_site_gen.id 
_struct_site_gen.site_id 
_struct_site_gen.pdbx_num_res 
_struct_site_gen.label_comp_id 
_struct_site_gen.label_asym_id 
_struct_site_gen.label_seq_id 
_struct_site_gen.pdbx_auth_ins_code 
_struct_site_gen.auth_comp_id 
_struct_site_gen.auth_asym_id 
_struct_site_gen.auth_seq_id 
_struct_site_gen.label_atom_id 
_struct_site_gen.label_alt_id 
_struct_site_gen.symmetry 
_struct_site_gen.details 
1  AC1 10 DG  A 1  ? DG  A 1   . ? 1_555 ? 
2  AC1 10 DG  A 2  ? DG  A 2   . ? 1_555 ? 
3  AC1 10 DG  A 11 ? DG  A 11  . ? 1_555 ? 
4  AC1 10 DG  A 12 ? DG  A 12  . ? 1_555 ? 
5  AC1 10 K   D .  ? K   A 15  . ? 1_555 ? 
6  AC1 10 DG  B 3  ? DG  B 3   . ? 1_555 ? 
7  AC1 10 DG  B 4  ? DG  B 4   . ? 1_555 ? 
8  AC1 10 DG  B 9  ? DG  B 9   . ? 1_555 ? 
9  AC1 10 DG  B 10 ? DG  B 10  . ? 1_555 ? 
10 AC1 10 K   G .  ? K   B 13  . ? 1_555 ? 
11 AC2 10 DG  A 2  ? DG  A 2   . ? 1_555 ? 
12 AC2 10 DG  A 3  ? DG  A 3   . ? 1_555 ? 
13 AC2 10 DG  A 10 ? DG  A 10  . ? 1_555 ? 
14 AC2 10 DG  A 11 ? DG  A 11  . ? 1_555 ? 
15 AC2 10 K   C .  ? K   A 14  . ? 1_555 ? 
16 AC2 10 K   E .  ? K   A 16  . ? 1_555 ? 
17 AC2 10 DG  B 2  ? DG  B 2   . ? 1_555 ? 
18 AC2 10 DG  B 3  ? DG  B 3   . ? 1_555 ? 
19 AC2 10 DG  B 10 ? DG  B 10  . ? 1_555 ? 
20 AC2 10 DG  B 11 ? DG  B 11  . ? 1_555 ? 
21 AC3 9  DG  A 3  ? DG  A 3   . ? 1_555 ? 
22 AC3 9  DG  A 4  ? DG  A 4   . ? 1_555 ? 
23 AC3 9  DG  A 9  ? DG  A 9   . ? 1_555 ? 
24 AC3 9  DG  A 10 ? DG  A 10  . ? 1_555 ? 
25 AC3 9  K   D .  ? K   A 15  . ? 1_555 ? 
26 AC3 9  DG  B 1  ? DG  B 1   . ? 1_555 ? 
27 AC3 9  DG  B 2  ? DG  B 2   . ? 1_555 ? 
28 AC3 9  DG  B 11 ? DG  B 11  . ? 1_555 ? 
29 AC3 9  DG  B 12 ? DG  B 12  . ? 1_555 ? 
30 AC4 12 DT  A 6  ? DT  A 6   . ? 1_555 ? 
31 AC4 12 DT  A 7  ? DT  A 7   . ? 1_555 ? 
32 AC4 12 DG  A 9  ? DG  A 9   . ? 1_555 ? 
33 AC4 12 HOH H .  ? HOH A 54  . ? 1_555 ? 
34 AC4 12 HOH H .  ? HOH A 156 . ? 1_555 ? 
35 AC4 12 HOH H .  ? HOH A 162 . ? 2_665 ? 
36 AC4 12 DG  B 1  ? DG  B 1   . ? 1_555 ? 
37 AC4 12 DT  B 8  ? DT  B 8   . ? 3_556 ? 
38 AC4 12 DG  B 9  ? DG  B 9   . ? 3_556 ? 
39 AC4 12 DG  B 10 ? DG  B 10  . ? 3_556 ? 
40 AC4 12 DG  B 12 ? DG  B 12  . ? 1_555 ? 
41 AC4 12 HOH I .  ? HOH B 21  . ? 3_556 ? 
42 AC5 9  DG  A 1  ? DG  A 1   . ? 1_555 ? 
43 AC5 9  DG  A 12 ? DG  A 12  . ? 1_555 ? 
44 AC5 9  K   C .  ? K   A 14  . ? 1_555 ? 
45 AC5 9  DG  B 4  ? DG  B 4   . ? 1_555 ? 
46 AC5 9  DT  B 5  ? DT  B 5   . ? 1_555 ? 
47 AC5 9  DT  B 7  ? DT  B 7   . ? 1_555 ? 
48 AC5 9  DG  B 9  ? DG  B 9   . ? 1_555 ? 
49 AC5 9  HOH I .  ? HOH B 20  . ? 1_555 ? 
50 AC5 9  HOH I .  ? HOH B 144 . ? 1_555 ? 
# 
_atom_sites.entry_id                    3NZ7 
_atom_sites.fract_transf_matrix[1][1]   -0.00054344 
_atom_sites.fract_transf_matrix[1][2]   -0.01006302 
_atom_sites.fract_transf_matrix[1][3]   -0.01490719 
_atom_sites.fract_transf_matrix[2][1]   -0.00253458 
_atom_sites.fract_transf_matrix[2][2]   0.01933746 
_atom_sites.fract_transf_matrix[2][3]   -0.01296126 
_atom_sites.fract_transf_matrix[3][1]   0.03680937 
_atom_sites.fract_transf_matrix[3][2]   0.00270246 
_atom_sites.fract_transf_matrix[3][3]   -0.00316617 
_atom_sites.fract_transf_vector[1]      0.374706 
_atom_sites.fract_transf_vector[2]      0.261464 
_atom_sites.fract_transf_vector[3]      0.438900 
# 
loop_
_atom_type.symbol 
C 
F 
K 
N 
O 
P 
# 
loop_
_atom_site.group_PDB 
_atom_site.id 
_atom_site.type_symbol 
_atom_site.label_atom_id 
_atom_site.label_alt_id 
_atom_site.label_comp_id 
_atom_site.label_asym_id 
_atom_site.label_entity_id 
_atom_site.label_seq_id 
_atom_site.pdbx_PDB_ins_code 
_atom_site.Cartn_x 
_atom_site.Cartn_y 
_atom_site.Cartn_z 
_atom_site.occupancy 
_atom_site.B_iso_or_equiv 
_atom_site.pdbx_formal_charge 
_atom_site.auth_seq_id 
_atom_site.auth_comp_id 
_atom_site.auth_asym_id 
_atom_site.auth_atom_id 
_atom_site.pdbx_PDB_model_num 
ATOM   1   O "O5'" A DG  A 1 1  ? 7.853   -1.715  9.416   0.42 12.34 ? 1   DG  A "O5'" 1 
ATOM   2   O "O5'" B DG  A 1 1  ? 6.363   -1.900  7.944   0.58 8.61  ? 1   DG  A "O5'" 1 
ATOM   3   C "C5'" . DG  A 1 1  ? 7.768   -1.931  8.109   1.00 9.02  ? 1   DG  A "C5'" 1 
ATOM   4   C "C4'" . DG  A 1 1  ? 8.582   -0.872  7.379   1.00 8.60  ? 1   DG  A "C4'" 1 
ATOM   5   O "O4'" . DG  A 1 1  ? 8.603   -1.307  6.005   1.00 8.99  ? 1   DG  A "O4'" 1 
ATOM   6   C "C3'" . DG  A 1 1  ? 8.037   0.556   7.388   1.00 7.21  ? 1   DG  A "C3'" 1 
ATOM   7   O "O3'" . DG  A 1 1  ? 9.158   1.430   7.364   1.00 7.94  ? 1   DG  A "O3'" 1 
ATOM   8   C "C2'" . DG  A 1 1  ? 7.262   0.612   6.077   1.00 5.95  ? 1   DG  A "C2'" 1 
ATOM   9   C "C1'" . DG  A 1 1  ? 8.108   -0.284  5.182   1.00 7.85  ? 1   DG  A "C1'" 1 
ATOM   10  N N9    . DG  A 1 1  ? 7.378   -0.893  4.072   1.00 6.50  ? 1   DG  A N9    1 
ATOM   11  C C8    . DG  A 1 1  ? 7.732   -0.816  2.754   1.00 6.39  ? 1   DG  A C8    1 
ATOM   12  N N7    . DG  A 1 1  ? 6.914   -1.434  1.955   1.00 5.86  ? 1   DG  A N7    1 
ATOM   13  C C5    . DG  A 1 1  ? 5.945   -1.952  2.800   1.00 5.20  ? 1   DG  A C5    1 
ATOM   14  C C6    . DG  A 1 1  ? 4.810   -2.718  2.544   1.00 5.25  ? 1   DG  A C6    1 
ATOM   15  O O6    . DG  A 1 1  ? 4.447   -3.107  1.452   1.00 5.36  ? 1   DG  A O6    1 
ATOM   16  N N1    . DG  A 1 1  ? 4.076   -3.039  3.680   1.00 5.21  ? 1   DG  A N1    1 
ATOM   17  C C2    . DG  A 1 1  ? 4.431   -2.674  4.940   1.00 5.68  ? 1   DG  A C2    1 
ATOM   18  N N2    . DG  A 1 1  ? 3.637   -3.090  5.948   1.00 6.68  ? 1   DG  A N2    1 
ATOM   19  N N3    . DG  A 1 1  ? 5.508   -1.958  5.214   1.00 6.44  ? 1   DG  A N3    1 
ATOM   20  C C4    . DG  A 1 1  ? 6.219   -1.635  4.107   1.00 5.56  ? 1   DG  A C4    1 
ATOM   21  P P     . DG  A 1 2  ? 8.970   3.032   7.389   1.00 8.10  ? 2   DG  A P     1 
ATOM   22  O OP1   . DG  A 1 2  ? 10.246  3.621   7.848   1.00 9.75  ? 2   DG  A OP1   1 
ATOM   23  O OP2   . DG  A 1 2  ? 7.734   3.360   8.100   1.00 8.85  ? 2   DG  A OP2   1 
ATOM   24  O "O5'" . DG  A 1 2  ? 8.745   3.426   5.850   1.00 7.42  ? 2   DG  A "O5'" 1 
ATOM   25  C "C5'" . DG  A 1 2  ? 9.767   3.132   4.905   1.00 8.53  ? 2   DG  A "C5'" 1 
ATOM   26  C "C4'" . DG  A 1 2  ? 9.257   3.443   3.505   1.00 7.81  ? 2   DG  A "C4'" 1 
ATOM   27  O "O4'" . DG  A 1 2  ? 8.263   2.453   3.136   1.00 6.85  ? 2   DG  A "O4'" 1 
ATOM   28  C "C3'" . DG  A 1 2  ? 8.560   4.798   3.323   1.00 7.76  ? 2   DG  A "C3'" 1 
ATOM   29  O "O3'" . DG  A 1 2  ? 9.028   5.258   2.049   1.00 7.92  ? 2   DG  A "O3'" 1 
ATOM   30  C "C2'" . DG  A 1 2  ? 7.082   4.440   3.266   1.00 6.83  ? 2   DG  A "C2'" 1 
ATOM   31  C "C1'" . DG  A 1 2  ? 7.188   3.134   2.502   1.00 6.16  ? 2   DG  A "C1'" 1 
ATOM   32  N N9    . DG  A 1 2  ? 6.013   2.281   2.530   1.00 5.41  ? 2   DG  A N9    1 
ATOM   33  C C8    . DG  A 1 2  ? 5.225   1.955   3.607   1.00 5.34  ? 2   DG  A C8    1 
ATOM   34  N N7    . DG  A 1 2  ? 4.253   1.155   3.279   1.00 5.61  ? 2   DG  A N7    1 
ATOM   35  C C5    . DG  A 1 2  ? 4.408   0.952   1.907   1.00 4.59  ? 2   DG  A C5    1 
ATOM   36  C C6    . DG  A 1 2  ? 3.688   0.177   1.013   1.00 4.21  ? 2   DG  A C6    1 
ATOM   37  O O6    . DG  A 1 2  ? 2.693   -0.485  1.277   1.00 4.83  ? 2   DG  A O6    1 
ATOM   38  N N1    . DG  A 1 2  ? 4.159   0.242   -0.291  1.00 4.29  ? 2   DG  A N1    1 
ATOM   39  C C2    . DG  A 1 2  ? 5.258   0.968   -0.669  1.00 5.03  ? 2   DG  A C2    1 
ATOM   40  N N2    . DG  A 1 2  ? 5.586   0.948   -1.968  1.00 5.56  ? 2   DG  A N2    1 
ATOM   41  N N3    . DG  A 1 2  ? 5.973   1.688   0.181   1.00 5.05  ? 2   DG  A N3    1 
ATOM   42  C C4    . DG  A 1 2  ? 5.478   1.634   1.434   1.00 4.71  ? 2   DG  A C4    1 
ATOM   43  P P     . DG  A 1 3  ? 8.920   6.799   1.608   1.00 8.19  ? 3   DG  A P     1 
ATOM   44  O OP1   . DG  A 1 3  ? 10.217  7.452   1.861   1.00 10.75 ? 3   DG  A OP1   1 
ATOM   45  O OP2   . DG  A 1 3  ? 7.715   7.376   2.185   1.00 8.93  ? 3   DG  A OP2   1 
ATOM   46  O "O5'" . DG  A 1 3  ? 8.722   6.697   0.036   1.00 8.25  ? 3   DG  A "O5'" 1 
ATOM   47  C "C5'" . DG  A 1 3  ? 7.679   5.880   -0.505  1.00 7.62  ? 3   DG  A "C5'" 1 
ATOM   48  C "C4'" . DG  A 1 3  ? 7.644   6.181   -1.986  1.00 7.07  ? 3   DG  A "C4'" 1 
ATOM   49  O "O4'" . DG  A 1 3  ? 6.868   5.160   -2.663  1.00 6.03  ? 3   DG  A "O4'" 1 
ATOM   50  C "C3'" . DG  A 1 3  ? 7.001   7.515   -2.346  1.00 6.99  ? 3   DG  A "C3'" 1 
ATOM   51  O "O3'" . DG  A 1 3  ? 7.675   7.951   -3.537  1.00 8.82  ? 3   DG  A "O3'" 1 
ATOM   52  C "C2'" . DG  A 1 3  ? 5.553   7.099   -2.575  1.00 6.50  ? 3   DG  A "C2'" 1 
ATOM   53  C "C1'" . DG  A 1 3  ? 5.714   5.737   -3.248  1.00 6.41  ? 3   DG  A "C1'" 1 
ATOM   54  N N9    . DG  A 1 3  ? 4.617   4.798   -3.088  1.00 5.00  ? 3   DG  A N9    1 
ATOM   55  C C8    . DG  A 1 3  ? 4.023   4.127   -4.110  1.00 5.53  ? 3   DG  A C8    1 
ATOM   56  N N7    . DG  A 1 3  ? 3.069   3.334   -3.736  1.00 4.49  ? 3   DG  A N7    1 
ATOM   57  C C5    . DG  A 1 3  ? 3.031   3.495   -2.371  1.00 4.69  ? 3   DG  A C5    1 
ATOM   58  C C6    . DG  A 1 3  ? 2.204   2.913   -1.410  1.00 4.08  ? 3   DG  A C6    1 
ATOM   59  O O6    . DG  A 1 3  ? 1.321   2.101   -1.618  1.00 4.64  ? 3   DG  A O6    1 
ATOM   60  N N1    . DG  A 1 3  ? 2.457   3.337   -0.111  1.00 4.46  ? 3   DG  A N1    1 
ATOM   61  C C2    . DG  A 1 3  ? 3.428   4.254   0.179   1.00 4.70  ? 3   DG  A C2    1 
ATOM   62  N N2    . DG  A 1 3  ? 3.583   4.556   1.474   1.00 5.43  ? 3   DG  A N2    1 
ATOM   63  N N3    . DG  A 1 3  ? 4.234   4.809   -0.713  1.00 4.77  ? 3   DG  A N3    1 
ATOM   64  C C4    . DG  A 1 3  ? 3.961   4.394   -1.956  1.00 4.40  ? 3   DG  A C4    1 
ATOM   65  P P     . DG  A 1 4  ? 7.309   9.345   -4.266  1.00 10.34 ? 4   DG  A P     1 
ATOM   66  O OP1   . DG  A 1 4  ? 8.457   9.737   -5.109  1.00 15.57 ? 4   DG  A OP1   1 
ATOM   67  O OP2   . DG  A 1 4  ? 6.803   10.274  -3.259  1.00 12.46 ? 4   DG  A OP2   1 
ATOM   68  O "O5'" . DG  A 1 4  ? 6.078   8.968   -5.212  1.00 9.25  ? 4   DG  A "O5'" 1 
ATOM   69  C "C5'" . DG  A 1 4  ? 6.341   8.148   -6.319  1.00 9.10  ? 4   DG  A "C5'" 1 
ATOM   70  C "C4'" . DG  A 1 4  ? 5.059   7.842   -7.062  1.00 7.17  ? 4   DG  A "C4'" 1 
ATOM   71  O "O4'" . DG  A 1 4  ? 4.198   7.027   -6.218  1.00 6.71  ? 4   DG  A "O4'" 1 
ATOM   72  C "C3'" . DG  A 1 4  ? 4.255   9.079   -7.474  1.00 6.72  ? 4   DG  A "C3'" 1 
ATOM   73  O "O3'" . DG  A 1 4  ? 4.000   8.915   -8.871  1.00 7.53  ? 4   DG  A "O3'" 1 
ATOM   74  C "C2'" . DG  A 1 4  ? 3.031   8.997   -6.564  1.00 7.54  ? 4   DG  A "C2'" 1 
ATOM   75  C "C1'" . DG  A 1 4  ? 2.861   7.497   -6.359  1.00 6.24  ? 4   DG  A "C1'" 1 
ATOM   76  N N9    . DG  A 1 4  ? 2.189   7.105   -5.132  1.00 5.46  ? 4   DG  A N9    1 
ATOM   77  C C8    . DG  A 1 4  ? 2.431   7.570   -3.863  1.00 5.61  ? 4   DG  A C8    1 
ATOM   78  N N7    . DG  A 1 4  ? 1.710   6.972   -2.964  1.00 4.97  ? 4   DG  A N7    1 
ATOM   79  C C5    . DG  A 1 4  ? 0.955   6.056   -3.679  1.00 4.73  ? 4   DG  A C5    1 
ATOM   80  C C6    . DG  A 1 4  ? -0.005  5.139   -3.266  1.00 4.19  ? 4   DG  A C6    1 
ATOM   81  O O6    . DG  A 1 4  ? -0.376  4.960   -2.108  1.00 4.87  ? 4   DG  A O6    1 
ATOM   82  N N1    . DG  A 1 4  ? -0.564  4.404   -4.299  1.00 4.68  ? 4   DG  A N1    1 
ATOM   83  C C2    . DG  A 1 4  ? -0.218  4.545   -5.607  1.00 5.00  ? 4   DG  A C2    1 
ATOM   84  N N2    . DG  A 1 4  ? -0.861  3.760   -6.465  1.00 5.64  ? 4   DG  A N2    1 
ATOM   85  N N3    . DG  A 1 4  ? 0.704   5.403   -6.025  1.00 5.04  ? 4   DG  A N3    1 
ATOM   86  C C4    . DG  A 1 4  ? 1.238   6.122   -5.007  1.00 4.92  ? 4   DG  A C4    1 
ATOM   87  P P     . DT  A 1 5  ? 3.223   10.049  -9.717  1.00 8.77  ? 5   DT  A P     1 
ATOM   88  O OP1   . DT  A 1 5  ? 3.831   10.110  -11.061 1.00 11.16 ? 5   DT  A OP1   1 
ATOM   89  O OP2   . DT  A 1 5  ? 3.180   11.293  -8.922  1.00 12.27 ? 5   DT  A OP2   1 
ATOM   90  O "O5'" . DT  A 1 5  ? 1.766   9.426   -9.826  1.00 8.32  ? 5   DT  A "O5'" 1 
ATOM   91  C "C5'" . DT  A 1 5  ? 0.870   9.831   -10.821 1.00 8.75  ? 5   DT  A "C5'" 1 
ATOM   92  C "C4'" . DT  A 1 5  ? -0.321  8.898   -10.765 1.00 7.33  ? 5   DT  A "C4'" 1 
ATOM   93  O "O4'" . DT  A 1 5  ? 0.103   7.571   -11.149 1.00 7.35  ? 5   DT  A "O4'" 1 
ATOM   94  C "C3'" . DT  A 1 5  ? -0.998  8.774   -9.399  1.00 8.32  ? 5   DT  A "C3'" 1 
ATOM   95  O "O3'" . DT  A 1 5  ? -2.379  8.632   -9.607  1.00 8.59  ? 5   DT  A "O3'" 1 
ATOM   96  C "C2'" . DT  A 1 5  ? -0.360  7.510   -8.841  1.00 7.64  ? 5   DT  A "C2'" 1 
ATOM   97  C "C1'" . DT  A 1 5  ? -0.246  6.689   -10.100 1.00 8.16  ? 5   DT  A "C1'" 1 
ATOM   98  N N1    . DT  A 1 5  ? 0.763   5.657   -9.976  1.00 9.19  ? 5   DT  A N1    1 
ATOM   99  C C2    . DT  A 1 5  ? 0.373   4.360   -9.691  1.00 8.42  ? 5   DT  A C2    1 
ATOM   100 O O2    . DT  A 1 5  ? -0.788  4.036   -9.559  1.00 9.96  ? 5   DT  A O2    1 
ATOM   101 N N3    . DT  A 1 5  ? 1.392   3.486   -9.591  1.00 9.61  ? 5   DT  A N3    1 
ATOM   102 C C4    . DT  A 1 5  ? 2.734   3.770   -9.700  1.00 7.30  ? 5   DT  A C4    1 
ATOM   103 O O4    . DT  A 1 5  ? 3.569   2.875   -9.611  1.00 11.41 ? 5   DT  A O4    1 
ATOM   104 C C5    . DT  A 1 5  ? 3.074   5.135   -9.988  1.00 9.15  ? 5   DT  A C5    1 
ATOM   105 C C7    . DT  A 1 5  ? 4.494   5.553   -10.122 1.00 11.83 ? 5   DT  A C7    1 
ATOM   106 C C6    . DT  A 1 5  ? 2.079   6.007   -10.113 1.00 8.49  ? 5   DT  A C6    1 
ATOM   107 P P     . DT  A 1 6  ? -3.445  9.013   -8.453  1.00 9.34  ? 6   DT  A P     1 
ATOM   108 O OP1   . DT  A 1 6  ? -4.793  8.909   -9.061  1.00 12.02 ? 6   DT  A OP1   1 
ATOM   109 O OP2   . DT  A 1 6  ? -3.006  10.270  -7.787  1.00 9.72  ? 6   DT  A OP2   1 
ATOM   110 O "O5'" . DT  A 1 6  ? -3.243  7.863   -7.356  1.00 8.91  ? 6   DT  A "O5'" 1 
ATOM   111 C "C5'" . DT  A 1 6  ? -3.780  6.547   -7.470  1.00 9.39  ? 6   DT  A "C5'" 1 
ATOM   112 C "C4'" . DT  A 1 6  ? -4.245  6.071   -6.109  1.00 7.85  ? 6   DT  A "C4'" 1 
ATOM   113 O "O4'" . DT  A 1 6  ? -3.116  5.916   -5.248  1.00 6.78  ? 6   DT  A "O4'" 1 
ATOM   114 C "C3'" . DT  A 1 6  ? -5.155  7.061   -5.389  1.00 8.16  ? 6   DT  A "C3'" 1 
ATOM   115 O "O3'" . DT  A 1 6  ? -6.448  6.742   -5.827  1.00 10.43 ? 6   DT  A "O3'" 1 
ATOM   116 C "C2'" . DT  A 1 6  ? -4.902  6.770   -3.914  1.00 7.44  ? 6   DT  A "C2'" 1 
ATOM   117 C "C1'" . DT  A 1 6  ? -3.451  6.305   -3.937  1.00 6.14  ? 6   DT  A "C1'" 1 
ATOM   118 N N1    . DT  A 1 6  ? -2.488  7.358   -3.527  1.00 5.54  ? 6   DT  A N1    1 
ATOM   119 C C2    . DT  A 1 6  ? -2.308  7.542   -2.193  1.00 6.12  ? 6   DT  A C2    1 
ATOM   120 O O2    . DT  A 1 6  ? -2.932  6.919   -1.364  1.00 6.83  ? 6   DT  A O2    1 
ATOM   121 N N3    . DT  A 1 6  ? -1.400  8.487   -1.851  1.00 5.84  ? 6   DT  A N3    1 
ATOM   122 C C4    . DT  A 1 6  ? -0.670  9.285   -2.687  1.00 6.46  ? 6   DT  A C4    1 
ATOM   123 O O4    . DT  A 1 6  ? 0.110   10.133  -2.247  1.00 7.46  ? 6   DT  A O4    1 
ATOM   124 C C5    . DT  A 1 6  ? -0.902  9.066   -4.085  1.00 6.13  ? 6   DT  A C5    1 
ATOM   125 C C7    . DT  A 1 6  ? -0.155  9.917   -5.079  1.00 8.54  ? 6   DT  A C7    1 
ATOM   126 C C6    . DT  A 1 6  ? -1.795  8.124   -4.451  1.00 5.97  ? 6   DT  A C6    1 
ATOM   127 P P     . DT  A 1 7  ? -7.692  7.677   -5.464  1.00 10.70 ? 7   DT  A P     1 
ATOM   128 O OP1   . DT  A 1 7  ? -8.887  7.094   -6.127  1.00 13.64 ? 7   DT  A OP1   1 
ATOM   129 O OP2   . DT  A 1 7  ? -7.345  9.086   -5.774  1.00 12.58 ? 7   DT  A OP2   1 
ATOM   130 O "O5'" . DT  A 1 7  ? -7.804  7.504   -3.893  1.00 10.22 ? 7   DT  A "O5'" 1 
ATOM   131 C "C5'" . DT  A 1 7  ? -8.585  8.379   -3.178  1.00 11.16 ? 7   DT  A "C5'" 1 
ATOM   132 C "C4'" . DT  A 1 7  ? -8.607  7.955   -1.715  1.00 9.53  ? 7   DT  A "C4'" 1 
ATOM   133 O "O4'" . DT  A 1 7  ? -7.299  8.270   -1.180  1.00 8.78  ? 7   DT  A "O4'" 1 
ATOM   134 C "C3'" . DT  A 1 7  ? -9.604  8.789   -0.940  1.00 9.10  ? 7   DT  A "C3'" 1 
ATOM   135 O "O3'" . DT  A 1 7  ? -10.231 7.955   0.007   1.00 10.05 ? 7   DT  A "O3'" 1 
ATOM   136 C "C2'" . DT  A 1 7  ? -8.722  9.781   -0.183  1.00 10.93 ? 7   DT  A "C2'" 1 
ATOM   137 C "C1'" . DT  A 1 7  ? -7.479  8.939   0.042   1.00 8.38  ? 7   DT  A "C1'" 1 
ATOM   138 N N1    . DT  A 1 7  ? -6.312  9.784   0.324   1.00 7.95  ? 7   DT  A N1    1 
ATOM   139 C C2    . DT  A 1 7  ? -6.165  10.212  1.610   1.00 7.48  ? 7   DT  A C2    1 
ATOM   140 O O2    . DT  A 1 7  ? -6.937  9.906   2.497   1.00 8.42  ? 7   DT  A O2    1 
ATOM   141 N N3    . DT  A 1 7  ? -5.092  11.020  1.845   1.00 7.08  ? 7   DT  A N3    1 
ATOM   142 C C4    . DT  A 1 7  ? -4.174  11.451  0.920   1.00 7.42  ? 7   DT  A C4    1 
ATOM   143 O O4    . DT  A 1 7  ? -3.256  12.185  1.266   1.00 8.38  ? 7   DT  A O4    1 
ATOM   144 C C5    . DT  A 1 7  ? -4.383  10.960  -0.434  1.00 7.72  ? 7   DT  A C5    1 
ATOM   145 C C7    . DT  A 1 7  ? -3.428  11.351  -1.521  1.00 10.21 ? 7   DT  A C7    1 
ATOM   146 C C6    . DT  A 1 7  ? -5.436  10.164  -0.679  1.00 7.22  ? 7   DT  A C6    1 
ATOM   147 P P     . DT  A 1 8  ? -11.744 7.456   -0.205  1.00 13.14 ? 8   DT  A P     1 
ATOM   148 O OP1   . DT  A 1 8  ? -11.768 6.444   -1.272  1.00 18.15 ? 8   DT  A OP1   1 
ATOM   149 O OP2   . DT  A 1 8  ? -12.610 8.645   -0.349  1.00 19.05 ? 8   DT  A OP2   1 
ATOM   150 O "O5'" . DT  A 1 8  ? -12.039 6.709   1.167   1.00 11.82 ? 8   DT  A "O5'" 1 
ATOM   151 C "C5'" . DT  A 1 8  ? -12.072 7.480   2.352   1.00 12.63 ? 8   DT  A "C5'" 1 
ATOM   152 C "C4'" . DT  A 1 8  ? -12.326 6.555   3.524   1.00 9.83  ? 8   DT  A "C4'" 1 
ATOM   153 O "O4'" . DT  A 1 8  ? -13.573 5.837   3.290   1.00 9.55  ? 8   DT  A "O4'" 1 
ATOM   154 C "C3'" . DT  A 1 8  ? -11.266 5.480   3.750   1.00 10.42 ? 8   DT  A "C3'" 1 
ATOM   155 O "O3'" . DT  A 1 8  ? -11.139 5.245   5.134   1.00 9.71  ? 8   DT  A "O3'" 1 
ATOM   156 C "C2'" . DT  A 1 8  ? -11.867 4.248   3.068   1.00 9.68  ? 8   DT  A "C2'" 1 
ATOM   157 C "C1'" . DT  A 1 8  ? -13.346 4.437   3.341   1.00 8.64  ? 8   DT  A "C1'" 1 
ATOM   158 N N1    . DT  A 1 8  ? -14.238 3.827   2.351   1.00 8.46  ? 8   DT  A N1    1 
ATOM   159 C C2    . DT  A 1 8  ? -15.006 2.754   2.723   1.00 9.00  ? 8   DT  A C2    1 
ATOM   160 O O2    . DT  A 1 8  ? -14.969 2.262   3.819   1.00 10.08 ? 8   DT  A O2    1 
ATOM   161 N N3    . DT  A 1 8  ? -15.825 2.258   1.748   1.00 8.71  ? 8   DT  A N3    1 
ATOM   162 C C4    . DT  A 1 8  ? -15.918 2.699   0.447   1.00 8.46  ? 8   DT  A C4    1 
ATOM   163 O O4    . DT  A 1 8  ? -16.681 2.196   -0.365  1.00 9.40  ? 8   DT  A O4    1 
ATOM   164 C C5    . DT  A 1 8  ? -15.073 3.817   0.109   1.00 9.01  ? 8   DT  A C5    1 
ATOM   165 C C7    . DT  A 1 8  ? -15.102 4.375   -1.288  1.00 12.24 ? 8   DT  A C7    1 
ATOM   166 C C6    . DT  A 1 8  ? -14.285 4.320   1.062   1.00 8.97  ? 8   DT  A C6    1 
ATOM   167 P P     . DG  A 1 9  ? -9.939  5.904   5.961   1.00 11.97 ? 9   DG  A P     1 
ATOM   168 O OP1   . DG  A 1 9  ? -10.225 5.674   7.394   1.00 14.93 ? 9   DG  A OP1   1 
ATOM   169 O OP2   . DG  A 1 9  ? -9.737  7.291   5.486   1.00 14.98 ? 9   DG  A OP2   1 
ATOM   170 O "O5'" . DG  A 1 9  ? -8.643  5.088   5.483   1.00 9.96  ? 9   DG  A "O5'" 1 
ATOM   171 C "C5'" . DG  A 1 9  ? -8.320  3.856   6.069   1.00 9.29  ? 9   DG  A "C5'" 1 
ATOM   172 C "C4'" . DG  A 1 9  ? -9.176  2.702   5.592   1.00 9.70  ? 9   DG  A "C4'" 1 
ATOM   173 O "O4'" . DG  A 1 9  ? -9.075  2.619   4.153   1.00 7.16  ? 9   DG  A "O4'" 1 
ATOM   174 C "C3'" . DG  A 1 9  ? -8.766  1.337   6.123   1.00 9.13  ? 9   DG  A "C3'" 1 
ATOM   175 O "O3'" . DG  A 1 9  ? -9.943  0.520   6.164   1.00 10.41 ? 9   DG  A "O3'" 1 
ATOM   176 C "C2'" . DG  A 1 9  ? -7.767  0.870   5.073   1.00 8.18  ? 9   DG  A "C2'" 1 
ATOM   177 C "C1'" . DG  A 1 9  ? -8.456  1.384   3.819   1.00 7.36  ? 9   DG  A "C1'" 1 
ATOM   178 N N9    . DG  A 1 9  ? -7.538  1.600   2.697   1.00 5.90  ? 9   DG  A N9    1 
ATOM   179 C C8    . DG  A 1 9  ? -7.760  1.134   1.443   1.00 6.13  ? 9   DG  A C8    1 
ATOM   180 N N7    . DG  A 1 9  ? -6.811  1.436   0.602   1.00 5.83  ? 9   DG  A N7    1 
ATOM   181 C C5    . DG  A 1 9  ? -5.912  2.185   1.355   1.00 5.14  ? 9   DG  A C5    1 
ATOM   182 C C6    . DG  A 1 9  ? -4.693  2.794   1.007   1.00 5.07  ? 9   DG  A C6    1 
ATOM   183 O O6    . DG  A 1 9  ? -4.176  2.816   -0.096  1.00 5.25  ? 9   DG  A O6    1 
ATOM   184 N N1    . DG  A 1 9  ? -4.098  3.461   2.064   1.00 5.12  ? 9   DG  A N1    1 
ATOM   185 C C2    . DG  A 1 9  ? -4.625  3.518   3.338   1.00 5.90  ? 9   DG  A C2    1 
ATOM   186 N N2    . DG  A 1 9  ? -3.919  4.190   4.258   1.00 6.31  ? 9   DG  A N2    1 
ATOM   187 N N3    . DG  A 1 9  ? -5.760  2.926   3.687   1.00 6.07  ? 9   DG  A N3    1 
ATOM   188 C C4    . DG  A 1 9  ? -6.350  2.298   2.653   1.00 5.50  ? 9   DG  A C4    1 
ATOM   189 P P     . DG  A 1 10 ? -9.878  -1.037  6.599   1.00 10.71 ? 10  DG  A P     1 
ATOM   190 O OP1   . DG  A 1 10 ? -11.237 -1.449  6.965   1.00 14.00 ? 10  DG  A OP1   1 
ATOM   191 O OP2   . DG  A 1 10 ? -8.756  -1.219  7.528   1.00 12.23 ? 10  DG  A OP2   1 
ATOM   192 O "O5'" . DG  A 1 10 ? -9.385  -1.815  5.285   1.00 15.54 ? 10  DG  A "O5'" 1 
ATOM   193 C "C5'" . DG  A 1 10 ? -10.191 -2.124  4.212   1.00 17.83 ? 10  DG  A "C5'" 1 
ATOM   194 C "C4'" . DG  A 1 10 ? -9.369  -2.740  3.089   1.00 9.52  ? 10  DG  A "C4'" 1 
ATOM   195 O "O4'" . DG  A 1 10 ? -8.313  -1.815  2.718   1.00 8.06  ? 10  DG  A "O4'" 1 
ATOM   196 C "C3'" . DG  A 1 10 ? -8.749  -4.147  3.080   1.00 15.77 ? 10  DG  A "C3'" 1 
ATOM   197 O "O3'" . DG  A 1 10 ? -9.226  -4.469  1.734   0.92 18.46 ? 10  DG  A "O3'" 1 
ATOM   198 C "C2'" . DG  A 1 10 ? -7.256  -3.786  3.199   1.00 13.18 ? 10  DG  A "C2'" 1 
ATOM   199 C "C1'" . DG  A 1 10 ? -7.250  -2.595  2.235   1.00 8.01  ? 10  DG  A "C1'" 1 
ATOM   200 N N9    . DG  A 1 10 ? -6.044  -1.788  2.195   1.00 5.67  ? 10  DG  A N9    1 
ATOM   201 C C8    . DG  A 1 10 ? -5.424  -1.172  3.243   1.00 5.58  ? 10  DG  A C8    1 
ATOM   202 N N7    . DG  A 1 10 ? -4.342  -0.545  2.888   1.00 5.24  ? 10  DG  A N7    1 
ATOM   203 C C5    . DG  A 1 10 ? -4.248  -0.770  1.519   1.00 4.78  ? 10  DG  A C5    1 
ATOM   204 C C6    . DG  A 1 10 ? -3.308  -0.339  0.575   1.00 4.72  ? 10  DG  A C6    1 
ATOM   205 O O6    . DG  A 1 10 ? -2.324  0.339   0.806   1.00 4.70  ? 10  DG  A O6    1 
ATOM   206 N N1    . DG  A 1 10 ? -3.557  -0.786  -0.715  1.00 4.69  ? 10  DG  A N1    1 
ATOM   207 C C2    . DG  A 1 10 ? -4.639  -1.566  -1.054  1.00 5.55  ? 10  DG  A C2    1 
ATOM   208 N N2    . DG  A 1 10 ? -4.747  -1.896  -2.347  1.00 6.29  ? 10  DG  A N2    1 
ATOM   209 N N3    . DG  A 1 10 ? -5.558  -1.962  -0.183  1.00 5.65  ? 10  DG  A N3    1 
ATOM   210 C C4    . DG  A 1 10 ? -5.291  -1.533  1.079   1.00 5.44  ? 10  DG  A C4    1 
ATOM   211 P P     . DG  A 1 11 ? -9.394  -5.986  1.170   0.78 20.93 ? 11  DG  A P     1 
ATOM   212 O OP1   . DG  A 1 11 ? -10.066 -5.914  -0.165  0.54 13.96 ? 11  DG  A OP1   1 
ATOM   213 O OP2   . DG  A 1 11 ? -9.914  -6.874  2.262   0.96 17.70 ? 11  DG  A OP2   1 
ATOM   214 O "O5'" . DG  A 1 11 ? -7.926  -6.516  0.970   0.87 11.39 ? 11  DG  A "O5'" 1 
ATOM   215 C "C5'" . DG  A 1 11 ? -7.011  -5.856  0.137   0.97 11.30 ? 11  DG  A "C5'" 1 
ATOM   216 C "C4'" . DG  A 1 11 ? -6.940  -6.620  -1.153  1.00 9.95  ? 11  DG  A "C4'" 1 
ATOM   217 O "O4'" . DG  A 1 11 ? -6.034  -5.901  -2.004  1.00 9.20  ? 11  DG  A "O4'" 1 
ATOM   218 C "C3'" . DG  A 1 11 ? -6.359  -8.017  -0.976  1.00 10.36 ? 11  DG  A "C3'" 1 
ATOM   219 O "O3'" . DG  A 1 11 ? -6.955  -8.849  -1.966  1.00 11.38 ? 11  DG  A "O3'" 1 
ATOM   220 C "C2'" . DG  A 1 11 ? -4.862  -7.790  -1.196  1.00 7.62  ? 11  DG  A "C2'" 1 
ATOM   221 C "C1'" . DG  A 1 11 ? -4.859  -6.686  -2.241  1.00 7.21  ? 11  DG  A "C1'" 1 
ATOM   222 N N9    . DG  A 1 11 ? -3.699  -5.799  -2.214  1.00 5.85  ? 11  DG  A N9    1 
ATOM   223 C C8    . DG  A 1 11 ? -2.923  -5.476  -3.299  1.00 6.20  ? 11  DG  A C8    1 
ATOM   224 N N7    . DG  A 1 11 ? -1.994  -4.619  -3.026  1.00 5.65  ? 11  DG  A N7    1 
ATOM   225 C C5    . DG  A 1 11 ? -2.155  -4.382  -1.663  1.00 4.91  ? 11  DG  A C5    1 
ATOM   226 C C6    . DG  A 1 11 ? -1.454  -3.551  -0.785  1.00 4.54  ? 11  DG  A C6    1 
ATOM   227 O O6    . DG  A 1 11 ? -0.505  -2.832  -1.076  1.00 4.91  ? 11  DG  A O6    1 
ATOM   228 N N1    . DG  A 1 11 ? -1.929  -3.554  0.525   1.00 4.77  ? 11  DG  A N1    1 
ATOM   229 C C2    . DG  A 1 11 ? -2.997  -4.318  0.931   1.00 5.59  ? 11  DG  A C2    1 
ATOM   230 N N2    . DG  A 1 11 ? -3.329  -4.242  2.233   1.00 6.13  ? 11  DG  A N2    1 
ATOM   231 N N3    . DG  A 1 11 ? -3.673  -5.107  0.114   1.00 6.10  ? 11  DG  A N3    1 
ATOM   232 C C4    . DG  A 1 11 ? -3.208  -5.083  -1.151  1.00 4.76  ? 11  DG  A C4    1 
ATOM   233 P P     . DG  A 1 12 ? -6.637  -10.433 -2.017  1.00 14.27 ? 12  DG  A P     1 
ATOM   234 O OP1   . DG  A 1 12 ? -7.728  -11.080 -2.760  1.00 19.85 ? 12  DG  A OP1   1 
ATOM   235 O OP2   . DG  A 1 12 ? -6.306  -10.914 -0.632  1.00 15.07 ? 12  DG  A OP2   1 
ATOM   236 O "O5'" . DG  A 1 12 ? -5.311  -10.506 -2.875  1.00 11.52 ? 12  DG  A "O5'" 1 
ATOM   237 C "C5'" . DG  A 1 12 ? -5.282  -10.043 -4.207  1.00 10.26 ? 12  DG  A "C5'" 1 
ATOM   238 C "C4'" . DG  A 1 12 ? -3.839  -10.125 -4.684  1.00 8.11  ? 12  DG  A "C4'" 1 
ATOM   239 O "O4'" . DG  A 1 12 ? -3.042  -9.105  -4.019  1.00 8.10  ? 12  DG  A "O4'" 1 
ATOM   240 C "C3'" . DG  A 1 12 ? -3.126  -11.440 -4.382  1.00 10.59 ? 12  DG  A "C3'" 1 
ATOM   241 O "O3'" . DG  A 1 12 ? -2.484  -11.876 -5.566  1.00 12.62 ? 12  DG  A "O3'" 1 
ATOM   242 C "C2'" . DG  A 1 12 ? -2.125  -11.098 -3.274  1.00 10.11 ? 12  DG  A "C2'" 1 
ATOM   243 C "C1'" . DG  A 1 12 ? -1.786  -9.661  -3.651  1.00 8.67  ? 12  DG  A "C1'" 1 
ATOM   244 N N9    . DG  A 1 12 ? -1.257  -8.833  -2.577  1.00 6.90  ? 12  DG  A N9    1 
ATOM   245 C C8    . DG  A 1 12 ? -1.721  -8.772  -1.284  1.00 7.25  ? 12  DG  A C8    1 
ATOM   246 N N7    . DG  A 1 12 ? -1.059  -7.892  -0.561  1.00 6.84  ? 12  DG  A N7    1 
ATOM   247 C C5    . DG  A 1 12 ? -0.137  -7.344  -1.435  1.00 6.33  ? 12  DG  A C5    1 
ATOM   248 C C6    . DG  A 1 12 ? 0.839   -6.372  -1.237  1.00 5.40  ? 12  DG  A C6    1 
ATOM   249 O O6    . DG  A 1 12 ? 1.046   -5.772  -0.182  1.00 5.91  ? 12  DG  A O6    1 
ATOM   250 N N1    . DG  A 1 12 ? 1.598   -6.135  -2.384  1.00 5.99  ? 12  DG  A N1    1 
ATOM   251 C C2    . DG  A 1 12 ? 1.422   -6.760  -3.591  1.00 6.05  ? 12  DG  A C2    1 
ATOM   252 N N2    . DG  A 1 12 ? 2.256   -6.389  -4.579  1.00 6.80  ? 12  DG  A N2    1 
ATOM   253 N N3    . DG  A 1 12 ? 0.476   -7.675  -3.787  1.00 6.66  ? 12  DG  A N3    1 
ATOM   254 C C4    . DG  A 1 12 ? -0.240  -7.911  -2.669  1.00 5.75  ? 12  DG  A C4    1 
ATOM   255 O "O5'" . DG  B 1 1  ? -8.333  -0.710  -5.063  1.00 15.96 ? 1   DG  B "O5'" 1 
ATOM   256 C "C5'" . DG  B 1 1  ? -9.102  -0.411  -6.279  1.00 13.00 ? 1   DG  B "C5'" 1 
ATOM   257 C "C4'" . DG  B 1 1  ? -8.194  -0.408  -7.507  1.00 9.92  ? 1   DG  B "C4'" 1 
ATOM   258 O "O4'" . DG  B 1 1  ? -7.269  0.708   -7.404  1.00 8.29  ? 1   DG  B "O4'" 1 
ATOM   259 C "C3'" . DG  B 1 1  ? -7.350  -1.667  -7.642  1.00 10.22 ? 1   DG  B "C3'" 1 
ATOM   260 O "O3'" . DG  B 1 1  ? -7.214  -1.951  -9.027  1.00 8.65  ? 1   DG  B "O3'" 1 
ATOM   261 C "C2'" . DG  B 1 1  ? -6.028  -1.228  -7.032  1.00 8.17  ? 1   DG  B "C2'" 1 
ATOM   262 C "C1'" . DG  B 1 1  ? -5.962  0.237   -7.460  1.00 7.37  ? 1   DG  B "C1'" 1 
ATOM   263 N N9    . DG  B 1 1  ? -5.062  1.024   -6.630  1.00 6.01  ? 1   DG  B N9    1 
ATOM   264 C C8    . DG  B 1 1  ? -3.916  1.613   -7.060  1.00 6.25  ? 1   DG  B C8    1 
ATOM   265 N N7    . DG  B 1 1  ? -3.249  2.213   -6.098  1.00 5.45  ? 1   DG  B N7    1 
ATOM   266 C C5    . DG  B 1 1  ? -4.014  1.985   -4.970  1.00 5.55  ? 1   DG  B C5    1 
ATOM   267 C C6    . DG  B 1 1  ? -3.800  2.358   -3.635  1.00 5.20  ? 1   DG  B C6    1 
ATOM   268 O O6    . DG  B 1 1  ? -2.861  3.012   -3.197  1.00 4.86  ? 1   DG  B O6    1 
ATOM   269 N N1    . DG  B 1 1  ? -4.804  1.897   -2.789  1.00 5.26  ? 1   DG  B N1    1 
ATOM   270 C C2    . DG  B 1 1  ? -5.892  1.188   -3.198  1.00 5.94  ? 1   DG  B C2    1 
ATOM   271 N N2    . DG  B 1 1  ? -6.775  0.875   -2.243  1.00 7.48  ? 1   DG  B N2    1 
ATOM   272 N N3    . DG  B 1 1  ? -6.106  0.830   -4.447  1.00 6.99  ? 1   DG  B N3    1 
ATOM   273 C C4    . DG  B 1 1  ? -5.125  1.248   -5.274  1.00 5.79  ? 1   DG  B C4    1 
ATOM   274 P P     . DG  B 1 2  ? -6.494  -3.303  -9.531  1.00 8.84  ? 2   DG  B P     1 
ATOM   275 O OP1   . DG  B 1 2  ? -6.865  -3.498  -10.950 1.00 10.18 ? 2   DG  B OP1   1 
ATOM   276 O OP2   . DG  B 1 2  ? -6.721  -4.349  -8.532  1.00 11.36 ? 2   DG  B OP2   1 
ATOM   277 O "O5'" . DG  B 1 2  ? -4.937  -2.980  -9.430  1.00 8.13  ? 2   DG  B "O5'" 1 
ATOM   278 C "C5'" . DG  B 1 2  ? -4.374  -1.996  -10.267 1.00 7.26  ? 2   DG  B "C5'" 1 
ATOM   279 C "C4'" . DG  B 1 2  ? -2.932  -1.762  -9.873  1.00 5.76  ? 2   DG  B "C4'" 1 
ATOM   280 O "O4'" . DG  B 1 2  ? -2.894  -1.111  -8.581  1.00 5.68  ? 2   DG  B "O4'" 1 
ATOM   281 C "C3'" . DG  B 1 2  ? -2.077  -3.031  -9.761  1.00 5.94  ? 2   DG  B "C3'" 1 
ATOM   282 O "O3'" . DG  B 1 2  ? -0.853  -2.730  -10.432 1.00 5.37  ? 2   DG  B "O3'" 1 
ATOM   283 C "C2'" . DG  B 1 2  ? -1.879  -3.140  -8.242  1.00 5.88  ? 2   DG  B "C2'" 1 
ATOM   284 C "C1'" . DG  B 1 2  ? -1.808  -1.666  -7.873  1.00 6.04  ? 2   DG  B "C1'" 1 
ATOM   285 N N9    . DG  B 1 2  ? -1.959  -1.366  -6.466  1.00 5.44  ? 2   DG  B N9    1 
ATOM   286 C C8    . DG  B 1 2  ? -2.933  -1.839  -5.611  1.00 5.65  ? 2   DG  B C8    1 
ATOM   287 N N7    . DG  B 1 2  ? -2.811  -1.379  -4.407  1.00 5.09  ? 2   DG  B N7    1 
ATOM   288 C C5    . DG  B 1 2  ? -1.685  -0.564  -4.466  1.00 4.46  ? 2   DG  B C5    1 
ATOM   289 C C6    . DG  B 1 2  ? -1.051  0.184   -3.466  1.00 3.91  ? 2   DG  B C6    1 
ATOM   290 O O6    . DG  B 1 2  ? -1.396  0.287   -2.304  1.00 4.13  ? 2   DG  B O6    1 
ATOM   291 N N1    . DG  B 1 2  ? 0.070   0.853   -3.923  1.00 4.54  ? 2   DG  B N1    1 
ATOM   292 C C2    . DG  B 1 2  ? 0.528   0.792   -5.215  1.00 4.05  ? 2   DG  B C2    1 
ATOM   293 N N2    . DG  B 1 2  ? 1.630   1.495   -5.479  1.00 4.78  ? 2   DG  B N2    1 
ATOM   294 N N3    . DG  B 1 2  ? -0.062  0.102   -6.170  1.00 4.67  ? 2   DG  B N3    1 
ATOM   295 C C4    . DG  B 1 2  ? -1.151  -0.553  -5.716  1.00 4.54  ? 2   DG  B C4    1 
ATOM   296 P P     . DG  B 1 3  ? 0.216   -3.876  -10.825 1.00 5.46  ? 3   DG  B P     1 
ATOM   297 O OP1   . DG  B 1 3  ? 0.147   -4.090  -12.286 1.00 7.02  ? 3   DG  B OP1   1 
ATOM   298 O OP2   . DG  B 1 3  ? 0.038   -5.039  -9.929  1.00 7.16  ? 3   DG  B OP2   1 
ATOM   299 O "O5'" . DG  B 1 3  ? 1.595   -3.149  -10.554 1.00 5.95  ? 3   DG  B "O5'" 1 
ATOM   300 C "C5'" . DG  B 1 3  ? 1.896   -2.586  -9.279  1.00 5.95  ? 3   DG  B "C5'" 1 
ATOM   301 C "C4'" . DG  B 1 3  ? 3.374   -2.266  -9.293  1.00 5.25  ? 3   DG  B "C4'" 1 
ATOM   302 O "O4'" . DG  B 1 3  ? 3.685   -1.491  -8.115  1.00 5.43  ? 3   DG  B "O4'" 1 
ATOM   303 C "C3'" . DG  B 1 3  ? 4.266   -3.511  -9.226  1.00 5.88  ? 3   DG  B "C3'" 1 
ATOM   304 O "O3'" . DG  B 1 3  ? 5.437   -3.207  -9.958  1.00 6.19  ? 3   DG  B "O3'" 1 
ATOM   305 C "C2'" . DG  B 1 3  ? 4.529   -3.662  -7.731  1.00 5.87  ? 3   DG  B "C2'" 1 
ATOM   306 C "C1'" . DG  B 1 3  ? 4.612   -2.205  -7.300  1.00 5.79  ? 3   DG  B "C1'" 1 
ATOM   307 N N9    . DG  B 1 3  ? 4.257   -1.892  -5.924  1.00 5.14  ? 3   DG  B N9    1 
ATOM   308 C C8    . DG  B 1 3  ? 5.016   -1.120  -5.104  1.00 5.16  ? 3   DG  B C8    1 
ATOM   309 N N7    . DG  B 1 3  ? 4.496   -0.926  -3.929  1.00 4.69  ? 3   DG  B N7    1 
ATOM   310 C C5    . DG  B 1 3  ? 3.301   -1.608  -3.995  1.00 4.04  ? 3   DG  B C5    1 
ATOM   311 C C6    . DG  B 1 3  ? 2.296   -1.766  -3.037  1.00 5.15  ? 3   DG  B C6    1 
ATOM   312 O O6    . DG  B 1 3  ? 2.263   -1.308  -1.898  1.00 4.50  ? 3   DG  B O6    1 
ATOM   313 N N1    . DG  B 1 3  ? 1.227   -2.532  -3.498  1.00 4.67  ? 3   DG  B N1    1 
ATOM   314 C C2    . DG  B 1 3  ? 1.162   -3.093  -4.741  1.00 5.01  ? 3   DG  B C2    1 
ATOM   315 N N2    . DG  B 1 3  ? 0.068   -3.816  -5.028  1.00 5.62  ? 3   DG  B N2    1 
ATOM   316 N N3    . DG  B 1 3  ? 2.098   -2.966  -5.657  1.00 4.51  ? 3   DG  B N3    1 
ATOM   317 C C4    . DG  B 1 3  ? 3.128   -2.217  -5.212  1.00 4.90  ? 3   DG  B C4    1 
ATOM   318 P P     . DG  B 1 4  ? 6.546   -4.328  -10.293 1.00 6.47  ? 4   DG  B P     1 
ATOM   319 O OP1   . DG  B 1 4  ? 7.288   -3.858  -11.474 1.00 7.55  ? 4   DG  B OP1   1 
ATOM   320 O OP2   . DG  B 1 4  ? 5.905   -5.657  -10.283 1.00 6.98  ? 4   DG  B OP2   1 
ATOM   321 O "O5'" . DG  B 1 4  ? 7.520   -4.290  -9.029  1.00 6.58  ? 4   DG  B "O5'" 1 
ATOM   322 C "C5'" . DG  B 1 4  ? 8.305   -3.140  -8.762  1.00 7.18  ? 4   DG  B "C5'" 1 
ATOM   323 C "C4'" . DG  B 1 4  ? 8.924   -3.287  -7.384  1.00 7.40  ? 4   DG  B "C4'" 1 
ATOM   324 O "O4'" . DG  B 1 4  ? 7.869   -3.134  -6.401  1.00 6.06  ? 4   DG  B "O4'" 1 
ATOM   325 C "C3'" . DG  B 1 4  ? 9.626   -4.623  -7.078  1.00 7.44  ? 4   DG  B "C3'" 1 
ATOM   326 O "O3'" . DG  B 1 4  ? 10.843  -4.206  -6.412  1.00 9.02  ? 4   DG  B "O3'" 1 
ATOM   327 C "C2'" . DG  B 1 4  ? 8.621   -5.322  -6.169  1.00 6.62  ? 4   DG  B "C2'" 1 
ATOM   328 C "C1'" . DG  B 1 4  ? 8.076   -4.113  -5.426  1.00 5.95  ? 4   DG  B "C1'" 1 
ATOM   329 N N9    . DG  B 1 4  ? 6.846   -4.368  -4.710  1.00 5.49  ? 4   DG  B N9    1 
ATOM   330 C C8    . DG  B 1 4  ? 5.814   -5.212  -5.049  1.00 5.92  ? 4   DG  B C8    1 
ATOM   331 N N7    . DG  B 1 4  ? 4.873   -5.211  -4.145  1.00 5.34  ? 4   DG  B N7    1 
ATOM   332 C C5    . DG  B 1 4  ? 5.327   -4.333  -3.166  1.00 4.70  ? 4   DG  B C5    1 
ATOM   333 C C6    . DG  B 1 4  ? 4.776   -3.939  -1.962  1.00 5.30  ? 4   DG  B C6    1 
ATOM   334 O O6    . DG  B 1 4  ? 3.704   -4.310  -1.509  1.00 5.41  ? 4   DG  B O6    1 
ATOM   335 N N1    . DG  B 1 4  ? 5.572   -3.063  -1.248  1.00 5.34  ? 4   DG  B N1    1 
ATOM   336 C C2    . DG  B 1 4  ? 6.767   -2.583  -1.666  1.00 5.28  ? 4   DG  B C2    1 
ATOM   337 N N2    . DG  B 1 4  ? 7.373   -1.710  -0.854  1.00 6.49  ? 4   DG  B N2    1 
ATOM   338 N N3    . DG  B 1 4  ? 7.300   -2.918  -2.829  1.00 5.25  ? 4   DG  B N3    1 
ATOM   339 C C4    . DG  B 1 4  ? 6.527   -3.803  -3.501  1.00 4.84  ? 4   DG  B C4    1 
ATOM   340 P P     . DT  B 1 5  ? 11.930  -5.269  -5.894  1.00 10.04 ? 5   DT  B P     1 
ATOM   341 O OP1   . DT  B 1 5  ? 13.211  -4.546  -5.721  1.00 14.79 ? 5   DT  B OP1   1 
ATOM   342 O OP2   . DT  B 1 5  ? 11.820  -6.479  -6.699  1.00 14.91 ? 5   DT  B OP2   1 
ATOM   343 O "O5'" . DT  B 1 5  ? 11.358  -5.758  -4.484  1.00 7.99  ? 5   DT  B "O5'" 1 
ATOM   344 C "C5'" . DT  B 1 5  ? 11.273  -4.830  -3.428  1.00 7.44  ? 5   DT  B "C5'" 1 
ATOM   345 C "C4'" . DT  B 1 5  ? 10.441  -5.407  -2.306  1.00 5.97  ? 5   DT  B "C4'" 1 
ATOM   346 O "O4'" . DT  B 1 5  ? 9.110   -5.655  -2.799  1.00 5.85  ? 5   DT  B "O4'" 1 
ATOM   347 C "C3'" . DT  B 1 5  ? 10.898  -6.760  -1.756  1.00 6.22  ? 5   DT  B "C3'" 1 
ATOM   348 O "O3'" . DT  B 1 5  ? 11.853  -6.489  -0.753  1.00 6.38  ? 5   DT  B "O3'" 1 
ATOM   349 C "C2'" . DT  B 1 5  ? 9.581   -7.327  -1.209  1.00 7.24  ? 5   DT  B "C2'" 1 
ATOM   350 C "C1'" . DT  B 1 5  ? 8.506   -6.367  -1.754  1.00 6.69  ? 5   DT  B "C1'" 1 
ATOM   351 N N1    . DT  B 1 5  ? 7.352   -7.113  -2.279  1.00 5.30  ? 5   DT  B N1    1 
ATOM   352 C C2    . DT  B 1 5  ? 6.188   -7.143  -1.560  1.00 5.58  ? 5   DT  B C2    1 
ATOM   353 O O2    . DT  B 1 5  ? 6.052   -6.545  -0.520  1.00 5.51  ? 5   DT  B O2    1 
ATOM   354 N N3    . DT  B 1 5  ? 5.185   -7.916  -2.072  1.00 5.22  ? 5   DT  B N3    1 
ATOM   355 C C4    . DT  B 1 5  ? 5.243   -8.620  -3.241  1.00 6.05  ? 5   DT  B C4    1 
ATOM   356 O O4    . DT  B 1 5  ? 4.269   -9.267  -3.615  1.00 7.82  ? 5   DT  B O4    1 
ATOM   357 C C5    . DT  B 1 5  ? 6.480   -8.568  -3.959  1.00 6.50  ? 5   DT  B C5    1 
ATOM   358 C C7    . DT  B 1 5  ? 6.591   -9.346  -5.239  1.00 8.19  ? 5   DT  B C7    1 
ATOM   359 C C6    . DT  B 1 5  ? 7.479   -7.827  -3.452  1.00 5.80  ? 5   DT  B C6    1 
ATOM   360 P P     . DT  B 1 6  ? 12.545  -7.675  0.096   1.00 5.85  ? 6   DT  B P     1 
ATOM   361 O OP1   . DT  B 1 6  ? 13.778  -7.121  0.685   1.00 7.87  ? 6   DT  B OP1   1 
ATOM   362 O OP2   . DT  B 1 6  ? 12.616  -8.893  -0.728  1.00 7.23  ? 6   DT  B OP2   1 
ATOM   363 O "O5'" . DT  B 1 6  ? 11.498  -7.984  1.266   1.00 5.47  ? 6   DT  B "O5'" 1 
ATOM   364 C "C5'" . DT  B 1 6  ? 11.118  -6.951  2.159   1.00 6.43  ? 6   DT  B "C5'" 1 
ATOM   365 C "C4'" . DT  B 1 6  ? 10.058  -7.474  3.117   1.00 6.57  ? 6   DT  B "C4'" 1 
ATOM   366 O "O4'" . DT  B 1 6  ? 8.903   -7.849  2.339   1.00 5.43  ? 6   DT  B "O4'" 1 
ATOM   367 C "C3'" . DT  B 1 6  ? 10.479  -8.707  3.926   1.00 6.41  ? 6   DT  B "C3'" 1 
ATOM   368 O "O3'" . DT  B 1 6  ? 9.886   -8.713  5.251   1.00 7.60  ? 6   DT  B "O3'" 1 
ATOM   369 C "C2'" . DT  B 1 6  ? 9.834   -9.846  3.146   1.00 6.87  ? 6   DT  B "C2'" 1 
ATOM   370 C "C1'" . DT  B 1 6  ? 8.539   -9.172  2.692   1.00 5.87  ? 6   DT  B "C1'" 1 
ATOM   371 N N1    . DT  B 1 6  ? 7.872   -9.782  1.529   1.00 5.37  ? 6   DT  B N1    1 
ATOM   372 C C2    . DT  B 1 6  ? 6.504   -9.876  1.563   1.00 7.85  ? 6   DT  B C2    1 
ATOM   373 O O2    . DT  B 1 6  ? 5.839   -9.500  2.496   1.00 10.12 ? 6   DT  B O2    1 
ATOM   374 N N3    . DT  B 1 6  ? 5.937   -10.424 0.452   1.00 9.28  ? 6   DT  B N3    1 
ATOM   375 C C4    . DT  B 1 6  ? 6.575   -10.897 -0.656  1.00 8.75  ? 6   DT  B C4    1 
ATOM   376 O O4    . DT  B 1 6  ? 5.932   -11.369 -1.591  1.00 16.17 ? 6   DT  B O4    1 
ATOM   377 C C5    . DT  B 1 6  ? 8.006   -10.774 -0.650  1.00 7.81  ? 6   DT  B C5    1 
ATOM   378 C C7    . DT  B 1 6  ? 8.774   -11.244 -1.854  1.00 13.07 ? 6   DT  B C7    1 
ATOM   379 C C6    . DT  B 1 6  ? 8.596   -10.213 0.422   1.00 6.86  ? 6   DT  B C6    1 
ATOM   380 P P     . DT  B 1 7  ? 10.251  -7.599  6.355   1.00 9.51  ? 7   DT  B P     1 
ATOM   381 O OP1   . DT  B 1 7  ? 11.307  -6.699  5.819   1.00 13.96 ? 7   DT  B OP1   1 
ATOM   382 O OP2   . DT  B 1 7  ? 10.509  -8.308  7.629   1.00 11.19 ? 7   DT  B OP2   1 
ATOM   383 O "O5'" . DT  B 1 7  ? 8.913   -6.779  6.452   1.00 9.69  ? 7   DT  B "O5'" 1 
ATOM   384 C "C5'" . DT  B 1 7  ? 8.507   -6.136  7.651   1.00 9.12  ? 7   DT  B "C5'" 1 
ATOM   385 C "C4'" . DT  B 1 7  ? 7.032   -5.843  7.512   1.00 9.01  ? 7   DT  B "C4'" 1 
ATOM   386 O "O4'" . DT  B 1 7  ? 6.818   -4.869  6.461   1.00 9.48  ? 7   DT  B "O4'" 1 
ATOM   387 C "C3'" . DT  B 1 7  ? 6.152   -7.061  7.170   1.00 7.94  ? 7   DT  B "C3'" 1 
ATOM   388 O "O3'" . DT  B 1 7  ? 4.851   -6.737  7.641   1.00 7.82  ? 7   DT  B "O3'" 1 
ATOM   389 C "C2'" . DT  B 1 7  ? 6.113   -6.998  5.634   1.00 7.80  ? 7   DT  B "C2'" 1 
ATOM   390 C "C1'" . DT  B 1 7  ? 6.223   -5.488  5.348   1.00 7.52  ? 7   DT  B "C1'" 1 
ATOM   391 N N1    . DT  B 1 7  ? 7.034   -5.124  4.146   1.00 6.77  ? 7   DT  B N1    1 
ATOM   392 C C2    . DT  B 1 7  ? 6.554   -5.512  2.950   1.00 5.67  ? 7   DT  B C2    1 
ATOM   393 O O2    . DT  B 1 7  ? 5.513   -6.108  2.876   1.00 6.20  ? 7   DT  B O2    1 
ATOM   394 N N3    . DT  B 1 7  ? 7.271   -5.164  1.835   1.00 5.54  ? 7   DT  B N3    1 
ATOM   395 C C4    . DT  B 1 7  ? 8.455   -4.465  1.804   1.00 6.43  ? 7   DT  B C4    1 
ATOM   396 O O4    . DT  B 1 7  ? 9.027   -4.219  0.747   1.00 6.40  ? 7   DT  B O4    1 
ATOM   397 C C5    . DT  B 1 7  ? 8.927   -4.062  3.117   1.00 7.44  ? 7   DT  B C5    1 
ATOM   398 C C7    . DT  B 1 7  ? 10.206  -3.282  3.234   1.00 7.88  ? 7   DT  B C7    1 
ATOM   399 C C6    . DT  B 1 7  ? 8.209   -4.400  4.217   1.00 6.65  ? 7   DT  B C6    1 
ATOM   400 P P     . DT  B 1 8  ? 3.908   -7.811  8.374   1.00 8.58  ? 8   DT  B P     1 
ATOM   401 O OP1   . DT  B 1 8  ? 2.960   -7.032  9.205   1.00 13.94 ? 8   DT  B OP1   1 
ATOM   402 O OP2   . DT  B 1 8  ? 4.742   -8.901  8.939   1.00 8.66  ? 8   DT  B OP2   1 
ATOM   403 O "O5'" . DT  B 1 8  ? 3.091   -8.498  7.193   1.00 8.10  ? 8   DT  B "O5'" 1 
ATOM   404 C "C5'" . DT  B 1 8  ? 2.138   -7.788  6.399   1.00 8.66  ? 8   DT  B "C5'" 1 
ATOM   405 C "C4'" . DT  B 1 8  ? 1.506   -8.773  5.434   1.00 7.71  ? 8   DT  B "C4'" 1 
ATOM   406 O "O4'" . DT  B 1 8  ? 2.519   -9.341  4.579   1.00 9.28  ? 8   DT  B "O4'" 1 
ATOM   407 C "C3'" . DT  B 1 8  ? 0.798   -9.967  6.073   1.00 8.29  ? 8   DT  B "C3'" 1 
ATOM   408 O "O3'" . DT  B 1 8  ? -0.326  -10.243 5.264   1.00 8.81  ? 8   DT  B "O3'" 1 
ATOM   409 C "C2'" . DT  B 1 8  ? 1.827   -11.093 5.989   1.00 8.62  ? 8   DT  B "C2'" 1 
ATOM   410 C "C1'" . DT  B 1 8  ? 2.518   -10.745 4.679   1.00 8.90  ? 8   DT  B "C1'" 1 
ATOM   411 N N1    . DT  B 1 8  ? 3.926   -11.196 4.605   1.00 8.61  ? 8   DT  B N1    1 
ATOM   412 C C2    . DT  B 1 8  ? 4.295   -12.019 3.568   1.00 11.71 ? 8   DT  B C2    1 
ATOM   413 O O2    . DT  B 1 8  ? 3.517   -12.406 2.727   1.00 14.73 ? 8   DT  B O2    1 
ATOM   414 N N3    . DT  B 1 8  ? 5.606   -12.392 3.559   1.00 9.50  ? 8   DT  B N3    1 
ATOM   415 C C4    . DT  B 1 8  ? 6.581   -12.020 4.457   1.00 8.29  ? 8   DT  B C4    1 
ATOM   416 O O4    . DT  B 1 8  ? 7.739   -12.410 4.346   1.00 8.07  ? 8   DT  B O4    1 
ATOM   417 C C5    . DT  B 1 8  ? 6.141   -11.156 5.510   1.00 7.76  ? 8   DT  B C5    1 
ATOM   418 C C7    . DT  B 1 8  ? 7.086   -10.698 6.577   1.00 8.28  ? 8   DT  B C7    1 
ATOM   419 C C6    . DT  B 1 8  ? 4.850   -10.800 5.545   1.00 7.02  ? 8   DT  B C6    1 
ATOM   420 P P     . DG  B 1 9  ? -1.575  -11.056 5.849   1.00 10.96 ? 9   DG  B P     1 
ATOM   421 O OP1   . DG  B 1 9  ? -1.058  -12.165 6.627   1.00 14.09 ? 9   DG  B OP1   1 
ATOM   422 O OP2   . DG  B 1 9  ? -2.511  -11.292 4.726   1.00 14.32 ? 9   DG  B OP2   1 
ATOM   423 O "O5'" . DG  B 1 9  ? -2.214  -10.066 6.934   1.00 9.64  ? 9   DG  B "O5'" 1 
ATOM   424 C "C5'" . DG  B 1 9  ? -3.005  -8.953  6.555   1.00 9.84  ? 9   DG  B "C5'" 1 
ATOM   425 C "C4'" . DG  B 1 9  ? -2.924  -7.919  7.655   1.00 10.40 ? 9   DG  B "C4'" 1 
ATOM   426 O "O4'" . DG  B 1 9  ? -1.587  -7.335  7.584   1.00 8.53  ? 9   DG  B "O4'" 1 
ATOM   427 C "C3'" . DG  B 1 9  ? -3.935  -6.791  7.528   1.00 11.00 ? 9   DG  B "C3'" 1 
ATOM   428 O "O3'" . DG  B 1 9  ? -4.264  -6.414  8.830   1.00 11.08 ? 9   DG  B "O3'" 1 
ATOM   429 C "C2'" . DG  B 1 9  ? -3.147  -5.744  6.768   1.00 10.82 ? 9   DG  B "C2'" 1 
ATOM   430 C "C1'" . DG  B 1 9  ? -1.714  -5.963  7.310   1.00 7.77  ? 9   DG  B "C1'" 1 
ATOM   431 N N9    . DG  B 1 9  ? -0.669  -5.512  6.387   1.00 6.97  ? 9   DG  B N9    1 
ATOM   432 C C8    . DG  B 1 9  ? 0.372   -4.670  6.702   1.00 6.73  ? 9   DG  B C8    1 
ATOM   433 N N7    . DG  B 1 9  ? 1.146   -4.421  5.686   1.00 5.82  ? 9   DG  B N7    1 
ATOM   434 C C5    . DG  B 1 9  ? 0.553   -5.114  4.645   1.00 5.26  ? 9   DG  B C5    1 
ATOM   435 C C6    . DG  B 1 9  ? 0.930   -5.212  3.304   1.00 5.37  ? 9   DG  B C6    1 
ATOM   436 O O6    . DG  B 1 9  ? 1.878   -4.664  2.787   1.00 5.63  ? 9   DG  B O6    1 
ATOM   437 N N1    . DG  B 1 9  ? 0.085   -6.003  2.553   1.00 5.57  ? 9   DG  B N1    1 
ATOM   438 C C2    . DG  B 1 9  ? -1.004  -6.666  3.051   1.00 6.37  ? 9   DG  B C2    1 
ATOM   439 N N2    . DG  B 1 9  ? -1.720  -7.414  2.202   1.00 7.75  ? 9   DG  B N2    1 
ATOM   440 N N3    . DG  B 1 9  ? -1.362  -6.592  4.319   1.00 6.09  ? 9   DG  B N3    1 
ATOM   441 C C4    . DG  B 1 9  ? -0.546  -5.788  5.047   1.00 6.10  ? 9   DG  B C4    1 
ATOM   442 P P     . DG  B 1 10 ? -5.262  -5.177  9.118   1.00 12.22 ? 10  DG  B P     1 
ATOM   443 O OP1   . DG  B 1 10 ? -5.785  -5.359  10.483  1.00 19.04 ? 10  DG  B OP1   1 
ATOM   444 O OP2   . DG  B 1 10 ? -6.191  -5.015  7.970   1.00 13.18 ? 10  DG  B OP2   1 
ATOM   445 O "O5'" . DG  B 1 10 ? -4.286  -3.906  9.130   1.00 11.11 ? 10  DG  B "O5'" 1 
ATOM   446 C "C5'" . DG  B 1 10 ? -3.196  -3.853  10.057  1.00 9.97  ? 10  DG  B "C5'" 1 
ATOM   447 C "C4'" . DG  B 1 10 ? -2.251  -2.700  9.766   1.00 10.42 ? 10  DG  B "C4'" 1 
ATOM   448 O "O4'" . DG  B 1 10 ? -1.629  -2.900  8.470   1.00 7.55  ? 10  DG  B "O4'" 1 
ATOM   449 C "C3'" . DG  B 1 10 ? -2.874  -1.304  9.741   1.00 8.59  ? 10  DG  B "C3'" 1 
ATOM   450 O "O3'" . DG  B 1 10 ? -1.912  -0.491  10.421  1.00 8.02  ? 10  DG  B "O3'" 1 
ATOM   451 C "C2'" . DG  B 1 10 ? -2.971  -1.012  8.248   1.00 7.69  ? 10  DG  B "C2'" 1 
ATOM   452 C "C1'" . DG  B 1 10 ? -1.678  -1.670  7.791   1.00 6.95  ? 10  DG  B "C1'" 1 
ATOM   453 N N9    . DG  B 1 10 ? -1.584  -1.903  6.359   1.00 5.63  ? 10  DG  B N9    1 
ATOM   454 C C8    . DG  B 1 10 ? -2.480  -2.535  5.540   1.00 6.62  ? 10  DG  B C8    1 
ATOM   455 N N7    . DG  B 1 10 ? -2.093  -2.583  4.291   1.00 5.67  ? 10  DG  B N7    1 
ATOM   456 C C5    . DG  B 1 10 ? -0.860  -1.939  4.301   1.00 4.77  ? 10  DG  B C5    1 
ATOM   457 C C6    . DG  B 1 10 ? 0.040   -1.652  3.283   1.00 4.84  ? 10  DG  B C6    1 
ATOM   458 O O6    . DG  B 1 10 ? -0.079  -1.958  2.111   1.00 5.01  ? 10  DG  B O6    1 
ATOM   459 N N1    . DG  B 1 10 ? 1.157   -0.948  3.728   1.00 4.85  ? 10  DG  B N1    1 
ATOM   460 C C2    . DG  B 1 10 ? 1.387   -0.575  5.014   1.00 4.81  ? 10  DG  B C2    1 
ATOM   461 N N2    . DG  B 1 10 ? 2.520   0.090   5.244   1.00 5.51  ? 10  DG  B N2    1 
ATOM   462 N N3    . DG  B 1 10 ? 0.552   -0.855  6.000   1.00 5.57  ? 10  DG  B N3    1 
ATOM   463 C C4    . DG  B 1 10 ? -0.538  -1.520  5.559   1.00 5.15  ? 10  DG  B C4    1 
ATOM   464 P P     . DG  B 1 11 ? -2.227  1.025   10.889  1.00 9.01  ? 11  DG  B P     1 
ATOM   465 O OP1   . DG  B 1 11 ? -1.111  1.442   11.763  1.00 11.00 ? 11  DG  B OP1   1 
ATOM   466 O OP2   . DG  B 1 11 ? -3.623  1.093   11.396  1.00 12.02 ? 11  DG  B OP2   1 
ATOM   467 O "O5'" . DG  B 1 11 ? -2.176  1.872   9.532   1.00 9.75  ? 11  DG  B "O5'" 1 
ATOM   468 C "C5'" . DG  B 1 11 ? -1.023  1.828   8.682   1.00 8.51  ? 11  DG  B "C5'" 1 
ATOM   469 C "C4'" . DG  B 1 11 ? -0.002  2.914   9.004   1.00 8.40  ? 11  DG  B "C4'" 1 
ATOM   470 O "O4'" . DG  B 1 11 ? 0.994   2.883   7.945   1.00 6.88  ? 11  DG  B "O4'" 1 
ATOM   471 C "C3'" . DG  B 1 11 ? -0.529  4.347   8.978   1.00 7.35  ? 11  DG  B "C3'" 1 
ATOM   472 O "O3'" . DG  B 1 11 ? 0.360   5.114   9.771   1.00 7.60  ? 11  DG  B "O3'" 1 
ATOM   473 C "C2'" . DG  B 1 11 ? -0.408  4.716   7.508   1.00 6.85  ? 11  DG  B "C2'" 1 
ATOM   474 C "C1'" . DG  B 1 11 ? 0.899   4.029   7.124   1.00 6.08  ? 11  DG  B "C1'" 1 
ATOM   475 N N9    . DG  B 1 11 ? 0.992   3.682   5.710   1.00 5.60  ? 11  DG  B N9    1 
ATOM   476 C C8    . DG  B 1 11 ? 1.999   4.089   4.875   1.00 5.97  ? 11  DG  B C8    1 
ATOM   477 N N7    . DG  B 1 11 ? 1.862   3.648   3.664   1.00 5.32  ? 11  DG  B N7    1 
ATOM   478 C C5    . DG  B 1 11 ? 0.672   2.927   3.690   1.00 4.61  ? 11  DG  B C5    1 
ATOM   479 C C6    . DG  B 1 11 ? -0.002  2.224   2.692   1.00 4.72  ? 11  DG  B C6    1 
ATOM   480 O O6    . DG  B 1 11 ? 0.335   2.130   1.519   1.00 4.58  ? 11  DG  B O6    1 
ATOM   481 N N1    . DG  B 1 11 ? -1.164  1.616   3.133   1.00 4.16  ? 11  DG  B N1    1 
ATOM   482 C C2    . DG  B 1 11 ? -1.617  1.680   4.417   1.00 5.04  ? 11  DG  B C2    1 
ATOM   483 N N2    . DG  B 1 11 ? -2.766  1.044   4.676   1.00 5.89  ? 11  DG  B N2    1 
ATOM   484 N N3    . DG  B 1 11 ? -1.001  2.338   5.378   1.00 4.84  ? 11  DG  B N3    1 
ATOM   485 C C4    . DG  B 1 11 ? 0.127   2.925   4.938   1.00 4.97  ? 11  DG  B C4    1 
ATOM   486 P P     . DG  B 1 12 ? 0.089   6.675   10.070  1.00 7.93  ? 12  DG  B P     1 
ATOM   487 O OP1   . DG  B 1 12 ? 0.921   7.037   11.232  1.00 9.68  ? 12  DG  B OP1   1 
ATOM   488 O OP2   . DG  B 1 12 ? -1.380  6.914   10.091  1.00 9.79  ? 12  DG  B OP2   1 
ATOM   489 O "O5'" . DG  B 1 12 ? 0.651   7.417   8.764   1.00 7.26  ? 12  DG  B "O5'" 1 
ATOM   490 C "C5'" . DG  B 1 12 ? 2.034   7.441   8.451   1.00 8.06  ? 12  DG  B "C5'" 1 
ATOM   491 C "C4'" . DG  B 1 12 ? 2.242   8.124   7.103   1.00 7.19  ? 12  DG  B "C4'" 1 
ATOM   492 O "O4'" . DG  B 1 12 ? 1.711   7.258   6.068   1.00 6.58  ? 12  DG  B "O4'" 1 
ATOM   493 C "C3'" . DG  B 1 12 ? 1.501   9.451   6.946   1.00 7.69  ? 12  DG  B "C3'" 1 
ATOM   494 O "O3'" . DG  B 1 12 ? 2.415   10.397  6.412   1.00 11.61 ? 12  DG  B "O3'" 1 
ATOM   495 C "C2'" . DG  B 1 12 ? 0.397   9.155   5.942   1.00 7.53  ? 12  DG  B "C2'" 1 
ATOM   496 C "C1'" . DG  B 1 12 ? 1.068   8.085   5.105   1.00 6.01  ? 12  DG  B "C1'" 1 
ATOM   497 N N9    . DG  B 1 12 ? 0.168   7.238   4.342   1.00 4.93  ? 12  DG  B N9    1 
ATOM   498 C C8    . DG  B 1 12 ? -0.940  6.591   4.801   1.00 5.97  ? 12  DG  B C8    1 
ATOM   499 N N7    . DG  B 1 12 ? -1.529  5.868   3.890   1.00 5.34  ? 12  DG  B N7    1 
ATOM   500 C C5    . DG  B 1 12 ? -0.747  6.049   2.760   1.00 4.88  ? 12  DG  B C5    1 
ATOM   501 C C6    . DG  B 1 12 ? -0.897  5.556   1.461   1.00 4.75  ? 12  DG  B C6    1 
ATOM   502 O O6    . DG  B 1 12 ? -1.765  4.781   1.063   1.00 5.24  ? 12  DG  B O6    1 
ATOM   503 N N1    . DG  B 1 12 ? 0.074   6.036   0.594   1.00 4.83  ? 12  DG  B N1    1 
ATOM   504 C C2    . DG  B 1 12 ? 1.081   6.897   0.949   1.00 5.65  ? 12  DG  B C2    1 
ATOM   505 N N2    . DG  B 1 12 ? 1.924   7.251   -0.033  1.00 6.08  ? 12  DG  B N2    1 
ATOM   506 N N3    . DG  B 1 12 ? 1.243   7.366   2.176   1.00 5.35  ? 12  DG  B N3    1 
ATOM   507 C C4    . DG  B 1 12 ? 0.295   6.897   3.020   1.00 6.00  ? 12  DG  B C4    1 
HETATM 508 K K     . K   C 2 .  ? 1.892   -3.085  0.361   1.00 4.05  ? 14  K   A K     1 
HETATM 509 K K     . K   D 2 .  ? 0.283   -0.150  -0.159  1.00 3.40  ? 15  K   A K     1 
HETATM 510 K K     . K   E 2 .  ? -1.536  2.811   -0.808  1.00 3.57  ? 16  K   A K     1 
HETATM 511 N N1    . SNS F 3 .  ? -5.076  6.428   0.663   1.00 6.73  ? 17  SNS A N1    1 
HETATM 512 C C2    . SNS F 3 .  ? -6.218  5.694   0.656   1.00 7.72  ? 17  SNS A C2    1 
HETATM 513 C C3    . SNS F 3 .  ? -6.595  5.165   -0.595  1.00 7.38  ? 17  SNS A C3    1 
HETATM 514 C C4    . SNS F 3 .  ? -7.785  4.480   -0.615  1.00 8.67  ? 17  SNS A C4    1 
HETATM 515 C C5    . SNS F 3 .  ? -8.563  4.272   0.541   1.00 8.63  ? 17  SNS A C5    1 
HETATM 516 C C6    . SNS F 3 .  ? -8.153  4.755   1.756   1.00 8.37  ? 17  SNS A C6    1 
HETATM 517 C C7    . SNS F 3 .  ? -6.993  5.532   1.834   1.00 8.06  ? 17  SNS A C7    1 
HETATM 518 C C8    . SNS F 3 .  ? -6.565  6.146   3.008   1.00 8.47  ? 17  SNS A C8    1 
HETATM 519 C C9    . SNS F 3 .  ? -5.380  6.933   3.034   1.00 8.98  ? 17  SNS A C9    1 
HETATM 520 C C10   . SNS F 3 .  ? -4.925  7.601   4.189   1.00 9.79  ? 17  SNS A C10   1 
HETATM 521 C C11   . SNS F 3 .  ? -3.775  8.436   4.130   1.00 7.68  ? 17  SNS A C11   1 
HETATM 522 C C12   . SNS F 3 .  ? -3.116  8.560   2.875   1.00 7.83  ? 17  SNS A C12   1 
HETATM 523 C C13   . SNS F 3 .  ? -3.524  7.863   1.726   1.00 6.17  ? 17  SNS A C13   1 
HETATM 524 C C14   . SNS F 3 .  ? -4.666  7.053   1.797   1.00 7.10  ? 17  SNS A C14   1 
HETATM 525 N N15   . SNS F 3 .  ? -2.050  9.453   2.929   1.00 7.06  ? 17  SNS A N15   1 
HETATM 526 C C16   . SNS F 3 .  ? -1.147  9.724   1.909   1.00 7.89  ? 17  SNS A C16   1 
HETATM 527 O O17   . SNS F 3 .  ? -1.150  9.142   0.848   1.00 7.19  ? 17  SNS A O17   1 
HETATM 528 C C18   . SNS F 3 .  ? -0.123  10.785  2.300   1.00 8.88  ? 17  SNS A C18   1 
HETATM 529 C C19   . SNS F 3 .  ? 0.831   10.994  1.157   1.00 10.74 ? 17  SNS A C19   1 
HETATM 530 N N20   . SNS F 3 .  ? 1.825   12.015  1.473   1.00 11.03 ? 17  SNS A N20   1 
HETATM 531 C C21   . SNS F 3 .  ? 2.501   12.461  0.257   1.00 15.87 ? 17  SNS A C21   1 
HETATM 532 C C22   . SNS F 3 .  ? 3.741   13.121  0.752   1.00 18.81 ? 17  SNS A C22   1 
HETATM 533 F F23   . SNS F 3 .  ? 3.533   14.490  0.736   1.00 17.21 ? 17  SNS A F23   1 
HETATM 534 C C24   . SNS F 3 .  ? 4.076   12.512  2.090   1.00 22.66 ? 17  SNS A C24   1 
HETATM 535 C C25   . SNS F 3 .  ? 2.898   11.665  2.444   1.00 15.04 ? 17  SNS A C25   1 
HETATM 536 N N26   . SNS F 3 .  ? -8.413  4.014   -1.809  1.00 10.26 ? 17  SNS A N26   1 
HETATM 537 C C27   . SNS F 3 .  ? -7.860  3.916   -3.069  1.00 8.65  ? 17  SNS A C27   1 
HETATM 538 O O28   . SNS F 3 .  ? -6.660  4.117   -3.301  1.00 8.39  ? 17  SNS A O28   1 
HETATM 539 C C29   . SNS F 3 .  ? -8.848  3.598   -4.139  1.00 15.20 ? 17  SNS A C29   1 
HETATM 540 C C30   . SNS F 3 .  ? -8.210  3.607   -5.472  1.00 13.34 ? 17  SNS A C30   1 
HETATM 541 N N31   . SNS F 3 .  ? -8.998  4.098   -6.585  1.00 18.65 ? 17  SNS A N31   1 
HETATM 542 C C32   . SNS F 3 .  ? -10.421 3.903   -6.747  1.00 22.28 ? 17  SNS A C32   1 
HETATM 543 C C33   . SNS F 3 .  ? -10.772 4.334   -8.138  1.00 27.23 ? 17  SNS A C33   1 
HETATM 544 F F34   . SNS F 3 .  ? -11.078 5.628   -8.233  1.00 37.35 ? 17  SNS A F34   1 
HETATM 545 C C35   . SNS F 3 .  ? -9.529  4.096   -8.874  1.00 26.88 ? 17  SNS A C35   1 
HETATM 546 C C36   . SNS F 3 .  ? -8.374  4.132   -7.880  1.00 20.30 ? 17  SNS A C36   1 
HETATM 547 K K     . K   G 2 .  ? 3.679   -5.985  0.920   1.00 5.21  ? 13  K   B K     1 
HETATM 548 O O     . HOH H 4 .  ? 5.357   3.451   6.627   1.00 8.68  ? 13  HOH A O     1 
HETATM 549 O O     . HOH H 4 .  ? 4.045   9.271   0.057   1.00 12.19 ? 18  HOH A O     1 
HETATM 550 O O     . HOH H 4 .  ? 7.444   2.518   -3.554  1.00 10.41 ? 19  HOH A O     1 
HETATM 551 O O     . HOH H 4 .  ? -6.412  -3.843  -3.890  1.00 10.67 ? 20  HOH A O     1 
HETATM 552 O O     . HOH H 4 .  ? -4.857  -6.463  3.557   1.00 11.45 ? 21  HOH A O     1 
HETATM 553 O O     . HOH H 4 .  ? 0.346   0.901   -8.950  1.00 7.27  ? 22  HOH A O     1 
HETATM 554 O O     . HOH H 4 .  ? -5.745  10.481  -4.012  1.00 12.05 ? 23  HOH A O     1 
HETATM 555 O O     . HOH H 4 .  ? 6.082   2.051   -6.210  1.00 11.48 ? 24  HOH A O     1 
HETATM 556 O O     . HOH H 4 .  ? 3.651   1.196   -7.535  1.00 9.05  ? 25  HOH A O     1 
HETATM 557 O O     . HOH H 4 .  ? -4.654  5.176   7.178   1.00 10.45 ? 26  HOH A O     1 
HETATM 558 O O     . HOH H 4 .  ? 2.995   -7.211  -7.372  1.00 10.56 ? 27  HOH A O     1 
HETATM 559 O O     . HOH H 4 .  ? -2.192  1.667   -9.891  1.00 11.26 ? 31  HOH A O     1 
HETATM 560 O O     . HOH H 4 .  ? -0.121  12.790  -2.238  1.00 10.00 ? 32  HOH A O     1 
HETATM 561 O O     . HOH H 4 .  ? 6.813   4.646   -6.422  1.00 12.30 ? 34  HOH A O     1 
HETATM 562 O O     . HOH H 4 .  ? 11.291  0.248   3.874   1.00 14.53 ? 35  HOH A O     1 
HETATM 563 O O     . HOH H 4 .  ? -3.686  -10.492 0.606   1.00 11.93 ? 36  HOH A O     1 
HETATM 564 O O     . HOH H 4 .  ? 2.493   14.577  -10.275 1.00 14.14 ? 37  HOH A O     1 
HETATM 565 O O     . HOH H 4 .  ? -1.147  13.564  0.189   1.00 11.79 ? 39  HOH A O     1 
HETATM 566 O O     . HOH H 4 .  ? -2.171  12.722  -8.474  1.00 15.55 ? 40  HOH A O     1 
HETATM 567 O O     . HOH H 4 .  ? 5.075   0.166   9.479   1.00 17.55 ? 42  HOH A O     1 
HETATM 568 O O     . HOH H 4 .  ? 11.686  6.685   4.157   1.00 16.54 ? 43  HOH A O     1 
HETATM 569 O O     . HOH H 4 .  ? -8.229  -2.071  -1.219  1.00 17.41 ? 44  HOH A O     1 
HETATM 570 O O     . HOH H 4 .  ? 12.011  -1.523  5.816   1.00 19.24 ? 48  HOH A O     1 
HETATM 571 O O     . HOH H 4 .  ? -3.594  11.254  -5.288  1.00 16.32 ? 50  HOH A O     1 
HETATM 572 O O     . HOH H 4 .  ? -17.470 2.685   -2.991  1.00 13.93 ? 53  HOH A O     1 
HETATM 573 O O     . HOH H 4 .  ? -11.341 3.721   -1.490  1.00 18.36 ? 54  HOH A O     1 
HETATM 574 O O     . HOH H 4 .  ? -13.612 -0.026  7.255   1.00 16.61 ? 55  HOH A O     1 
HETATM 575 O O     . HOH H 4 .  ? 4.974   8.056   -12.481 1.00 19.21 ? 56  HOH A O     1 
HETATM 576 O O     . HOH H 4 .  ? 2.180   14.381  -2.560  1.00 18.95 ? 57  HOH A O     1 
HETATM 577 O O     . HOH H 4 .  ? 4.290   13.779  -8.677  1.00 16.62 ? 62  HOH A O     1 
HETATM 578 O O     . HOH H 4 .  ? 1.486   12.121  -7.156  1.00 21.62 ? 65  HOH A O     1 
HETATM 579 O O     . HOH H 4 .  ? 12.594  2.182   7.476   1.00 26.13 ? 66  HOH A O     1 
HETATM 580 O O     . HOH H 4 .  ? 7.954   5.951   -8.613  1.00 18.38 ? 69  HOH A O     1 
HETATM 581 O O     . HOH H 4 .  ? -1.099  -7.431  -6.179  1.00 20.34 ? 73  HOH A O     1 
HETATM 582 O O     . HOH H 4 .  ? -6.910  10.471  -8.366  1.00 16.73 ? 76  HOH A O     1 
HETATM 583 O O     . HOH H 4 .  ? -1.782  13.340  -4.288  1.00 19.77 ? 79  HOH A O     1 
HETATM 584 O O     . HOH H 4 .  ? 7.375   7.630   4.879   1.00 21.03 ? 80  HOH A O     1 
HETATM 585 O O     . HOH H 4 .  ? -11.993 5.943   -3.978  1.00 29.19 ? 81  HOH A O     1 
HETATM 586 O O     . HOH H 4 .  ? -10.920 -7.764  -2.422  1.00 31.49 ? 83  HOH A O     1 
HETATM 587 O O     . HOH H 4 .  ? -7.711  9.346   5.030   1.00 20.46 ? 84  HOH A O     1 
HETATM 588 O O     . HOH H 4 .  ? -11.304 3.566   8.385   1.00 27.62 ? 85  HOH A O     1 
HETATM 589 O O     . HOH H 4 .  ? -4.213  -6.903  -6.188  1.00 23.59 ? 88  HOH A O     1 
HETATM 590 O O     . HOH H 4 .  ? -7.035  -13.150 -4.692  1.00 29.75 ? 89  HOH A O     1 
HETATM 591 O O     . HOH H 4 .  ? -5.309  -13.280 -0.264  1.00 34.16 ? 90  HOH A O     1 
HETATM 592 O O     . HOH H 4 .  ? -13.490 2.610   6.692   1.00 29.41 ? 91  HOH A O     1 
HETATM 593 O O     . HOH H 4 .  ? 5.724   7.421   8.470   1.00 23.09 ? 93  HOH A O     1 
HETATM 594 O O     . HOH H 4 .  ? 12.698  -0.506  8.236   1.00 23.47 ? 94  HOH A O     1 
HETATM 595 O O     . HOH H 4 .  ? -6.296  -0.256  7.965   1.00 24.70 ? 95  HOH A O     1 
HETATM 596 O O     . HOH H 4 .  ? -9.985  -9.771  1.573   1.00 24.65 ? 96  HOH A O     1 
HETATM 597 O O     . HOH H 4 .  ? -11.320 7.944   -5.878  1.00 26.27 ? 97  HOH A O     1 
HETATM 598 O O     . HOH H 4 .  ? -9.288  8.846   3.423   1.00 27.23 ? 99  HOH A O     1 
HETATM 599 O O     . HOH H 4 .  ? -7.872  -11.137 1.592   1.00 30.40 ? 100 HOH A O     1 
HETATM 600 O O     . HOH H 4 .  ? -6.056  10.044  6.644   1.00 22.35 ? 101 HOH A O     1 
HETATM 601 O O     . HOH H 4 .  ? -11.799 -2.276  9.490   1.00 37.77 ? 102 HOH A O     1 
HETATM 602 O O     . HOH H 4 .  ? 9.821   7.285   -6.663  1.00 20.09 ? 103 HOH A O     1 
HETATM 603 O O     . HOH H 4 .  ? 4.224   -2.391  8.758   1.00 11.91 ? 104 HOH A O     1 
HETATM 604 O O     . HOH H 4 .  ? -4.500  14.659  -8.244  1.00 18.19 ? 106 HOH A O     1 
HETATM 605 O O     . HOH H 4 .  ? 0.185   15.708  0.077   1.00 19.34 ? 107 HOH A O     1 
HETATM 606 O O     . HOH H 4 .  ? -0.181  13.441  -6.444  1.00 26.29 ? 108 HOH A O     1 
HETATM 607 O O     . HOH H 4 .  ? -9.689  9.186   -7.971  1.00 28.94 ? 111 HOH A O     1 
HETATM 608 O O     . HOH H 4 .  ? 13.591  8.435   5.050   1.00 30.12 ? 113 HOH A O     1 
HETATM 609 O O     . HOH H 4 .  ? -9.142  -12.908 -1.497  1.00 28.06 ? 115 HOH A O     1 
HETATM 610 O O     . HOH H 4 .  ? 5.915   9.136   1.637   1.00 29.45 ? 117 HOH A O     1 
HETATM 611 O O     . HOH H 4 .  ? 7.082   10.775  -0.593  1.00 34.62 ? 118 HOH A O     1 
HETATM 612 O O     . HOH H 4 .  ? 13.691  -1.281  3.711   1.00 25.21 ? 119 HOH A O     1 
HETATM 613 O O     . HOH H 4 .  ? -9.488  -4.607  -1.939  1.00 30.15 ? 120 HOH A O     1 
HETATM 614 O O     . HOH H 4 .  ? -12.398 -5.103  -0.970  1.00 28.15 ? 121 HOH A O     1 
HETATM 615 O O     . HOH H 4 .  ? -10.266 11.549  -2.770  1.00 28.67 ? 122 HOH A O     1 
HETATM 616 O O     . HOH H 4 .  ? -8.406  7.670   -9.221  1.00 34.13 ? 124 HOH A O     1 
HETATM 617 O O     . HOH H 4 .  ? -13.264 8.471   -7.464  1.00 34.34 ? 129 HOH A O     1 
HETATM 618 O O     . HOH H 4 .  ? 12.237  7.372   -7.350  1.00 35.93 ? 130 HOH A O     1 
HETATM 619 O O     . HOH H 4 .  ? -10.845 12.754  -0.118  1.00 33.57 ? 131 HOH A O     1 
HETATM 620 O O     . HOH H 4 .  ? 7.745   6.033   8.940   1.00 29.19 ? 132 HOH A O     1 
HETATM 621 O O     . HOH H 4 .  ? 6.207   -2.437  10.742  1.00 37.28 ? 133 HOH A O     1 
HETATM 622 O O     . HOH H 4 .  ? 10.809  3.277   10.473  1.00 30.99 ? 134 HOH A O     1 
HETATM 623 O O     . HOH H 4 .  ? 7.874   0.829   -5.306  1.00 36.60 ? 136 HOH A O     1 
HETATM 624 O O     . HOH H 4 .  ? -13.732 8.093   -3.192  1.00 36.73 ? 137 HOH A O     1 
HETATM 625 O O     . HOH H 4 .  ? -9.515  -15.088 -3.480  1.00 29.72 ? 139 HOH A O     1 
HETATM 626 O O     . HOH H 4 .  ? 9.906   6.330   11.340  1.00 35.70 ? 143 HOH A O     1 
HETATM 627 O O     . HOH H 4 .  ? -2.853  -7.932  -7.575  1.00 34.45 ? 147 HOH A O     1 
HETATM 628 O O     . HOH H 4 .  ? -17.122 -1.891  -6.636  1.00 32.54 ? 152 HOH A O     1 
HETATM 629 O O     . HOH H 4 .  ? 11.269  5.818   6.946   1.00 35.72 ? 154 HOH A O     1 
HETATM 630 O O     . HOH H 4 .  ? 9.776   7.641   6.084   1.00 30.20 ? 155 HOH A O     1 
HETATM 631 O O     . HOH H 4 .  ? 2.359   9.884   -1.422  1.00 35.78 ? 156 HOH A O     1 
HETATM 632 O O     . HOH H 4 .  ? 7.266   6.565   -12.449 1.00 34.61 ? 157 HOH A O     1 
HETATM 633 O O     . HOH H 4 .  ? -5.556  -8.797  -7.702  1.00 33.47 ? 158 HOH A O     1 
HETATM 634 O O     . HOH H 4 .  ? -11.456 6.142   -11.799 1.00 30.86 ? 162 HOH A O     1 
HETATM 635 O O     . HOH H 4 .  ? -7.034  7.592   6.994   1.00 31.46 ? 163 HOH A O     1 
HETATM 636 O O     . HOH H 4 .  ? 9.984   8.286   12.943  1.00 31.78 ? 164 HOH A O     1 
HETATM 637 O O     . HOH H 4 .  ? -16.660 -1.874  -4.215  1.00 30.22 ? 165 HOH A O     1 
HETATM 638 O O     . HOH H 4 .  ? -16.362 0.655   -4.572  1.00 33.46 ? 166 HOH A O     1 
HETATM 639 O O     . HOH H 4 .  ? -2.747  -11.483 -8.323  1.00 31.19 ? 167 HOH A O     1 
HETATM 640 O O     . HOH H 4 .  ? -12.248 10.121  -11.989 1.00 31.26 ? 168 HOH A O     1 
HETATM 641 O O     . HOH H 4 .  ? -10.415 10.395  -10.606 1.00 34.66 ? 171 HOH A O     1 
HETATM 642 O O     . HOH H 4 .  ? 9.687   1.256   -2.910  1.00 11.99 ? 172 HOH A O     1 
HETATM 643 O O     . HOH H 4 .  ? -14.191 0.043   -0.603  1.00 27.40 ? 174 HOH A O     1 
HETATM 644 O O     . HOH H 4 .  ? 3.575   12.682  -4.132  1.00 28.89 ? 176 HOH A O     1 
HETATM 645 O O     . HOH H 4 .  ? -9.418  11.293  -5.933  1.00 32.66 ? 177 HOH A O     1 
HETATM 646 O O     . HOH H 4 .  ? -7.766  -0.036  9.703   1.00 32.34 ? 179 HOH A O     1 
HETATM 647 O O     . HOH H 4 .  ? -12.060 11.006  1.040   1.00 30.19 ? 180 HOH A O     1 
HETATM 648 O O     . HOH H 4 .  ? -11.441 9.502   5.117   1.00 31.54 ? 183 HOH A O     1 
HETATM 649 O O     . HOH H 4 .  ? -12.381 -2.074  -1.391  1.00 32.63 ? 186 HOH A O     1 
HETATM 650 O O     . HOH H 4 .  ? -15.342 0.487   -6.529  1.00 32.30 ? 187 HOH A O     1 
HETATM 651 O O     . HOH I 4 .  ? 12.439  -9.723  -3.400  1.00 10.69 ? 14  HOH B O     1 
HETATM 652 O O     . HOH I 4 .  ? 10.521  -2.177  -0.302  1.00 9.58  ? 15  HOH B O     1 
HETATM 653 O O     . HOH I 4 .  ? 9.241   -8.738  10.007  1.00 8.31  ? 16  HOH B O     1 
HETATM 654 O O     . HOH I 4 .  ? 11.714  -11.297 0.357   1.00 8.11  ? 17  HOH B O     1 
HETATM 655 O O     . HOH I 4 .  ? 8.951   2.008   -0.286  1.00 8.30  ? 18  HOH B O     1 
HETATM 656 O O     . HOH I 4 .  ? 3.486   1.626   7.636   1.00 8.55  ? 19  HOH B O     1 
HETATM 657 O O     . HOH I 4 .  ? 2.995   -8.580  -0.476  1.00 8.21  ? 20  HOH B O     1 
HETATM 658 O O     . HOH I 4 .  ? 6.767   -9.776  10.428  1.00 8.11  ? 21  HOH B O     1 
HETATM 659 O O     . HOH I 4 .  ? -5.795  -2.476  6.361   1.00 12.33 ? 22  HOH B O     1 
HETATM 660 O O     . HOH I 4 .  ? 2.004   -10.436 -2.166  1.00 9.58  ? 23  HOH B O     1 
HETATM 661 O O     . HOH I 4 .  ? -5.040  -4.437  -6.223  1.00 10.20 ? 24  HOH B O     1 
HETATM 662 O O     . HOH I 4 .  ? -2.625  7.347   7.641   1.00 9.93  ? 25  HOH B O     1 
HETATM 663 O O     . HOH I 4 .  ? 1.649   -1.341  8.682   1.00 11.55 ? 26  HOH B O     1 
HETATM 664 O O     . HOH I 4 .  ? -3.804  -9.267  3.122   1.00 10.98 ? 27  HOH B O     1 
HETATM 665 O O     . HOH I 4 .  ? 1.411   -6.190  -13.554 1.00 11.47 ? 28  HOH B O     1 
HETATM 666 O O     . HOH I 4 .  ? 10.548  0.203   1.170   1.00 11.56 ? 29  HOH B O     1 
HETATM 667 O O     . HOH I 4 .  ? 14.450  -4.559  0.815   1.00 12.94 ? 30  HOH B O     1 
HETATM 668 O O     . HOH I 4 .  ? 5.856   -6.972  -7.860  1.00 9.43  ? 31  HOH B O     1 
HETATM 669 O O     . HOH I 4 .  ? 0.482   -5.658  -7.328  1.00 9.87  ? 32  HOH B O     1 
HETATM 670 O O     . HOH I 4 .  ? 3.637   -11.909 0.036   1.00 13.31 ? 33  HOH B O     1 
HETATM 671 O O     . HOH I 4 .  ? -4.548  1.847   6.905   1.00 13.05 ? 38  HOH B O     1 
HETATM 672 O O     . HOH I 4 .  ? -2.805  10.188  7.516   1.00 15.75 ? 41  HOH B O     1 
HETATM 673 O O     . HOH I 4 .  ? 7.800   -8.831  -8.672  1.00 18.31 ? 45  HOH B O     1 
HETATM 674 O O     . HOH I 4 .  ? 10.440  -8.812  -4.931  1.00 19.14 ? 46  HOH B O     1 
HETATM 675 O O     . HOH I 4 .  ? -8.624  -3.862  8.594   1.00 20.34 ? 47  HOH B O     1 
HETATM 676 O O     . HOH I 4 .  ? -5.642  1.474   9.380   1.00 19.44 ? 49  HOH B O     1 
HETATM 677 O O     . HOH I 4 .  ? 3.587   -11.413 8.866   1.00 14.49 ? 51  HOH B O     1 
HETATM 678 O O     . HOH I 4 .  ? 12.595  -12.162 2.705   1.00 17.01 ? 52  HOH B O     1 
HETATM 679 O O     . HOH I 4 .  ? 11.046  -11.062 7.449   1.00 24.49 ? 58  HOH B O     1 
HETATM 680 O O     . HOH I 4 .  ? -4.608  -12.630 4.601   1.00 20.56 ? 59  HOH B O     1 
HETATM 681 O O     . HOH I 4 .  ? -1.633  -12.152 2.084   1.00 17.50 ? 60  HOH B O     1 
HETATM 682 O O     . HOH I 4 .  ? -0.015  -13.189 0.499   0.5  20.81 ? 61  HOH B O     1 
HETATM 683 O O     . HOH I 4 .  ? -8.861  -2.770  -3.980  1.00 19.41 ? 63  HOH B O     1 
HETATM 684 O O     . HOH I 4 .  ? 10.912  -3.820  6.860   1.00 16.23 ? 64  HOH B O     1 
HETATM 685 O O     . HOH I 4 .  ? -0.748  -7.401  -13.638 1.00 19.81 ? 67  HOH B O     1 
HETATM 686 O O     . HOH I 4 .  ? 1.593   0.701   10.829  1.00 17.05 ? 68  HOH B O     1 
HETATM 687 O O     . HOH I 4 .  ? -3.029  6.435   12.113  1.00 18.06 ? 70  HOH B O     1 
HETATM 688 O O     . HOH I 4 .  ? 14.652  -8.067  3.009   1.00 17.85 ? 71  HOH B O     1 
HETATM 689 O O     . HOH I 4 .  ? 9.352   -1.221  -4.031  1.00 20.18 ? 72  HOH B O     1 
HETATM 690 O O     . HOH I 4 .  ? 0.876   8.387   13.563  1.00 19.75 ? 74  HOH B O     1 
HETATM 691 O O     . HOH I 4 .  ? 4.037   7.015   3.146   1.00 17.01 ? 75  HOH B O     1 
HETATM 692 O O     . HOH I 4 .  ? 9.776   -4.355  -12.225 1.00 22.31 ? 77  HOH B O     1 
HETATM 693 O O     . HOH I 4 .  ? -3.339  -13.198 2.991   1.00 22.76 ? 78  HOH B O     1 
HETATM 694 O O     . HOH I 4 .  ? 13.653  -6.187  5.000   1.00 26.73 ? 82  HOH B O     1 
HETATM 695 O O     . HOH I 4 .  ? 12.303  -7.206  -9.199  1.00 36.81 ? 86  HOH B O     1 
HETATM 696 O O     . HOH I 4 .  ? 15.291  -10.011 -0.353  1.00 20.18 ? 87  HOH B O     1 
HETATM 697 O O     . HOH I 4 .  ? -10.373 -1.040  -0.275  1.00 26.69 ? 92  HOH B O     1 
HETATM 698 O O     . HOH I 4 .  ? -6.070  4.264   9.505   1.00 31.41 ? 98  HOH B O     1 
HETATM 699 O O     . HOH I 4 .  ? 10.659  -3.771  9.854   1.00 16.12 ? 105 HOH B O     1 
HETATM 700 O O     . HOH I 4 .  ? 10.528  -6.922  -11.420 1.00 28.41 ? 109 HOH B O     1 
HETATM 701 O O     . HOH I 4 .  ? 12.392  -11.526 5.166   1.00 29.50 ? 110 HOH B O     1 
HETATM 702 O O     . HOH I 4 .  ? -1.923  -6.877  -9.880  1.00 27.50 ? 112 HOH B O     1 
HETATM 703 O O     . HOH I 4 .  ? 2.850   -9.422  -6.059  1.00 32.09 ? 114 HOH B O     1 
HETATM 704 O O     . HOH I 4 .  ? 14.359  -3.966  3.645   1.00 29.50 ? 116 HOH B O     1 
HETATM 705 O O     . HOH I 4 .  ? -4.670  10.801  9.170   1.00 34.11 ? 123 HOH B O     1 
HETATM 706 O O     . HOH I 4 .  ? -10.991 1.390   0.982   1.00 35.86 ? 125 HOH B O     1 
HETATM 707 O O     . HOH I 4 .  ? 14.768  -9.633  -5.116  1.00 31.57 ? 126 HOH B O     1 
HETATM 708 O O     . HOH I 4 .  ? -11.284 -2.893  -4.421  1.00 31.83 ? 127 HOH B O     1 
HETATM 709 O O     . HOH I 4 .  ? 0.587   -12.070 8.849   1.00 26.06 ? 128 HOH B O     1 
HETATM 710 O O     . HOH I 4 .  ? 3.416   -11.696 -5.251  1.00 34.51 ? 135 HOH B O     1 
HETATM 711 O O     . HOH I 4 .  ? -7.707  -6.401  6.353   1.00 32.89 ? 138 HOH B O     1 
HETATM 712 O O     . HOH I 4 .  ? -6.736  -8.125  11.148  1.00 36.96 ? 140 HOH B O     1 
HETATM 713 O O     . HOH I 4 .  ? -7.393  -11.716 4.560   1.00 39.48 ? 141 HOH B O     1 
HETATM 714 O O     . HOH I 4 .  ? 13.346  0.239   0.774   1.00 26.69 ? 142 HOH B O     1 
HETATM 715 O O     . HOH I 4 .  ? 3.322   -8.354  2.192   1.00 8.27  ? 144 HOH B O     1 
HETATM 716 O O     . HOH I 4 .  ? 13.012  -2.707  -0.911  1.00 28.01 ? 145 HOH B O     1 
HETATM 717 O O     . HOH I 4 .  ? -4.882  -1.024  12.682  1.00 26.61 ? 146 HOH B O     1 
HETATM 718 O O     . HOH I 4 .  ? 10.291  -12.910 4.972   1.00 17.20 ? 148 HOH B O     1 
HETATM 719 O O     . HOH I 4 .  ? 12.236  -6.960  9.574   1.00 25.48 ? 149 HOH B O     1 
HETATM 720 O O     . HOH I 4 .  ? 9.796   -9.991  -7.227  1.00 23.49 ? 150 HOH B O     1 
HETATM 721 O O     . HOH I 4 .  ? -2.959  -2.665  13.395  1.00 25.98 ? 151 HOH B O     1 
HETATM 722 O O     . HOH I 4 .  ? -6.194  -9.875  3.624   1.00 33.10 ? 153 HOH B O     1 
HETATM 723 O O     . HOH I 4 .  ? 12.075  -10.505 -8.027  1.00 35.05 ? 159 HOH B O     1 
HETATM 724 O O     . HOH I 4 .  ? 13.969  -11.317 6.835   1.00 35.64 ? 160 HOH B O     1 
HETATM 725 O O     . HOH I 4 .  ? -10.459 -5.376  9.073   1.00 29.86 ? 161 HOH B O     1 
HETATM 726 O O     . HOH I 4 .  ? 11.296  -2.563  -13.831 1.00 34.30 ? 169 HOH B O     1 
HETATM 727 O O     . HOH I 4 .  ? 11.025  -1.022  -5.937  1.00 33.55 ? 170 HOH B O     1 
HETATM 728 O O     . HOH I 4 .  ? 6.899   -1.597  -12.829 1.00 20.39 ? 173 HOH B O     1 
HETATM 729 O O     . HOH I 4 .  ? -9.601  -0.063  -2.476  1.00 29.51 ? 175 HOH B O     1 
HETATM 730 O O     . HOH I 4 .  ? -8.623  -9.208  13.236  1.00 32.19 ? 178 HOH B O     1 
HETATM 731 O O     . HOH I 4 .  ? 13.950  -8.879  5.804   1.00 33.19 ? 181 HOH B O     1 
HETATM 732 O O     . HOH I 4 .  ? -5.077  4.929   11.955  1.00 32.09 ? 182 HOH B O     1 
HETATM 733 O O     . HOH I 4 .  ? -11.793 -0.043  -4.118  1.00 31.97 ? 184 HOH B O     1 
HETATM 734 O O     . HOH I 4 .  ? -5.490  -4.555  12.824  1.00 33.54 ? 185 HOH B O     1 
HETATM 735 O O     . HOH I 4 .  ? -2.179  9.932   10.045  1.00 31.08 ? 188 HOH B O     1 
# 
loop_
_atom_site_anisotrop.id 
_atom_site_anisotrop.type_symbol 
_atom_site_anisotrop.pdbx_label_atom_id 
_atom_site_anisotrop.pdbx_label_alt_id 
_atom_site_anisotrop.pdbx_label_comp_id 
_atom_site_anisotrop.pdbx_label_asym_id 
_atom_site_anisotrop.pdbx_label_seq_id 
_atom_site_anisotrop.pdbx_PDB_ins_code 
_atom_site_anisotrop.U[1][1] 
_atom_site_anisotrop.U[2][2] 
_atom_site_anisotrop.U[3][3] 
_atom_site_anisotrop.U[1][2] 
_atom_site_anisotrop.U[1][3] 
_atom_site_anisotrop.U[2][3] 
_atom_site_anisotrop.pdbx_auth_seq_id 
_atom_site_anisotrop.pdbx_auth_comp_id 
_atom_site_anisotrop.pdbx_auth_asym_id 
_atom_site_anisotrop.pdbx_auth_atom_id 
1   O "O5'" A DG  A 1  ? 0.1742 0.1569 0.1377 -0.0287 -0.0590 0.0339  1  DG  A "O5'" 
2   O "O5'" B DG  A 1  ? 0.1731 0.0933 0.0609 -0.0083 -0.0132 -0.0218 1  DG  A "O5'" 
3   C "C5'" . DG  A 1  ? 0.1190 0.1509 0.0727 -0.0109 -0.0254 -0.0204 1  DG  A "C5'" 
4   C "C4'" . DG  A 1  ? 0.1356 0.1066 0.0846 0.0060  -0.0336 -0.0190 1  DG  A "C4'" 
5   O "O4'" . DG  A 1  ? 0.1194 0.1452 0.0770 0.0202  -0.0291 -0.0420 1  DG  A "O4'" 
6   C "C3'" . DG  A 1  ? 0.1011 0.1045 0.0682 -0.0126 -0.0391 -0.0240 1  DG  A "C3'" 
7   O "O3'" . DG  A 1  ? 0.1088 0.1223 0.0707 -0.0205 -0.0248 -0.0344 1  DG  A "O3'" 
8   C "C2'" . DG  A 1  ? 0.0942 0.0696 0.0622 -0.0008 -0.0116 -0.0296 1  DG  A "C2'" 
9   C "C1'" . DG  A 1  ? 0.1319 0.0915 0.0746 0.0027  -0.0373 0.0014  1  DG  A "C1'" 
10  N N9    . DG  A 1  ? 0.1016 0.0916 0.0538 -0.0107 -0.0263 -0.0242 1  DG  A N9    
11  C C8    . DG  A 1  ? 0.1029 0.0878 0.0521 -0.0074 -0.0046 -0.0031 1  DG  A C8    
12  N N7    . DG  A 1  ? 0.0768 0.0840 0.0621 -0.0172 -0.0066 -0.0232 1  DG  A N7    
13  C C5    . DG  A 1  ? 0.0805 0.0727 0.0442 -0.0056 -0.0316 -0.0283 1  DG  A C5    
14  C C6    . DG  A 1  ? 0.1115 0.0655 0.0226 0.0192  -0.0262 -0.0265 1  DG  A C6    
15  O O6    . DG  A 1  ? 0.0720 0.0643 0.0673 0.0064  0.0046  -0.0103 1  DG  A O6    
16  N N1    . DG  A 1  ? 0.0888 0.0745 0.0346 0.0111  0.0018  -0.0134 1  DG  A N1    
17  C C2    . DG  A 1  ? 0.0956 0.0624 0.0576 0.0144  -0.0010 -0.0208 1  DG  A C2    
18  N N2    . DG  A 1  ? 0.1277 0.0793 0.0468 0.0104  0.0044  -0.0105 1  DG  A N2    
19  N N3    . DG  A 1  ? 0.1048 0.0797 0.0603 0.0040  -0.0004 -0.0131 1  DG  A N3    
20  C C4    . DG  A 1  ? 0.0763 0.0640 0.0710 -0.0009 -0.0060 -0.0072 1  DG  A C4    
21  P P     . DG  A 2  ? 0.1259 0.1178 0.0639 -0.0330 -0.0227 -0.0273 2  DG  A P     
22  O OP1   . DG  A 2  ? 0.1298 0.1486 0.0922 -0.0465 -0.0347 -0.0293 2  DG  A OP1   
23  O OP2   . DG  A 2  ? 0.1336 0.1256 0.0772 -0.0155 -0.0114 -0.0453 2  DG  A OP2   
24  O "O5'" . DG  A 2  ? 0.0963 0.1145 0.0712 -0.0314 -0.0076 -0.0153 2  DG  A "O5'" 
25  C "C5'" . DG  A 2  ? 0.0874 0.1333 0.1035 -0.0347 -0.0398 -0.0202 2  DG  A "C5'" 
26  C "C4'" . DG  A 2  ? 0.0994 0.1229 0.0743 -0.0364 -0.0312 -0.0052 2  DG  A "C4'" 
27  O "O4'" . DG  A 2  ? 0.0816 0.1083 0.0704 -0.0466 -0.0099 -0.0277 2  DG  A "O4'" 
28  C "C3'" . DG  A 2  ? 0.1160 0.1125 0.0662 -0.0480 -0.0094 -0.0089 2  DG  A "C3'" 
29  O "O3'" . DG  A 2  ? 0.1035 0.1140 0.0836 -0.0438 -0.0275 -0.0211 2  DG  A "O3'" 
30  C "C2'" . DG  A 2  ? 0.1081 0.0941 0.0573 -0.0372 -0.0199 -0.0164 2  DG  A "C2'" 
31  C "C1'" . DG  A 2  ? 0.0954 0.0823 0.0563 -0.0095 -0.0212 -0.0186 2  DG  A "C1'" 
32  N N9    . DG  A 2  ? 0.0762 0.0658 0.0636 -0.0244 -0.0112 -0.0296 2  DG  A N9    
33  C C8    . DG  A 2  ? 0.0574 0.0970 0.0485 -0.0203 0.0095  -0.0125 2  DG  A C8    
34  N N7    . DG  A 2  ? 0.0739 0.0901 0.0493 -0.0102 0.0000  -0.0259 2  DG  A N7    
35  C C5    . DG  A 2  ? 0.0418 0.0759 0.0566 -0.0148 -0.0006 -0.0177 2  DG  A C5    
36  C C6    . DG  A 2  ? 0.0309 0.0600 0.0691 -0.0247 0.0089  -0.0221 2  DG  A C6    
37  O O6    . DG  A 2  ? 0.0759 0.0703 0.0373 0.0060  -0.0042 -0.0289 2  DG  A O6    
38  N N1    . DG  A 2  ? 0.0444 0.0733 0.0452 -0.0072 0.0069  -0.0240 2  DG  A N1    
39  C C2    . DG  A 2  ? 0.0590 0.0668 0.0653 0.0005  0.0132  -0.0155 2  DG  A C2    
40  N N2    . DG  A 2  ? 0.0819 0.0831 0.0463 -0.0057 0.0176  -0.0229 2  DG  A N2    
41  N N3    . DG  A 2  ? 0.0629 0.0657 0.0634 -0.0091 -0.0195 -0.0266 2  DG  A N3    
42  C C4    . DG  A 2  ? 0.0653 0.0734 0.0403 -0.0102 -0.0055 -0.0260 2  DG  A C4    
43  P P     . DG  A 3  ? 0.1095 0.1044 0.0973 -0.0413 -0.0097 -0.0260 3  DG  A P     
44  O OP1   . DG  A 3  ? 0.1306 0.1505 0.1274 -0.0712 -0.0195 -0.0109 3  DG  A OP1   
45  O OP2   . DG  A 3  ? 0.1464 0.0709 0.1219 -0.0358 -0.0167 -0.0204 3  DG  A OP2   
46  O "O5'" . DG  A 3  ? 0.1045 0.1022 0.1068 -0.0434 -0.0269 -0.0027 3  DG  A "O5'" 
47  C "C5'" . DG  A 3  ? 0.0792 0.1153 0.0949 -0.0275 -0.0238 -0.0002 3  DG  A "C5'" 
48  C "C4'" . DG  A 3  ? 0.0768 0.1040 0.0877 -0.0208 -0.0135 -0.0257 3  DG  A "C4'" 
49  O "O4'" . DG  A 3  ? 0.0682 0.0877 0.0733 -0.0106 0.0143  -0.0177 3  DG  A "O4'" 
50  C "C3'" . DG  A 3  ? 0.0903 0.0923 0.0831 -0.0172 0.0047  0.0059  3  DG  A "C3'" 
51  O "O3'" . DG  A 3  ? 0.1004 0.1268 0.1080 -0.0547 -0.0146 0.0201  3  DG  A "O3'" 
52  C "C2'" . DG  A 3  ? 0.0775 0.0709 0.0985 -0.0178 -0.0150 -0.0247 3  DG  A "C2'" 
53  C "C1'" . DG  A 3  ? 0.0615 0.1142 0.0680 -0.0277 0.0034  0.0011  3  DG  A "C1'" 
54  N N9    . DG  A 3  ? 0.0651 0.0810 0.0439 -0.0217 0.0080  -0.0192 3  DG  A N9    
55  C C8    . DG  A 3  ? 0.0872 0.0654 0.0572 -0.0125 0.0134  -0.0219 3  DG  A C8    
56  N N7    . DG  A 3  ? 0.0710 0.0632 0.0363 -0.0077 0.0050  -0.0167 3  DG  A N7    
57  C C5    . DG  A 3  ? 0.0633 0.0553 0.0597 -0.0122 0.0063  -0.0113 3  DG  A C5    
58  C C6    . DG  A 3  ? 0.0552 0.0404 0.0595 -0.0230 -0.0128 -0.0231 3  DG  A C6    
59  O O6    . DG  A 3  ? 0.0805 0.0604 0.0353 0.0040  -0.0036 -0.0144 3  DG  A O6    
60  N N1    . DG  A 3  ? 0.0621 0.0680 0.0394 -0.0046 -0.0079 -0.0251 3  DG  A N1    
61  C C2    . DG  A 3  ? 0.0704 0.0439 0.0643 -0.0056 -0.0011 -0.0382 3  DG  A C2    
62  N N2    . DG  A 3  ? 0.0755 0.0771 0.0539 -0.0213 0.0030  -0.0361 3  DG  A N2    
63  N N3    . DG  A 3  ? 0.0600 0.0684 0.0530 -0.0040 0.0151  -0.0112 3  DG  A N3    
64  C C4    . DG  A 3  ? 0.0530 0.0598 0.0542 -0.0074 0.0060  -0.0281 3  DG  A C4    
65  P P     . DG  A 4  ? 0.1514 0.1188 0.1225 -0.0618 -0.0254 0.0083  4  DG  A P     
66  O OP1   . DG  A 4  ? 0.1943 0.2545 0.1430 -0.1549 -0.0279 0.0985  4  DG  A OP1   
67  O OP2   . DG  A 4  ? 0.2147 0.1362 0.1226 -0.0187 -0.0617 0.0181  4  DG  A OP2   
68  O "O5'" . DG  A 4  ? 0.1473 0.1208 0.0834 -0.0430 -0.0173 -0.0041 4  DG  A "O5'" 
69  C "C5'" . DG  A 4  ? 0.1063 0.1415 0.0979 -0.0450 0.0167  0.0133  4  DG  A "C5'" 
70  C "C4'" . DG  A 4  ? 0.0802 0.1116 0.0807 -0.0283 0.0183  0.0010  4  DG  A "C4'" 
71  O "O4'" . DG  A 4  ? 0.0976 0.0914 0.0659 -0.0270 0.0171  -0.0006 4  DG  A "O4'" 
72  C "C3'" . DG  A 4  ? 0.1024 0.0846 0.0685 -0.0321 -0.0070 0.0014  4  DG  A "C3'" 
73  O "O3'" . DG  A 4  ? 0.1191 0.1041 0.0629 -0.0248 0.0054  0.0118  4  DG  A "O3'" 
74  C "C2'" . DG  A 4  ? 0.1114 0.0784 0.0964 -0.0257 0.0374  0.0126  4  DG  A "C2'" 
75  C "C1'" . DG  A 4  ? 0.0657 0.0872 0.0841 -0.0074 0.0052  -0.0059 4  DG  A "C1'" 
76  N N9    . DG  A 4  ? 0.0840 0.0718 0.0516 -0.0115 0.0227  -0.0036 4  DG  A N9    
77  C C8    . DG  A 4  ? 0.0936 0.0711 0.0484 -0.0093 0.0106  -0.0033 4  DG  A C8    
78  N N7    . DG  A 4  ? 0.0784 0.0645 0.0460 -0.0136 0.0039  -0.0197 4  DG  A N7    
79  C C5    . DG  A 4  ? 0.0863 0.0680 0.0255 -0.0076 0.0112  -0.0027 4  DG  A C5    
80  C C6    . DG  A 4  ? 0.0833 0.0653 0.0105 0.0061  0.0179  -0.0069 4  DG  A C6    
81  O O6    . DG  A 4  ? 0.0629 0.0610 0.0610 -0.0012 -0.0149 -0.0257 4  DG  A O6    
82  N N1    . DG  A 4  ? 0.0834 0.0614 0.0330 -0.0014 -0.0017 -0.0203 4  DG  A N1    
83  C C2    . DG  A 4  ? 0.0751 0.0654 0.0497 0.0054  -0.0089 -0.0233 4  DG  A C2    
84  N N2    . DG  A 4  ? 0.0947 0.0756 0.0437 0.0025  -0.0048 -0.0120 4  DG  A N2    
85  N N3    . DG  A 4  ? 0.0699 0.0623 0.0593 -0.0139 -0.0067 0.0003  4  DG  A N3    
86  C C4    . DG  A 4  ? 0.0682 0.0460 0.0727 -0.0178 0.0142  -0.0123 4  DG  A C4    
87  P P     . DT  A 5  ? 0.1423 0.0993 0.0918 -0.0388 -0.0065 0.0270  5  DT  A P     
88  O OP1   . DT  A 5  ? 0.1552 0.1662 0.1026 -0.0448 0.0024  0.0630  5  DT  A OP1   
89  O OP2   . DT  A 5  ? 0.2378 0.1009 0.1275 -0.0697 -0.0362 0.0113  5  DT  A OP2   
90  O "O5'" . DT  A 5  ? 0.1398 0.0801 0.0961 -0.0045 0.0068  0.0232  5  DT  A "O5'" 
91  C "C5'" . DT  A 5  ? 0.1697 0.1044 0.0584 -0.0038 -0.0373 0.0175  5  DT  A "C5'" 
92  C "C4'" . DT  A 5  ? 0.1299 0.0859 0.0625 -0.0194 0.0025  -0.0030 5  DT  A "C4'" 
93  O "O4'" . DT  A 5  ? 0.1423 0.0809 0.0562 -0.0007 -0.0050 -0.0104 5  DT  A "O4'" 
94  C "C3'" . DT  A 5  ? 0.1136 0.1408 0.0615 -0.0137 0.0094  -0.0078 5  DT  A "C3'" 
95  O "O3'" . DT  A 5  ? 0.1337 0.1297 0.0632 0.0070  0.0060  0.0048  5  DT  A "O3'" 
96  C "C2'" . DT  A 5  ? 0.1409 0.0824 0.0670 -0.0028 -0.0112 0.0049  5  DT  A "C2'" 
97  C "C1'" . DT  A 5  ? 0.1883 0.0792 0.0424 0.0072  -0.0245 0.0063  5  DT  A "C1'" 
98  N N1    . DT  A 5  ? 0.1931 0.0966 0.0595 0.0095  -0.0302 -0.0239 5  DT  A N1    
99  C C2    . DT  A 5  ? 0.1657 0.0861 0.0682 0.0072  0.0017  -0.0404 5  DT  A C2    
100 O O2    . DT  A 5  ? 0.1820 0.1107 0.0856 0.0032  -0.0002 0.0014  5  DT  A O2    
101 N N3    . DT  A 5  ? 0.2163 0.0875 0.0615 -0.0115 -0.0084 -0.0034 5  DT  A N3    
102 C C4    . DT  A 5  ? 0.1280 0.0730 0.0762 0.0130  0.0080  -0.0092 5  DT  A C4    
103 O O4    . DT  A 5  ? 0.2245 0.1055 0.1035 0.0330  0.0385  -0.0053 5  DT  A O4    
104 C C5    . DT  A 5  ? 0.1464 0.1178 0.0835 -0.0237 0.0121  -0.0221 5  DT  A C5    
105 C C7    . DT  A 5  ? 0.2298 0.1204 0.0992 -0.0136 0.0085  -0.0173 5  DT  A C7    
106 C C6    . DT  A 5  ? 0.1711 0.0757 0.0757 0.0331  -0.0297 -0.0081 5  DT  A C6    
107 P P     . DT  A 6  ? 0.1345 0.1589 0.0614 -0.0032 0.0039  0.0216  6  DT  A P     
108 O OP1   . DT  A 6  ? 0.1462 0.2336 0.0770 0.0352  0.0159  0.0468  6  DT  A OP1   
109 O OP2   . DT  A 6  ? 0.1854 0.1036 0.0803 -0.0179 0.0298  -0.0104 6  DT  A OP2   
110 O "O5'" . DT  A 6  ? 0.1549 0.1272 0.0564 -0.0426 0.0002  0.0155  6  DT  A "O5'" 
111 C "C5'" . DT  A 6  ? 0.1632 0.1348 0.0589 -0.0015 -0.0338 -0.0104 6  DT  A "C5'" 
112 C "C4'" . DT  A 6  ? 0.1280 0.1139 0.0564 -0.0226 -0.0024 -0.0175 6  DT  A "C4'" 
113 O "O4'" . DT  A 6  ? 0.1199 0.0716 0.0662 0.0003  -0.0082 -0.0149 6  DT  A "O4'" 
114 C "C3'" . DT  A 6  ? 0.1030 0.1200 0.0871 -0.0170 -0.0157 0.0189  6  DT  A "C3'" 
115 O "O3'" . DT  A 6  ? 0.0989 0.1570 0.1403 -0.0038 -0.0274 0.0190  6  DT  A "O3'" 
116 C "C2'" . DT  A 6  ? 0.0796 0.1250 0.0779 -0.0036 0.0045  -0.0119 6  DT  A "C2'" 
117 C "C1'" . DT  A 6  ? 0.1134 0.0685 0.0516 -0.0189 0.0174  -0.0305 6  DT  A "C1'" 
118 N N1    . DT  A 6  ? 0.1019 0.0624 0.0462 0.0213  0.0154  -0.0053 6  DT  A N1    
119 C C2    . DT  A 6  ? 0.0988 0.0483 0.0852 0.0036  0.0141  -0.0064 6  DT  A C2    
120 O O2    . DT  A 6  ? 0.1198 0.0709 0.0689 -0.0072 0.0049  -0.0104 6  DT  A O2    
121 N N3    . DT  A 6  ? 0.0955 0.0665 0.0599 -0.0074 0.0253  -0.0045 6  DT  A N3    
122 C C4    . DT  A 6  ? 0.0792 0.0662 0.1001 0.0058  0.0020  -0.0401 6  DT  A C4    
123 O O4    . DT  A 6  ? 0.1140 0.0767 0.0926 -0.0261 0.0076  -0.0273 6  DT  A O4    
124 C C5    . DT  A 6  ? 0.1059 0.0604 0.0665 -0.0017 0.0118  -0.0128 6  DT  A C5    
125 C C7    . DT  A 6  ? 0.1500 0.0824 0.0920 -0.0074 0.0212  0.0107  6  DT  A C7    
126 C C6    . DT  A 6  ? 0.0928 0.0741 0.0600 0.0099  0.0150  -0.0212 6  DT  A C6    
127 P P     . DT  A 7  ? 0.1109 0.1790 0.1166 0.0052  -0.0153 0.0001  7  DT  A P     
128 O OP1   . DT  A 7  ? 0.1523 0.2073 0.1587 0.0089  -0.0304 -0.0181 7  DT  A OP1   
129 O OP2   . DT  A 7  ? 0.1338 0.2124 0.1316 0.0455  -0.0011 0.0179  7  DT  A OP2   
130 O "O5'" . DT  A 7  ? 0.1090 0.1611 0.1180 0.0089  0.0017  0.0079  7  DT  A "O5'" 
131 C "C5'" . DT  A 7  ? 0.1938 0.1122 0.1179 0.0360  -0.0047 -0.0038 7  DT  A "C5'" 
132 C "C4'" . DT  A 7  ? 0.1062 0.1242 0.1317 -0.0035 -0.0225 -0.0324 7  DT  A "C4'" 
133 O "O4'" . DT  A 7  ? 0.1052 0.0907 0.1378 0.0108  -0.0211 -0.0167 7  DT  A "O4'" 
134 C "C3'" . DT  A 7  ? 0.0937 0.1358 0.1162 -0.0228 0.0308  -0.0034 7  DT  A "C3'" 
135 O "O3'" . DT  A 7  ? 0.0989 0.1343 0.1487 -0.0299 0.0198  -0.0191 7  DT  A "O3'" 
136 C "C2'" . DT  A 7  ? 0.1075 0.1108 0.1970 -0.0341 0.0544  -0.0451 7  DT  A "C2'" 
137 C "C1'" . DT  A 7  ? 0.1033 0.1191 0.0958 -0.0126 0.0067  -0.0112 7  DT  A "C1'" 
138 N N1    . DT  A 7  ? 0.1109 0.0659 0.1251 -0.0031 0.0013  0.0028  7  DT  A N1    
139 C C2    . DT  A 7  ? 0.1379 0.0554 0.0908 -0.0069 0.0174  -0.0016 7  DT  A C2    
140 O O2    . DT  A 7  ? 0.1182 0.0891 0.1125 -0.0018 0.0180  0.0002  7  DT  A O2    
141 N N3    . DT  A 7  ? 0.1086 0.0672 0.0929 0.0100  0.0194  -0.0114 7  DT  A N3    
142 C C4    . DT  A 7  ? 0.1037 0.0675 0.1108 0.0128  0.0088  0.0014  7  DT  A C4    
143 O O4    . DT  A 7  ? 0.1159 0.0788 0.1237 0.0122  0.0248  -0.0227 7  DT  A O4    
144 C C5    . DT  A 7  ? 0.1059 0.0888 0.0985 0.0110  0.0253  -0.0081 7  DT  A C5    
145 C C7    . DT  A 7  ? 0.1369 0.1043 0.1467 0.0271  0.0571  0.0160  7  DT  A C7    
146 C C6    . DT  A 7  ? 0.0989 0.0674 0.1079 -0.0050 0.0286  -0.0154 7  DT  A C6    
147 P P     . DT  A 8  ? 0.1271 0.2087 0.1637 -0.0667 -0.0047 0.0158  8  DT  A P     
148 O OP1   . DT  A 8  ? 0.2688 0.2877 0.1331 -0.1641 -0.0465 0.0315  8  DT  A OP1   
149 O OP2   . DT  A 8  ? 0.1468 0.3126 0.2643 -0.0546 -0.0184 0.0906  8  DT  A OP2   
150 O "O5'" . DT  A 8  ? 0.1580 0.1594 0.1318 -0.0734 0.0308  -0.0036 8  DT  A "O5'" 
151 C "C5'" . DT  A 8  ? 0.1240 0.1717 0.1844 -0.0656 0.0336  -0.0403 8  DT  A "C5'" 
152 C "C4'" . DT  A 8  ? 0.1156 0.1104 0.1475 -0.0355 0.0038  -0.0260 8  DT  A "C4'" 
153 O "O4'" . DT  A 8  ? 0.0966 0.1240 0.1422 -0.0042 0.0328  -0.0299 8  DT  A "O4'" 
154 C "C3'" . DT  A 8  ? 0.0996 0.1632 0.1333 -0.0055 0.0324  -0.0458 8  DT  A "C3'" 
155 O "O3'" . DT  A 8  ? 0.1096 0.1449 0.1146 -0.0059 0.0255  -0.0313 8  DT  A "O3'" 
156 C "C2'" . DT  A 8  ? 0.0929 0.1361 0.1389 0.0106  0.0014  -0.0573 8  DT  A "C2'" 
157 C "C1'" . DT  A 8  ? 0.1025 0.0898 0.1361 -0.0110 0.0077  -0.0203 8  DT  A "C1'" 
158 N N1    . DT  A 8  ? 0.1009 0.0991 0.1215 -0.0007 0.0296  0.0109  8  DT  A N1    
159 C C2    . DT  A 8  ? 0.0888 0.1059 0.1473 -0.0020 0.0057  -0.0037 8  DT  A C2    
160 O O2    . DT  A 8  ? 0.1058 0.1288 0.1484 -0.0133 0.0122  0.0089  8  DT  A O2    
161 N N3    . DT  A 8  ? 0.1099 0.0928 0.1282 0.0008  0.0310  -0.0031 8  DT  A N3    
162 C C4    . DT  A 8  ? 0.0580 0.1066 0.1569 -0.0164 0.0088  -0.0252 8  DT  A C4    
163 O O4    . DT  A 8  ? 0.0886 0.1171 0.1513 -0.0212 0.0138  -0.0072 8  DT  A O4    
164 C C5    . DT  A 8  ? 0.0881 0.1232 0.1311 -0.0259 0.0040  -0.0110 8  DT  A C5    
165 C C7    . DT  A 8  ? 0.1289 0.1576 0.1785 -0.0705 0.0099  0.0156  8  DT  A C7    
166 C C6    . DT  A 8  ? 0.0847 0.1168 0.1394 0.0019  0.0323  -0.0086 8  DT  A C6    
167 P P     . DG  A 9  ? 0.1363 0.1813 0.1372 -0.0023 0.0165  -0.0892 9  DG  A P     
168 O OP1   . DG  A 9  ? 0.1828 0.2833 0.1013 0.0214  0.0422  -0.1004 9  DG  A OP1   
169 O OP2   . DG  A 9  ? 0.1533 0.1553 0.2606 -0.0478 0.0216  -0.0844 9  DG  A OP2   
170 O "O5'" . DG  A 9  ? 0.1246 0.1389 0.1147 -0.0217 0.0184  -0.0578 9  DG  A "O5'" 
171 C "C5'" . DG  A 9  ? 0.1259 0.1387 0.0882 -0.0201 -0.0040 -0.0390 9  DG  A "C5'" 
172 C "C4'" . DG  A 9  ? 0.1269 0.1639 0.0776 -0.0316 0.0392  -0.0332 9  DG  A "C4'" 
173 O "O4'" . DG  A 9  ? 0.0795 0.1097 0.0830 -0.0113 0.0184  -0.0207 9  DG  A "O4'" 
174 C "C3'" . DG  A 9  ? 0.1034 0.1495 0.0939 -0.0193 0.0308  -0.0050 9  DG  A "C3'" 
175 O "O3'" . DG  A 9  ? 0.1020 0.1879 0.1057 -0.0315 0.0220  -0.0023 9  DG  A "O3'" 
176 C "C2'" . DG  A 9  ? 0.1048 0.1291 0.0769 -0.0306 0.0176  -0.0023 9  DG  A "C2'" 
177 C "C1'" . DG  A 9  ? 0.1031 0.1067 0.0696 -0.0010 0.0181  -0.0020 9  DG  A "C1'" 
178 N N9    . DG  A 9  ? 0.0715 0.0909 0.0616 -0.0062 0.0127  -0.0175 9  DG  A N9    
179 C C8    . DG  A 9  ? 0.0590 0.0962 0.0778 -0.0025 0.0046  -0.0108 9  DG  A C8    
180 N N7    . DG  A 9  ? 0.0646 0.0833 0.0736 -0.0131 -0.0032 -0.0226 9  DG  A N7    
181 C C5    . DG  A 9  ? 0.0610 0.0794 0.0551 0.0112  0.0114  -0.0069 9  DG  A C5    
182 C C6    . DG  A 9  ? 0.0693 0.0771 0.0464 0.0243  0.0204  -0.0234 9  DG  A C6    
183 O O6    . DG  A 9  ? 0.0592 0.0813 0.0590 -0.0041 0.0070  -0.0253 9  DG  A O6    
184 N N1    . DG  A 9  ? 0.0720 0.0790 0.0435 0.0007  0.0005  -0.0174 9  DG  A N1    
185 C C2    . DG  A 9  ? 0.0757 0.0768 0.0717 0.0012  -0.0192 -0.0375 9  DG  A C2    
186 N N2    . DG  A 9  ? 0.0806 0.0869 0.0721 -0.0062 -0.0001 -0.0054 9  DG  A N2    
187 N N3    . DG  A 9  ? 0.0671 0.0901 0.0735 -0.0119 0.0142  -0.0129 9  DG  A N3    
188 C C4    . DG  A 9  ? 0.0641 0.0630 0.0817 -0.0163 0.0003  -0.0135 9  DG  A C4    
189 P P     . DG  A 10 ? 0.1404 0.1723 0.0944 -0.0459 0.0382  -0.0008 10 DG  A P     
190 O OP1   . DG  A 10 ? 0.1917 0.1723 0.1680 -0.0639 0.0912  0.0022  10 DG  A OP1   
191 O OP2   . DG  A 10 ? 0.1958 0.1551 0.1137 -0.0359 0.0335  -0.0009 10 DG  A OP2   
192 O "O5'" . DG  A 10 ? 0.1600 0.3275 0.1028 -0.1502 0.0310  -0.0166 10 DG  A "O5'" 
193 C "C5'" . DG  A 10 ? 0.2001 0.2346 0.2429 -0.0873 0.1121  -0.0211 10 DG  A "C5'" 
194 C "C4'" . DG  A 10 ? 0.0969 0.1169 0.1479 -0.0182 0.0418  -0.0303 10 DG  A "C4'" 
195 O "O4'" . DG  A 10 ? 0.0707 0.1018 0.1337 -0.0273 0.0291  -0.0017 10 DG  A "O4'" 
196 C "C3'" . DG  A 10 ? 0.1562 0.2012 0.2417 -0.0517 0.1409  0.0059  10 DG  A "C3'" 
197 O "O3'" . DG  A 10 ? 0.1777 0.2341 0.2897 -0.1233 0.1398  -0.1740 10 DG  A "O3'" 
198 C "C2'" . DG  A 10 ? 0.1308 0.1096 0.2604 -0.0198 0.0910  0.0456  10 DG  A "C2'" 
199 C "C1'" . DG  A 10 ? 0.0854 0.1205 0.0983 -0.0154 0.0295  -0.0017 10 DG  A "C1'" 
200 N N9    . DG  A 10 ? 0.0487 0.0925 0.0743 -0.0304 0.0068  -0.0019 10 DG  A N9    
201 C C8    . DG  A 10 ? 0.0537 0.0822 0.0761 -0.0212 0.0129  -0.0179 10 DG  A C8    
202 N N7    . DG  A 10 ? 0.0778 0.0755 0.0459 0.0000  -0.0051 -0.0132 10 DG  A N7    
203 C C5    . DG  A 10 ? 0.0526 0.0529 0.0763 -0.0147 0.0018  -0.0088 10 DG  A C5    
204 C C6    . DG  A 10 ? 0.0549 0.0546 0.0701 -0.0338 -0.0124 -0.0086 10 DG  A C6    
205 O O6    . DG  A 10 ? 0.0719 0.0644 0.0424 0.0025  0.0057  -0.0113 10 DG  A O6    
206 N N1    . DG  A 10 ? 0.0634 0.0673 0.0473 -0.0066 -0.0100 -0.0098 10 DG  A N1    
207 C C2    . DG  A 10 ? 0.0599 0.0651 0.0860 -0.0273 -0.0128 -0.0309 10 DG  A C2    
208 N N2    . DG  A 10 ? 0.0829 0.1024 0.0537 -0.0285 -0.0078 -0.0238 10 DG  A N2    
209 N N3    . DG  A 10 ? 0.0649 0.0920 0.0578 -0.0280 0.0061  -0.0243 10 DG  A N3    
210 C C4    . DG  A 10 ? 0.0620 0.0765 0.0681 -0.0119 0.0209  -0.0002 10 DG  A C4    
211 P P     . DG  A 11 ? 0.1973 0.1853 0.4125 -0.1339 0.2085  -0.1783 11 DG  A P     
212 O OP1   . DG  A 11 ? 0.1624 0.2163 0.1516 -0.0548 -0.0578 -0.1146 11 DG  A OP1   
213 O OP2   . DG  A 11 ? 0.0592 0.3017 0.3115 -0.1185 0.0730  -0.1608 11 DG  A OP2   
214 O "O5'" . DG  A 11 ? 0.1354 0.1918 0.1056 0.0017  0.0329  -0.0042 11 DG  A "O5'" 
215 C "C5'" . DG  A 11 ? 0.0886 0.1790 0.1618 -0.0269 0.0330  -0.0695 11 DG  A "C5'" 
216 C "C4'" . DG  A 11 ? 0.1047 0.1400 0.1335 -0.0593 0.0238  -0.0354 11 DG  A "C4'" 
217 O "O4'" . DG  A 11 ? 0.1020 0.1060 0.1416 -0.0415 0.0048  -0.0181 11 DG  A "O4'" 
218 C "C3'" . DG  A 11 ? 0.1244 0.1496 0.1195 -0.0881 -0.0062 -0.0344 11 DG  A "C3'" 
219 O "O3'" . DG  A 11 ? 0.1469 0.1422 0.1432 -0.0802 0.0119  -0.0817 11 DG  A "O3'" 
220 C "C2'" . DG  A 11 ? 0.1102 0.0945 0.0847 -0.0427 -0.0029 -0.0207 11 DG  A "C2'" 
221 C "C1'" . DG  A 11 ? 0.0959 0.0891 0.0891 -0.0239 -0.0139 -0.0144 11 DG  A "C1'" 
222 N N9    . DG  A 11 ? 0.0847 0.0650 0.0725 -0.0407 -0.0001 -0.0124 11 DG  A N9    
223 C C8    . DG  A 11 ? 0.0931 0.0662 0.0763 -0.0263 -0.0129 -0.0076 11 DG  A C8    
224 N N7    . DG  A 11 ? 0.0977 0.0735 0.0436 -0.0204 -0.0030 -0.0085 11 DG  A N7    
225 C C5    . DG  A 11 ? 0.0542 0.0436 0.0887 -0.0265 -0.0065 -0.0193 11 DG  A C5    
226 C C6    . DG  A 11 ? 0.0323 0.0475 0.0929 -0.0175 0.0008  -0.0013 11 DG  A C6    
227 O O6    . DG  A 11 ? 0.0644 0.0668 0.0552 0.0015  -0.0126 -0.0190 11 DG  A O6    
228 N N1    . DG  A 11 ? 0.0598 0.0626 0.0591 -0.0161 0.0059  -0.0039 11 DG  A N1    
229 C C2    . DG  A 11 ? 0.0749 0.0747 0.0627 -0.0067 0.0099  -0.0184 11 DG  A C2    
230 N N2    . DG  A 11 ? 0.0862 0.0798 0.0669 -0.0076 0.0170  -0.0116 11 DG  A N2    
231 N N3    . DG  A 11 ? 0.0803 0.0634 0.0880 -0.0142 -0.0049 -0.0167 11 DG  A N3    
232 C C4    . DG  A 11 ? 0.0666 0.0587 0.0555 -0.0047 -0.0043 -0.0199 11 DG  A C4    
233 P P     . DG  A 12 ? 0.2371 0.1488 0.1564 -0.1211 0.0400  -0.0645 12 DG  A P     
234 O OP1   . DG  A 12 ? 0.2964 0.2485 0.2092 -0.2080 0.0037  -0.0488 12 DG  A OP1   
235 O OP2   . DG  A 12 ? 0.3150 0.1384 0.1194 -0.1022 0.0487  -0.0208 12 DG  A OP2   
236 O "O5'" . DG  A 12 ? 0.2040 0.0966 0.1371 -0.0650 0.0050  -0.0392 12 DG  A "O5'" 
237 C "C5'" . DG  A 12 ? 0.1620 0.1273 0.1005 -0.0596 0.0004  -0.0482 12 DG  A "C5'" 
238 C "C4'" . DG  A 12 ? 0.1604 0.0647 0.0830 -0.0246 -0.0327 -0.0308 12 DG  A "C4'" 
239 O "O4'" . DG  A 12 ? 0.1426 0.0708 0.0944 -0.0230 -0.0292 -0.0208 12 DG  A "O4'" 
240 C "C3'" . DG  A 12 ? 0.2271 0.0889 0.0864 -0.0360 -0.0168 -0.0393 12 DG  A "C3'" 
242 C "C2'" . DG  A 12 ? 0.1915 0.0706 0.1219 -0.0139 -0.0226 -0.0095 12 DG  A "C2'" 
243 C "C1'" . DG  A 12 ? 0.1674 0.0547 0.1075 -0.0393 -0.0015 -0.0162 12 DG  A "C1'" 
244 N N9    . DG  A 12 ? 0.1365 0.0583 0.0674 -0.0217 -0.0117 -0.0168 12 DG  A N9    
245 C C8    . DG  A 12 ? 0.1220 0.0740 0.0793 -0.0103 -0.0254 -0.0200 12 DG  A C8    
246 N N7    . DG  A 12 ? 0.1088 0.0761 0.0752 -0.0074 0.0063  -0.0155 12 DG  A N7    
247 C C5    . DG  A 12 ? 0.1054 0.0534 0.0817 -0.0144 -0.0163 -0.0140 12 DG  A C5    
248 C C6    . DG  A 12 ? 0.0925 0.0634 0.0494 0.0040  -0.0152 -0.0192 12 DG  A C6    
249 O O6    . DG  A 12 ? 0.0884 0.0745 0.0616 0.0022  -0.0145 -0.0103 12 DG  A O6    
250 N N1    . DG  A 12 ? 0.1091 0.0649 0.0533 0.0099  -0.0209 -0.0162 12 DG  A N1    
251 C C2    . DG  A 12 ? 0.0875 0.0721 0.0703 0.0094  -0.0249 -0.0224 12 DG  A C2    
252 N N2    . DG  A 12 ? 0.1179 0.0835 0.0569 0.0081  -0.0009 -0.0144 12 DG  A N2    
253 N N3    . DG  A 12 ? 0.1207 0.0597 0.0725 -0.0121 -0.0285 -0.0099 12 DG  A N3    
254 C C4    . DG  A 12 ? 0.0915 0.0587 0.0681 0.0018  -0.0340 -0.0079 12 DG  A C4    
255 O "O5'" . DG  B 1  ? 0.1570 0.2751 0.1744 -0.1140 0.0535  -0.0954 1  DG  B "O5'" 
256 C "C5'" . DG  B 1  ? 0.0930 0.2718 0.1293 -0.0694 0.0037  -0.0775 1  DG  B "C5'" 
257 C "C4'" . DG  B 1  ? 0.0824 0.1872 0.1071 -0.0261 -0.0011 -0.0601 1  DG  B "C4'" 
258 O "O4'" . DG  B 1  ? 0.0848 0.1439 0.0863 -0.0179 -0.0220 -0.0383 1  DG  B "O4'" 
259 C "C3'" . DG  B 1  ? 0.1123 0.1787 0.0974 -0.0426 -0.0210 -0.0482 1  DG  B "C3'" 
260 O "O3'" . DG  B 1  ? 0.0823 0.1607 0.0856 -0.0386 -0.0245 -0.0563 1  DG  B "O3'" 
261 C "C2'" . DG  B 1  ? 0.1035 0.1315 0.0754 -0.0388 -0.0203 -0.0338 1  DG  B "C2'" 
262 C "C1'" . DG  B 1  ? 0.0667 0.1397 0.0738 -0.0222 -0.0202 -0.0328 1  DG  B "C1'" 
263 N N9    . DG  B 1  ? 0.0709 0.0993 0.0582 -0.0217 -0.0078 -0.0332 1  DG  B N9    
264 C C8    . DG  B 1  ? 0.0901 0.1051 0.0423 -0.0237 0.0001  -0.0203 1  DG  B C8    
265 N N7    . DG  B 1  ? 0.0789 0.0850 0.0431 -0.0111 0.0017  -0.0197 1  DG  B N7    
266 C C5    . DG  B 1  ? 0.0689 0.0856 0.0564 -0.0218 -0.0243 -0.0248 1  DG  B C5    
267 C C6    . DG  B 1  ? 0.0512 0.0635 0.0827 -0.0124 -0.0276 -0.0176 1  DG  B C6    
268 O O6    . DG  B 1  ? 0.0788 0.0607 0.0453 -0.0027 0.0004  -0.0103 1  DG  B O6    
269 N N1    . DG  B 1  ? 0.0612 0.0671 0.0715 -0.0230 0.0053  -0.0177 1  DG  B N1    
270 C C2    . DG  B 1  ? 0.0699 0.0798 0.0759 -0.0160 0.0208  -0.0125 1  DG  B C2    
271 N N2    . DG  B 1  ? 0.0888 0.1077 0.0877 -0.0378 0.0068  -0.0292 1  DG  B N2    
272 N N3    . DG  B 1  ? 0.0801 0.1272 0.0582 -0.0203 -0.0069 -0.0367 1  DG  B N3    
273 C C4    . DG  B 1  ? 0.0721 0.0964 0.0513 -0.0144 -0.0004 -0.0150 1  DG  B C4    
274 P P     . DG  B 2  ? 0.1020 0.1387 0.0951 -0.0399 -0.0253 -0.0462 2  DG  B P     
275 O OP1   . DG  B 2  ? 0.1102 0.1644 0.1123 -0.0438 -0.0225 -0.0678 2  DG  B OP1   
276 O OP2   . DG  B 2  ? 0.0983 0.1655 0.1679 -0.0472 -0.0290 -0.0531 2  DG  B OP2   
277 O "O5'" . DG  B 2  ? 0.0984 0.1334 0.0771 -0.0402 -0.0244 -0.0269 2  DG  B "O5'" 
278 C "C5'" . DG  B 2  ? 0.0794 0.1362 0.0603 -0.0137 -0.0084 -0.0336 2  DG  B "C5'" 
279 C "C4'" . DG  B 2  ? 0.0809 0.0912 0.0468 -0.0057 -0.0202 -0.0343 2  DG  B "C4'" 
280 O "O4'" . DG  B 2  ? 0.0940 0.0793 0.0426 -0.0041 -0.0152 -0.0314 2  DG  B "O4'" 
281 C "C3'" . DG  B 2  ? 0.0936 0.0828 0.0493 0.0044  -0.0162 -0.0208 2  DG  B "C3'" 
282 O "O3'" . DG  B 2  ? 0.0957 0.0621 0.0463 0.0001  -0.0011 -0.0244 2  DG  B "O3'" 
283 C "C2'" . DG  B 2  ? 0.1120 0.0693 0.0419 -0.0135 -0.0191 -0.0254 2  DG  B "C2'" 
284 C "C1'" . DG  B 2  ? 0.0926 0.0837 0.0531 0.0060  -0.0215 -0.0163 2  DG  B "C1'" 
285 N N9    . DG  B 2  ? 0.0928 0.0918 0.0219 -0.0135 -0.0020 -0.0263 2  DG  B N9    
286 C C8    . DG  B 2  ? 0.0920 0.0892 0.0336 -0.0076 -0.0065 -0.0204 2  DG  B C8    
287 N N7    . DG  B 2  ? 0.0595 0.0928 0.0411 -0.0243 -0.0035 -0.0177 2  DG  B N7    
288 C C5    . DG  B 2  ? 0.0708 0.0852 0.0134 0.0073  0.0026  -0.0244 2  DG  B C5    
289 C C6    . DG  B 2  ? 0.0738 0.0616 0.0133 -0.0079 0.0134  -0.0132 2  DG  B C6    
290 O O6    . DG  B 2  ? 0.0582 0.0539 0.0446 -0.0052 -0.0096 -0.0185 2  DG  B O6    
291 N N1    . DG  B 2  ? 0.0807 0.0554 0.0367 -0.0084 0.0001  -0.0190 2  DG  B N1    
292 C C2    . DG  B 2  ? 0.0707 0.0567 0.0265 -0.0051 0.0036  -0.0091 2  DG  B C2    
293 N N2    . DG  B 2  ? 0.0833 0.0617 0.0369 -0.0093 -0.0013 -0.0186 2  DG  B N2    
294 N N3    . DG  B 2  ? 0.0736 0.0652 0.0386 -0.0184 -0.0074 -0.0230 2  DG  B N3    
295 C C4    . DG  B 2  ? 0.0683 0.0675 0.0366 -0.0069 -0.0199 -0.0249 2  DG  B C4    
296 P P     . DG  B 3  ? 0.1118 0.0616 0.0340 0.0068  -0.0119 -0.0238 3  DG  B P     
297 O OP1   . DG  B 3  ? 0.1366 0.0741 0.0561 0.0301  -0.0200 -0.0288 3  DG  B OP1   
298 O OP2   . DG  B 3  ? 0.1478 0.0744 0.0498 0.0036  -0.0070 -0.0268 3  DG  B OP2   
299 O "O5'" . DG  B 3  ? 0.1062 0.0812 0.0388 0.0124  0.0010  -0.0164 3  DG  B "O5'" 
300 C "C5'" . DG  B 3  ? 0.1043 0.0902 0.0316 0.0013  -0.0076 -0.0397 3  DG  B "C5'" 
301 C "C4'" . DG  B 3  ? 0.0860 0.0700 0.0438 0.0203  -0.0052 -0.0227 3  DG  B "C4'" 
302 O "O4'" . DG  B 3  ? 0.0977 0.0667 0.0421 0.0020  0.0049  -0.0208 3  DG  B "O4'" 
303 C "C3'" . DG  B 3  ? 0.0977 0.0829 0.0427 0.0104  0.0078  -0.0133 3  DG  B "C3'" 
304 O "O3'" . DG  B 3  ? 0.0924 0.0926 0.0501 0.0083  -0.0018 -0.0134 3  DG  B "O3'" 
305 C "C2'" . DG  B 3  ? 0.0987 0.0883 0.0359 -0.0015 0.0018  -0.0308 3  DG  B "C2'" 
306 C "C1'" . DG  B 3  ? 0.0997 0.0798 0.0403 -0.0091 -0.0124 -0.0110 3  DG  B "C1'" 
307 N N9    . DG  B 3  ? 0.0808 0.0938 0.0205 -0.0117 0.0021  -0.0353 3  DG  B N9    
308 C C8    . DG  B 3  ? 0.0723 0.0861 0.0375 -0.0083 0.0156  -0.0176 3  DG  B C8    
309 N N7    . DG  B 3  ? 0.0575 0.0674 0.0534 -0.0066 0.0029  -0.0184 3  DG  B N7    
310 C C5    . DG  B 3  ? 0.0565 0.0736 0.0236 -0.0052 0.0116  -0.0075 3  DG  B C5    
311 C C6    . DG  B 3  ? 0.1127 0.0551 0.0281 0.0253  -0.0272 -0.0287 3  DG  B C6    
312 O O6    . DG  B 3  ? 0.0503 0.0647 0.0561 -0.0071 0.0036  -0.0121 3  DG  B O6    
313 N N1    . DG  B 3  ? 0.0647 0.0673 0.0454 -0.0065 -0.0145 -0.0235 3  DG  B N1    
314 C C2    . DG  B 3  ? 0.0845 0.0636 0.0421 0.0097  -0.0297 -0.0214 3  DG  B C2    
315 N N2    . DG  B 3  ? 0.0778 0.0780 0.0576 -0.0175 -0.0100 -0.0142 3  DG  B N2    
316 N N3    . DG  B 3  ? 0.0636 0.0720 0.0356 -0.0038 0.0001  -0.0065 3  DG  B N3    
317 C C4    . DG  B 3  ? 0.0643 0.0858 0.0361 0.0092  0.0030  -0.0188 3  DG  B C4    
318 P P     . DG  B 4  ? 0.1024 0.0961 0.0473 0.0182  0.0001  -0.0282 4  DG  B P     
319 O OP1   . DG  B 4  ? 0.1101 0.1330 0.0439 0.0236  0.0119  -0.0224 4  DG  B OP1   
320 O OP2   . DG  B 4  ? 0.1059 0.0915 0.0677 0.0221  -0.0040 -0.0320 4  DG  B OP2   
321 O "O5'" . DG  B 4  ? 0.0900 0.1049 0.0550 0.0146  -0.0096 -0.0190 4  DG  B "O5'" 
322 C "C5'" . DG  B 4  ? 0.1125 0.0998 0.0605 -0.0093 0.0040  -0.0281 4  DG  B "C5'" 
323 C "C4'" . DG  B 4  ? 0.1052 0.1320 0.0438 0.0175  0.0048  -0.0181 4  DG  B "C4'" 
324 O "O4'" . DG  B 4  ? 0.0863 0.0939 0.0502 -0.0031 0.0037  -0.0034 4  DG  B "O4'" 
325 C "C3'" . DG  B 4  ? 0.0714 0.1359 0.0754 0.0091  -0.0249 -0.0139 4  DG  B "C3'" 
326 O "O3'" . DG  B 4  ? 0.1063 0.1767 0.0598 0.0009  0.0219  0.0217  4  DG  B "O3'" 
327 C "C2'" . DG  B 4  ? 0.0785 0.1131 0.0598 0.0166  0.0018  -0.0122 4  DG  B "C2'" 
328 C "C1'" . DG  B 4  ? 0.0966 0.0712 0.0581 0.0016  0.0029  -0.0130 4  DG  B "C1'" 
329 N N9    . DG  B 4  ? 0.0802 0.0811 0.0474 -0.0093 0.0058  -0.0135 4  DG  B N9    
330 C C8    . DG  B 4  ? 0.0896 0.0836 0.0516 0.0064  0.0097  -0.0018 4  DG  B C8    
331 N N7    . DG  B 4  ? 0.0897 0.0625 0.0507 -0.0043 -0.0226 -0.0172 4  DG  B N7    
332 C C5    . DG  B 4  ? 0.0593 0.0842 0.0350 0.0091  0.0150  -0.0134 4  DG  B C5    
333 C C6    . DG  B 4  ? 0.0426 0.0750 0.0838 -0.0048 0.0068  -0.0040 4  DG  B C6    
334 O O6    . DG  B 4  ? 0.0905 0.0679 0.0474 0.0211  -0.0160 -0.0160 4  DG  B O6    
335 N N1    . DG  B 4  ? 0.0644 0.0801 0.0585 -0.0072 -0.0057 -0.0123 4  DG  B N1    
336 C C2    . DG  B 4  ? 0.0735 0.0715 0.0557 0.0035  -0.0192 -0.0183 4  DG  B C2    
337 N N2    . DG  B 4  ? 0.0905 0.0860 0.0697 0.0063  -0.0141 -0.0129 4  DG  B N2    
338 N N3    . DG  B 4  ? 0.0789 0.0808 0.0397 0.0132  -0.0015 -0.0100 4  DG  B N3    
339 C C4    . DG  B 4  ? 0.0669 0.0860 0.0310 0.0081  0.0043  -0.0170 4  DG  B C4    
340 P P     . DT  B 5  ? 0.0988 0.2089 0.0738 0.0251  0.0103  0.0212  5  DT  B P     
341 O OP1   . DT  B 5  ? 0.0690 0.3510 0.1420 -0.0316 -0.0025 0.0931  5  DT  B OP1   
342 O OP2   . DT  B 5  ? 0.1705 0.2580 0.1379 0.1047  -0.0092 0.0322  5  DT  B OP2   
343 O "O5'" . DT  B 5  ? 0.0832 0.1507 0.0697 -0.0090 0.0093  -0.0045 5  DT  B "O5'" 
344 C "C5'" . DT  B 5  ? 0.0922 0.1069 0.0835 -0.0337 -0.0016 0.0031  5  DT  B "C5'" 
345 C "C4'" . DT  B 5  ? 0.0651 0.0973 0.0643 -0.0138 -0.0072 0.0046  5  DT  B "C4'" 
346 O "O4'" . DT  B 5  ? 0.0837 0.0788 0.0598 -0.0084 -0.0015 0.0032  5  DT  B "O4'" 
347 C "C3'" . DT  B 5  ? 0.0784 0.0925 0.0654 -0.0144 -0.0080 0.0042  5  DT  B "C3'" 
348 O "O3'" . DT  B 5  ? 0.0690 0.0945 0.0789 -0.0035 -0.0066 0.0026  5  DT  B "O3'" 
349 C "C2'" . DT  B 5  ? 0.0737 0.1036 0.0976 -0.0092 -0.0175 0.0307  5  DT  B "C2'" 
350 C "C1'" . DT  B 5  ? 0.0763 0.1297 0.0480 -0.0261 0.0010  0.0091  5  DT  B "C1'" 
351 N N1    . DT  B 5  ? 0.0852 0.0696 0.0466 -0.0180 0.0062  -0.0098 5  DT  B N1    
352 C C2    . DT  B 5  ? 0.0950 0.0670 0.0500 -0.0019 -0.0027 -0.0083 5  DT  B C2    
353 O O2    . DT  B 5  ? 0.0732 0.0784 0.0579 -0.0034 -0.0030 -0.0113 5  DT  B O2    
354 N N3    . DT  B 5  ? 0.0706 0.0757 0.0522 -0.0121 -0.0117 -0.0169 5  DT  B N3    
355 C C4    . DT  B 5  ? 0.0830 0.0589 0.0880 -0.0147 -0.0136 -0.0108 5  DT  B C4    
356 O O4    . DT  B 5  ? 0.1254 0.0962 0.0755 -0.0278 -0.0133 -0.0168 5  DT  B O4    
357 C C5    . DT  B 5  ? 0.1146 0.0689 0.0636 0.0130  0.0211  -0.0093 5  DT  B C5    
358 C C7    . DT  B 5  ? 0.1616 0.0785 0.0710 0.0021  0.0161  -0.0176 5  DT  B C7    
359 C C6    . DT  B 5  ? 0.1079 0.0594 0.0531 0.0013  0.0040  -0.0022 5  DT  B C6    
360 P P     . DT  B 6  ? 0.0647 0.0830 0.0743 -0.0046 0.0016  -0.0039 6  DT  B P     
361 O OP1   . DT  B 6  ? 0.0775 0.1178 0.1038 -0.0127 -0.0083 0.0193  6  DT  B OP1   
362 O OP2   . DT  B 6  ? 0.0914 0.0950 0.0881 0.0171  0.0230  -0.0028 6  DT  B OP2   
363 O "O5'" . DT  B 6  ? 0.0719 0.0762 0.0599 -0.0062 0.0003  -0.0149 6  DT  B "O5'" 
364 C "C5'" . DT  B 6  ? 0.0869 0.0823 0.0752 -0.0201 -0.0112 -0.0263 6  DT  B "C5'" 
365 C "C4'" . DT  B 6  ? 0.0857 0.0942 0.0696 -0.0170 0.0056  -0.0378 6  DT  B "C4'" 
366 O "O4'" . DT  B 6  ? 0.0693 0.0712 0.0657 -0.0054 -0.0057 -0.0132 6  DT  B "O4'" 
367 C "C3'" . DT  B 6  ? 0.0905 0.0876 0.0653 0.0027  -0.0083 0.0023  6  DT  B "C3'" 
368 O "O3'" . DT  B 6  ? 0.1071 0.1354 0.0463 -0.0310 -0.0018 -0.0042 6  DT  B "O3'" 
369 C "C2'" . DT  B 6  ? 0.1021 0.0925 0.0667 -0.0108 -0.0189 -0.0093 6  DT  B "C2'" 
370 C "C1'" . DT  B 6  ? 0.0862 0.0827 0.0542 -0.0072 0.0073  -0.0191 6  DT  B "C1'" 
371 N N1    . DT  B 6  ? 0.0739 0.0633 0.0670 0.0013  -0.0023 -0.0106 6  DT  B N1    
372 C C2    . DT  B 6  ? 0.1072 0.1217 0.0693 -0.0279 -0.0171 0.0014  6  DT  B C2    
373 O O2    . DT  B 6  ? 0.0888 0.2260 0.0698 -0.0078 0.0035  -0.0060 6  DT  B O2    
374 N N3    . DT  B 6  ? 0.1250 0.1668 0.0608 -0.0650 -0.0123 -0.0147 6  DT  B N3    
375 C C4    . DT  B 6  ? 0.1673 0.0681 0.0973 -0.0466 -0.0108 -0.0154 6  DT  B C4    
376 O O4    . DT  B 6  ? 0.3614 0.1585 0.0942 -0.1553 -0.0817 -0.0129 6  DT  B O4    
377 C C5    . DT  B 6  ? 0.1830 0.0756 0.0380 0.0218  -0.0086 -0.0172 6  DT  B C5    
378 C C7    . DT  B 6  ? 0.2973 0.1418 0.0575 0.1284  0.0003  -0.0209 6  DT  B C7    
379 C C6    . DT  B 6  ? 0.1228 0.0755 0.0624 0.0191  0.0050  -0.0073 6  DT  B C6    
380 P P     . DT  B 7  ? 0.1193 0.1962 0.0459 -0.0479 -0.0108 -0.0139 7  DT  B P     
381 O OP1   . DT  B 7  ? 0.1441 0.2952 0.0913 -0.1189 0.0102  -0.0671 7  DT  B OP1   
382 O OP2   . DT  B 7  ? 0.1241 0.2611 0.0400 0.0492  -0.0016 -0.0047 7  DT  B OP2   
383 O "O5'" . DT  B 7  ? 0.1634 0.1448 0.0600 -0.0206 -0.0296 -0.0091 7  DT  B "O5'" 
384 C "C5'" . DT  B 7  ? 0.1752 0.1136 0.0579 -0.0217 -0.0169 -0.0396 7  DT  B "C5'" 
385 C "C4'" . DT  B 7  ? 0.2132 0.0783 0.0510 -0.0162 -0.0268 0.0001  7  DT  B "C4'" 
386 O "O4'" . DT  B 7  ? 0.2289 0.0803 0.0510 -0.0143 -0.0346 -0.0260 7  DT  B "O4'" 
387 C "C3'" . DT  B 7  ? 0.1504 0.0933 0.0581 -0.0003 -0.0089 -0.0024 7  DT  B "C3'" 
388 O "O3'" . DT  B 7  ? 0.1555 0.0720 0.0697 0.0034  0.0026  -0.0085 7  DT  B "O3'" 
389 C "C2'" . DT  B 7  ? 0.1599 0.0834 0.0533 -0.0076 -0.0208 -0.0113 7  DT  B "C2'" 
390 C "C1'" . DT  B 7  ? 0.1564 0.0703 0.0588 0.0138  0.0040  -0.0093 7  DT  B "C1'" 
391 N N1    . DT  B 7  ? 0.1257 0.0755 0.0559 -0.0036 -0.0321 -0.0162 7  DT  B N1    
392 C C2    . DT  B 7  ? 0.0562 0.0677 0.0916 -0.0062 -0.0109 -0.0045 7  DT  B C2    
393 O O2    . DT  B 7  ? 0.1036 0.0833 0.0487 0.0138  -0.0065 -0.0134 7  DT  B O2    
394 N N3    . DT  B 7  ? 0.0832 0.0579 0.0695 0.0051  -0.0154 -0.0087 7  DT  B N3    
395 C C4    . DT  B 7  ? 0.0845 0.0609 0.0988 -0.0102 -0.0253 -0.0086 7  DT  B C4    
396 O O4    . DT  B 7  ? 0.0729 0.0897 0.0805 -0.0001 -0.0074 -0.0177 7  DT  B O4    
397 C C5    . DT  B 7  ? 0.1335 0.0844 0.0649 0.0081  -0.0310 -0.0133 7  DT  B C5    
398 C C7    . DT  B 7  ? 0.0951 0.1085 0.0959 -0.0194 -0.0427 -0.0244 7  DT  B C7    
399 C C6    . DT  B 7  ? 0.1132 0.0724 0.0669 0.0134  -0.0339 -0.0186 7  DT  B C6    
400 P P     . DT  B 8  ? 0.1804 0.0947 0.0510 0.0280  0.0237  -0.0209 8  DT  B P     
401 O OP1   . DT  B 8  ? 0.2867 0.1609 0.0818 0.0686  0.0654  -0.0082 8  DT  B OP1   
402 O OP2   . DT  B 8  ? 0.1708 0.0970 0.0612 -0.0009 0.0056  0.0021  8  DT  B OP2   
403 O "O5'" . DT  B 8  ? 0.1278 0.0810 0.0989 0.0118  0.0328  -0.0115 8  DT  B "O5'" 
404 C "C5'" . DT  B 8  ? 0.1165 0.1166 0.0960 0.0215  -0.0100 0.0116  8  DT  B "C5'" 
405 C "C4'" . DT  B 8  ? 0.1187 0.0894 0.0847 0.0192  0.0297  -0.0120 8  DT  B "C4'" 
406 O "O4'" . DT  B 8  ? 0.1433 0.1347 0.0745 0.0642  0.0190  0.0044  8  DT  B "O4'" 
407 C "C3'" . DT  B 8  ? 0.1114 0.1158 0.0877 0.0098  -0.0102 -0.0396 8  DT  B "C3'" 
408 O "O3'" . DT  B 8  ? 0.1326 0.0924 0.1097 0.0307  -0.0094 -0.0329 8  DT  B "O3'" 
409 C "C2'" . DT  B 8  ? 0.1456 0.0970 0.0848 0.0345  0.0111  -0.0166 8  DT  B "C2'" 
410 C "C1'" . DT  B 8  ? 0.1360 0.1132 0.0890 0.0498  -0.0027 -0.0137 8  DT  B "C1'" 
411 N N1    . DT  B 8  ? 0.1451 0.1336 0.0483 0.0640  0.0153  -0.0190 8  DT  B N1    
412 C C2    . DT  B 8  ? 0.1891 0.2077 0.0481 0.1016  -0.0600 -0.0230 8  DT  B C2    
413 O O2    . DT  B 8  ? 0.2140 0.2722 0.0735 0.1746  -0.0430 -0.0621 8  DT  B O2    
414 N N3    . DT  B 8  ? 0.1578 0.1412 0.0620 0.0735  -0.0273 -0.0210 8  DT  B N3    
415 C C4    . DT  B 8  ? 0.1627 0.0863 0.0658 0.0633  0.0485  0.0019  8  DT  B C4    
416 O O4    . DT  B 8  ? 0.1253 0.0860 0.0955 0.0231  0.0251  -0.0259 8  DT  B O4    
417 C C5    . DT  B 8  ? 0.1210 0.0933 0.0807 0.0175  0.0244  0.0063  8  DT  B C5    
418 C C7    . DT  B 8  ? 0.1254 0.0992 0.0900 -0.0008 -0.0045 -0.0236 8  DT  B C7    
419 C C6    . DT  B 8  ? 0.1281 0.0760 0.0625 0.0096  0.0028  -0.0234 8  DT  B C6    
420 P P     . DG  B 9  ? 0.1770 0.0839 0.1555 -0.0072 -0.0589 -0.0202 9  DG  B P     
421 O OP1   . DG  B 9  ? 0.2226 0.1246 0.1881 -0.0552 -0.0979 0.0193  9  DG  B OP1   
422 O OP2   . DG  B 9  ? 0.2099 0.1124 0.2219 0.0034  -0.1053 -0.0371 9  DG  B OP2   
423 O "O5'" . DG  B 9  ? 0.1150 0.1089 0.1424 -0.0434 -0.0130 0.0105  9  DG  B "O5'" 
424 C "C5'" . DG  B 9  ? 0.1447 0.0813 0.1477 -0.0271 0.0005  -0.0042 9  DG  B "C5'" 
425 C "C4'" . DG  B 9  ? 0.1538 0.1055 0.1359 -0.0273 0.0203  -0.0117 9  DG  B "C4'" 
426 O "O4'" . DG  B 9  ? 0.1263 0.0990 0.0990 -0.0359 0.0105  -0.0069 9  DG  B "O4'" 
427 C "C3'" . DG  B 9  ? 0.1485 0.1243 0.1453 -0.0302 0.0481  -0.0084 9  DG  B "C3'" 
428 O "O3'" . DG  B 9  ? 0.1634 0.1302 0.1275 -0.0522 0.0601  -0.0303 9  DG  B "O3'" 
429 C "C2'" . DG  B 9  ? 0.1259 0.1440 0.1414 -0.0234 0.0878  -0.0230 9  DG  B "C2'" 
430 C "C1'" . DG  B 9  ? 0.1182 0.0907 0.0861 -0.0067 0.0202  -0.0226 9  DG  B "C1'" 
431 N N9    . DG  B 9  ? 0.1169 0.0696 0.0785 -0.0040 0.0310  -0.0136 9  DG  B N9    
432 C C8    . DG  B 9  ? 0.0955 0.0612 0.0988 -0.0114 0.0321  -0.0155 9  DG  B C8    
433 N N7    . DG  B 9  ? 0.0867 0.0714 0.0632 -0.0055 0.0173  -0.0242 9  DG  B N7    
434 C C5    . DG  B 9  ? 0.0662 0.0578 0.0759 -0.0112 0.0070  0.0035  9  DG  B C5    
435 C C6    . DG  B 9  ? 0.0519 0.0715 0.0804 -0.0103 0.0283  0.0015  9  DG  B C6    
436 O O6    . DG  B 9  ? 0.0877 0.0715 0.0546 0.0166  -0.0107 -0.0187 9  DG  B O6    
437 N N1    . DG  B 9  ? 0.0735 0.0560 0.0823 -0.0046 0.0007  -0.0111 9  DG  B N1    
438 C C2    . DG  B 9  ? 0.0844 0.0725 0.0852 -0.0003 -0.0049 -0.0281 9  DG  B C2    
439 N N2    . DG  B 9  ? 0.1179 0.0859 0.0908 -0.0086 -0.0134 -0.0049 9  DG  B N2    
440 N N3    . DG  B 9  ? 0.0917 0.0771 0.0626 0.0015  0.0078  -0.0142 9  DG  B N3    
441 C C4    . DG  B 9  ? 0.0855 0.0861 0.0600 0.0127  0.0152  -0.0194 9  DG  B C4    
442 P P     . DG  B 10 ? 0.1465 0.1536 0.1643 -0.0397 0.0798  -0.0492 10 DG  B P     
443 O OP1   . DG  B 10 ? 0.2183 0.2234 0.2814 -0.0758 0.1775  -0.0513 10 DG  B OP1   
444 O OP2   . DG  B 10 ? 0.0969 0.2127 0.1913 -0.0370 0.0219  -0.0685 10 DG  B OP2   
445 O "O5'" . DG  B 10 ? 0.1492 0.1289 0.1442 -0.0362 0.0602  -0.0411 10 DG  B "O5'" 
446 C "C5'" . DG  B 10 ? 0.1809 0.1152 0.0825 -0.0098 0.0656  -0.0017 10 DG  B "C5'" 
447 C "C4'" . DG  B 10 ? 0.1830 0.1461 0.0666 -0.0158 0.0601  -0.0040 10 DG  B "C4'" 
448 O "O4'" . DG  B 10 ? 0.1226 0.1134 0.0508 -0.0166 0.0287  -0.0236 10 DG  B "O4'" 
449 C "C3'" . DG  B 10 ? 0.1446 0.0858 0.0959 -0.0133 0.0367  -0.0273 10 DG  B "C3'" 
450 O "O3'" . DG  B 10 ? 0.1413 0.1027 0.0606 -0.0172 0.0205  -0.0180 10 DG  B "O3'" 
451 C "C2'" . DG  B 10 ? 0.1298 0.1037 0.0588 -0.0142 0.0413  -0.0261 10 DG  B "C2'" 
452 C "C1'" . DG  B 10 ? 0.0973 0.0854 0.0814 -0.0119 0.0402  -0.0065 10 DG  B "C1'" 
453 N N9    . DG  B 10 ? 0.0938 0.0813 0.0390 -0.0215 0.0174  -0.0266 10 DG  B N9    
454 C C8    . DG  B 10 ? 0.1239 0.0888 0.0387 -0.0031 0.0286  -0.0309 10 DG  B C8    
455 N N7    . DG  B 10 ? 0.0726 0.0657 0.0772 -0.0140 0.0093  -0.0111 10 DG  B N7    
456 C C5    . DG  B 10 ? 0.0857 0.0709 0.0245 -0.0107 0.0011  -0.0208 10 DG  B C5    
457 C C6    . DG  B 10 ? 0.1001 0.0731 0.0106 0.0119  -0.0036 -0.0164 10 DG  B C6    
458 O O6    . DG  B 10 ? 0.0566 0.0584 0.0754 -0.0032 0.0036  -0.0051 10 DG  B O6    
459 N N1    . DG  B 10 ? 0.0593 0.0624 0.0626 -0.0080 -0.0031 -0.0164 10 DG  B N1    
460 C C2    . DG  B 10 ? 0.0890 0.0710 0.0229 0.0039  -0.0019 -0.0157 10 DG  B C2    
461 N N2    . DG  B 10 ? 0.0716 0.0772 0.0605 -0.0110 -0.0157 -0.0087 10 DG  B N2    
462 N N3    . DG  B 10 ? 0.0900 0.0667 0.0550 0.0020  0.0007  -0.0196 10 DG  B N3    
463 C C4    . DG  B 10 ? 0.0750 0.0660 0.0545 0.0000  0.0219  0.0022  10 DG  B C4    
464 P P     . DG  B 11 ? 0.1626 0.1230 0.0568 -0.0129 0.0336  -0.0334 11 DG  B P     
465 O OP1   . DG  B 11 ? 0.2028 0.1744 0.0408 -0.0233 -0.0155 -0.0439 11 DG  B OP1   
466 O OP2   . DG  B 11 ? 0.1586 0.1647 0.1332 0.0236  0.0412  -0.0358 11 DG  B OP2   
467 O "O5'" . DG  B 11 ? 0.1368 0.1208 0.1127 -0.0090 -0.0011 -0.0298 11 DG  B "O5'" 
468 C "C5'" . DG  B 11 ? 0.1393 0.1263 0.0577 -0.0351 0.0157  -0.0285 11 DG  B "C5'" 
469 C "C4'" . DG  B 11 ? 0.1807 0.0939 0.0445 -0.0085 0.0086  -0.0226 11 DG  B "C4'" 
470 O "O4'" . DG  B 11 ? 0.1326 0.0841 0.0448 -0.0106 0.0009  -0.0263 11 DG  B "O4'" 
471 C "C3'" . DG  B 11 ? 0.1482 0.0828 0.0484 -0.0261 -0.0144 -0.0345 11 DG  B "C3'" 
472 O "O3'" . DG  B 11 ? 0.1671 0.0788 0.0428 0.0012  0.0013  -0.0273 11 DG  B "O3'" 
473 C "C2'" . DG  B 11 ? 0.1290 0.1057 0.0255 -0.0101 0.0069  -0.0307 11 DG  B "C2'" 
474 C "C1'" . DG  B 11 ? 0.1110 0.0733 0.0468 0.0066  -0.0185 -0.0064 11 DG  B "C1'" 
475 N N9    . DG  B 11 ? 0.0951 0.0947 0.0230 -0.0016 -0.0028 -0.0361 11 DG  B N9    
476 C C8    . DG  B 11 ? 0.0911 0.0944 0.0412 -0.0147 -0.0121 -0.0270 11 DG  B C8    
477 N N7    . DG  B 11 ? 0.0704 0.0793 0.0527 -0.0166 -0.0013 -0.0229 11 DG  B N7    
478 C C5    . DG  B 11 ? 0.0799 0.0743 0.0212 -0.0006 -0.0093 -0.0271 11 DG  B C5    
479 C C6    . DG  B 11 ? 0.0881 0.0800 0.0114 0.0196  0.0075  -0.0177 11 DG  B C6    
480 O O6    . DG  B 11 ? 0.0683 0.0587 0.0469 -0.0119 -0.0099 -0.0186 11 DG  B O6    
481 N N1    . DG  B 11 ? 0.0525 0.0737 0.0318 -0.0066 0.0143  -0.0152 11 DG  B N1    
482 C C2    . DG  B 11 ? 0.0663 0.0742 0.0511 0.0100  0.0054  -0.0115 11 DG  B C2    
483 N N2    . DG  B 11 ? 0.0805 0.0858 0.0574 -0.0144 0.0203  -0.0049 11 DG  B N2    
484 N N3    . DG  B 11 ? 0.0669 0.0683 0.0488 -0.0055 -0.0045 -0.0294 11 DG  B N3    
485 C C4    . DG  B 11 ? 0.0825 0.0743 0.0321 0.0096  -0.0129 -0.0339 11 DG  B C4    
486 P P     . DG  B 12 ? 0.1781 0.0868 0.0364 0.0030  -0.0098 -0.0254 12 DG  B P     
487 O OP1   . DG  B 12 ? 0.2404 0.0849 0.0424 -0.0009 -0.0087 -0.0311 12 DG  B OP1   
488 O OP2   . DG  B 12 ? 0.1856 0.1208 0.0655 0.0082  0.0104  -0.0336 12 DG  B OP2   
489 O "O5'" . DG  B 12 ? 0.1396 0.0866 0.0495 -0.0088 -0.0074 -0.0105 12 DG  B "O5'" 
490 C "C5'" . DG  B 12 ? 0.1521 0.0884 0.0657 -0.0205 -0.0449 -0.0147 12 DG  B "C5'" 
491 C "C4'" . DG  B 12 ? 0.1264 0.0955 0.0512 -0.0108 -0.0204 -0.0244 12 DG  B "C4'" 
492 O "O4'" . DG  B 12 ? 0.1237 0.0794 0.0469 -0.0194 -0.0191 -0.0189 12 DG  B "O4'" 
493 C "C3'" . DG  B 12 ? 0.1407 0.0742 0.0773 -0.0175 -0.0310 -0.0227 12 DG  B "C3'" 
495 C "C2'" . DG  B 12 ? 0.1549 0.0716 0.0596 0.0048  -0.0224 -0.0338 12 DG  B "C2'" 
496 C "C1'" . DG  B 12 ? 0.1050 0.0729 0.0504 0.0014  -0.0104 -0.0170 12 DG  B "C1'" 
497 N N9    . DG  B 12 ? 0.0742 0.0707 0.0422 -0.0136 -0.0131 -0.0222 12 DG  B N9    
498 C C8    . DG  B 12 ? 0.0947 0.0756 0.0565 0.0033  -0.0302 -0.0192 12 DG  B C8    
499 N N7    . DG  B 12 ? 0.0823 0.0834 0.0371 0.0042  0.0013  -0.0100 12 DG  B N7    
500 C C5    . DG  B 12 ? 0.0738 0.0605 0.0512 -0.0088 -0.0139 -0.0213 12 DG  B C5    
501 C C6    . DG  B 12 ? 0.0693 0.0498 0.0614 -0.0045 -0.0275 -0.0233 12 DG  B C6    
502 O O6    . DG  B 12 ? 0.0737 0.0756 0.0498 0.0012  0.0025  -0.0167 12 DG  B O6    
503 N N1    . DG  B 12 ? 0.0621 0.0612 0.0604 -0.0060 0.0069  -0.0175 12 DG  B N1    
504 C C2    . DG  B 12 ? 0.0681 0.0606 0.0858 -0.0078 0.0008  -0.0125 12 DG  B C2    
505 N N2    . DG  B 12 ? 0.0791 0.0887 0.0629 -0.0158 0.0017  -0.0164 12 DG  B N2    
506 N N3    . DG  B 12 ? 0.0840 0.0825 0.0368 -0.0127 -0.0005 -0.0314 12 DG  B N3    
507 C C4    . DG  B 12 ? 0.0915 0.0829 0.0534 0.0007  -0.0169 -0.0281 12 DG  B C4    
508 K K     . K   C .  ? 0.0599 0.0518 0.0423 0.0007  -0.0028 -0.0130 14 K   A K     
509 K K     . K   D .  ? 0.0505 0.0483 0.0303 -0.0061 -0.0005 -0.0195 15 K   A K     
510 K K     . K   E .  ? 0.0521 0.0515 0.0323 -0.0038 0.0020  -0.0158 16 K   A K     
511 N N1    . SNS F .  ? 0.0905 0.0796 0.0854 0.0173  -0.0012 -0.0124 17 SNS A N1    
512 C C2    . SNS F .  ? 0.0932 0.0708 0.1293 0.0088  -0.0258 0.0020  17 SNS A C2    
513 C C3    . SNS F .  ? 0.0640 0.0966 0.1196 -0.0220 0.0202  -0.0005 17 SNS A C3    
514 C C4    . SNS F .  ? 0.1004 0.1334 0.0953 0.0120  0.0015  -0.0029 17 SNS A C4    
515 C C5    . SNS F .  ? 0.0795 0.1092 0.1389 0.0244  0.0278  0.0108  17 SNS A C5    
516 C C6    . SNS F .  ? 0.0897 0.0943 0.1341 0.0136  0.0489  0.0273  17 SNS A C6    
517 C C7    . SNS F .  ? 0.1093 0.0912 0.1057 0.0341  0.0692  0.0408  17 SNS A C7    
518 C C8    . SNS F .  ? 0.1477 0.0789 0.0951 -0.0002 0.0267  0.0002  17 SNS A C8    
519 C C9    . SNS F .  ? 0.1436 0.0650 0.1326 0.0300  0.0575  0.0281  17 SNS A C9    
520 C C10   . SNS F .  ? 0.2013 0.0978 0.0730 0.0667  0.0139  -0.0290 17 SNS A C10   
521 C C11   . SNS F .  ? 0.1316 0.0843 0.0760 0.0187  0.0209  0.0013  17 SNS A C11   
522 C C12   . SNS F .  ? 0.1378 0.0912 0.0685 0.0565  0.0398  0.0093  17 SNS A C12   
523 C C13   . SNS F .  ? 0.1140 0.0716 0.0488 0.0204  -0.0050 -0.0120 17 SNS A C13   
524 C C14   . SNS F .  ? 0.1141 0.0671 0.0885 0.0299  0.0162  0.0052  17 SNS A C14   
525 N N15   . SNS F .  ? 0.1160 0.0821 0.0702 0.0194  -0.0011 -0.0033 17 SNS A N15   
526 C C16   . SNS F .  ? 0.1257 0.0973 0.0767 0.0436  0.0283  0.0011  17 SNS A C16   
527 O O17   . SNS F .  ? 0.1209 0.0977 0.0548 0.0090  0.0115  -0.0300 17 SNS A O17   
528 C C18   . SNS F .  ? 0.1308 0.0948 0.1119 -0.0247 -0.0071 -0.0461 17 SNS A C18   
529 C C19   . SNS F .  ? 0.1952 0.0993 0.1135 -0.0219 0.0793  -0.0478 17 SNS A C19   
530 N N20   . SNS F .  ? 0.1476 0.1125 0.1590 -0.0154 0.0310  -0.0745 17 SNS A N20   
531 C C21   . SNS F .  ? 0.2342 0.1699 0.1989 -0.0728 0.1222  -0.1067 17 SNS A C21   
532 C C22   . SNS F .  ? 0.1979 0.1801 0.3365 -0.0164 0.0783  -0.0343 17 SNS A C22   
533 F F23   . SNS F .  ? 0.1952 0.1558 0.3029 -0.0432 0.0037  -0.0861 17 SNS A F23   
534 C C24   . SNS F .  ? 0.2055 0.3048 0.3506 -0.0131 -0.0658 -0.0261 17 SNS A C24   
535 C C25   . SNS F .  ? 0.1386 0.1657 0.2674 0.0457  -0.0483 -0.0153 17 SNS A C25   
536 N N26   . SNS F .  ? 0.1252 0.1064 0.1584 -0.0192 0.0127  0.0175  17 SNS A N26   
537 C C27   . SNS F .  ? 0.1024 0.1187 0.1078 0.0165  -0.0033 -0.0204 17 SNS A C27   
538 O O28   . SNS F .  ? 0.0964 0.0858 0.1366 -0.0024 -0.0029 -0.0077 17 SNS A O28   
539 C C29   . SNS F .  ? 0.1422 0.2282 0.2070 -0.0664 -0.0865 0.0110  17 SNS A C29   
540 C C30   . SNS F .  ? 0.1907 0.1756 0.1404 -0.0693 -0.0271 -0.0311 17 SNS A C30   
541 N N31   . SNS F .  ? 0.1838 0.3770 0.1478 0.0197  -0.0723 0.0069  17 SNS A N31   
542 C C32   . SNS F .  ? 0.2481 0.3768 0.2218 -0.0530 -0.1140 -0.0030 17 SNS A C32   
543 C C33   . SNS F .  ? 0.3117 0.4287 0.2942 0.0638  -0.1139 -0.0238 17 SNS A C33   
544 F F34   . SNS F .  ? 0.4838 0.5213 0.4141 0.0072  -0.0922 -0.0094 17 SNS A F34   
545 C C35   . SNS F .  ? 0.3394 0.4432 0.2388 0.0346  -0.0445 -0.0341 17 SNS A C35   
546 C C36   . SNS F .  ? 0.2431 0.3850 0.1433 0.0249  -0.0704 -0.0443 17 SNS A C36   
547 K K     . K   G .  ? 0.0716 0.0746 0.0519 0.0099  -0.0062 -0.0117 13 K   B K     
# 
loop_
_pdbx_poly_seq_scheme.asym_id 
_pdbx_poly_seq_scheme.entity_id 
_pdbx_poly_seq_scheme.seq_id 
_pdbx_poly_seq_scheme.mon_id 
_pdbx_poly_seq_scheme.ndb_seq_num 
_pdbx_poly_seq_scheme.pdb_seq_num 
_pdbx_poly_seq_scheme.auth_seq_num 
_pdbx_poly_seq_scheme.pdb_mon_id 
_pdbx_poly_seq_scheme.auth_mon_id 
_pdbx_poly_seq_scheme.pdb_strand_id 
_pdbx_poly_seq_scheme.pdb_ins_code 
_pdbx_poly_seq_scheme.hetero 
A 1 1  DG 1  1  1  DG G A . n 
A 1 2  DG 2  2  2  DG G A . n 
A 1 3  DG 3  3  3  DG G A . n 
A 1 4  DG 4  4  4  DG G A . n 
A 1 5  DT 5  5  5  DT T A . n 
A 1 6  DT 6  6  6  DT T A . n 
A 1 7  DT 7  7  7  DT T A . n 
A 1 8  DT 8  8  8  DT T A . n 
A 1 9  DG 9  9  9  DG G A . n 
A 1 10 DG 10 10 10 DG G A . n 
A 1 11 DG 11 11 11 DG G A . n 
A 1 12 DG 12 12 12 DG G A . n 
B 1 1  DG 1  1  1  DG G B . n 
B 1 2  DG 2  2  2  DG G B . n 
B 1 3  DG 3  3  3  DG G B . n 
B 1 4  DG 4  4  4  DG G B . n 
B 1 5  DT 5  5  5  DT T B . n 
B 1 6  DT 6  6  6  DT T B . n 
B 1 7  DT 7  7  7  DT T B . n 
B 1 8  DT 8  8  8  DT T B . n 
B 1 9  DG 9  9  9  DG G B . n 
B 1 10 DG 10 10 10 DG G B . n 
B 1 11 DG 11 11 11 DG G B . n 
B 1 12 DG 12 12 12 DG G B . n 
# 
loop_
_pdbx_nonpoly_scheme.asym_id 
_pdbx_nonpoly_scheme.entity_id 
_pdbx_nonpoly_scheme.mon_id 
_pdbx_nonpoly_scheme.ndb_seq_num 
_pdbx_nonpoly_scheme.pdb_seq_num 
_pdbx_nonpoly_scheme.auth_seq_num 
_pdbx_nonpoly_scheme.pdb_mon_id 
_pdbx_nonpoly_scheme.auth_mon_id 
_pdbx_nonpoly_scheme.pdb_strand_id 
_pdbx_nonpoly_scheme.pdb_ins_code 
C 2 K   1   14  14  K   K   A . 
D 2 K   1   15  15  K   K   A . 
E 2 K   1   16  16  K   K   A . 
F 3 SNS 1   17  17  SNS SNS A . 
G 2 K   1   13  13  K   K   B . 
H 4 HOH 1   13  3   HOH HOH A . 
H 4 HOH 2   18  25  HOH HOH A . 
H 4 HOH 3   19  19  HOH HOH A . 
H 4 HOH 4   20  20  HOH HOH A . 
H 4 HOH 5   21  21  HOH HOH A . 
H 4 HOH 6   22  7   HOH HOH A . 
H 4 HOH 7   23  23  HOH HOH A . 
H 4 HOH 8   24  24  HOH HOH A . 
H 4 HOH 9   25  10  HOH HOH A . 
H 4 HOH 10  26  16  HOH HOH A . 
H 4 HOH 11  27  17  HOH HOH A . 
H 4 HOH 12  31  31  HOH HOH A . 
H 4 HOH 13  32  32  HOH HOH A . 
H 4 HOH 14  34  34  HOH HOH A . 
H 4 HOH 15  35  35  HOH HOH A . 
H 4 HOH 16  36  36  HOH HOH A . 
H 4 HOH 17  37  37  HOH HOH A . 
H 4 HOH 18  39  39  HOH HOH A . 
H 4 HOH 19  40  40  HOH HOH A . 
H 4 HOH 20  42  42  HOH HOH A . 
H 4 HOH 21  43  43  HOH HOH A . 
H 4 HOH 22  44  44  HOH HOH A . 
H 4 HOH 23  48  48  HOH HOH A . 
H 4 HOH 24  50  50  HOH HOH A . 
H 4 HOH 25  53  53  HOH HOH A . 
H 4 HOH 26  54  54  HOH HOH A . 
H 4 HOH 27  55  55  HOH HOH A . 
H 4 HOH 28  56  56  HOH HOH A . 
H 4 HOH 29  57  57  HOH HOH A . 
H 4 HOH 30  62  62  HOH HOH A . 
H 4 HOH 31  65  65  HOH HOH A . 
H 4 HOH 32  66  66  HOH HOH A . 
H 4 HOH 33  69  69  HOH HOH A . 
H 4 HOH 34  73  73  HOH HOH A . 
H 4 HOH 35  76  76  HOH HOH A . 
H 4 HOH 36  79  79  HOH HOH A . 
H 4 HOH 37  80  80  HOH HOH A . 
H 4 HOH 38  81  81  HOH HOH A . 
H 4 HOH 39  83  83  HOH HOH A . 
H 4 HOH 40  84  84  HOH HOH A . 
H 4 HOH 41  85  85  HOH HOH A . 
H 4 HOH 42  88  88  HOH HOH A . 
H 4 HOH 43  89  89  HOH HOH A . 
H 4 HOH 44  90  90  HOH HOH A . 
H 4 HOH 45  91  91  HOH HOH A . 
H 4 HOH 46  93  93  HOH HOH A . 
H 4 HOH 47  94  94  HOH HOH A . 
H 4 HOH 48  95  95  HOH HOH A . 
H 4 HOH 49  96  96  HOH HOH A . 
H 4 HOH 50  97  97  HOH HOH A . 
H 4 HOH 51  99  99  HOH HOH A . 
H 4 HOH 52  100 100 HOH HOH A . 
H 4 HOH 53  101 101 HOH HOH A . 
H 4 HOH 54  102 102 HOH HOH A . 
H 4 HOH 55  103 103 HOH HOH A . 
H 4 HOH 56  104 104 HOH HOH A . 
H 4 HOH 57  106 106 HOH HOH A . 
H 4 HOH 58  107 107 HOH HOH A . 
H 4 HOH 59  108 108 HOH HOH A . 
H 4 HOH 60  111 111 HOH HOH A . 
H 4 HOH 61  113 113 HOH HOH A . 
H 4 HOH 62  115 115 HOH HOH A . 
H 4 HOH 63  117 117 HOH HOH A . 
H 4 HOH 64  118 118 HOH HOH A . 
H 4 HOH 65  119 119 HOH HOH A . 
H 4 HOH 66  120 120 HOH HOH A . 
H 4 HOH 67  121 121 HOH HOH A . 
H 4 HOH 68  122 122 HOH HOH A . 
H 4 HOH 69  124 124 HOH HOH A . 
H 4 HOH 70  129 129 HOH HOH A . 
H 4 HOH 71  130 130 HOH HOH A . 
H 4 HOH 72  131 131 HOH HOH A . 
H 4 HOH 73  132 132 HOH HOH A . 
H 4 HOH 74  133 133 HOH HOH A . 
H 4 HOH 75  134 134 HOH HOH A . 
H 4 HOH 76  136 136 HOH HOH A . 
H 4 HOH 77  137 137 HOH HOH A . 
H 4 HOH 78  139 139 HOH HOH A . 
H 4 HOH 79  143 143 HOH HOH A . 
H 4 HOH 80  147 147 HOH HOH A . 
H 4 HOH 81  152 152 HOH HOH A . 
H 4 HOH 82  154 154 HOH HOH A . 
H 4 HOH 83  155 155 HOH HOH A . 
H 4 HOH 84  156 156 HOH HOH A . 
H 4 HOH 85  157 157 HOH HOH A . 
H 4 HOH 86  158 158 HOH HOH A . 
H 4 HOH 87  162 162 HOH HOH A . 
H 4 HOH 88  163 163 HOH HOH A . 
H 4 HOH 89  164 164 HOH HOH A . 
H 4 HOH 90  165 165 HOH HOH A . 
H 4 HOH 91  166 166 HOH HOH A . 
H 4 HOH 92  167 167 HOH HOH A . 
H 4 HOH 93  168 168 HOH HOH A . 
H 4 HOH 94  171 171 HOH HOH A . 
H 4 HOH 95  172 172 HOH HOH A . 
H 4 HOH 96  174 174 HOH HOH A . 
H 4 HOH 97  176 176 HOH HOH A . 
H 4 HOH 98  177 177 HOH HOH A . 
H 4 HOH 99  179 179 HOH HOH A . 
H 4 HOH 100 180 180 HOH HOH A . 
H 4 HOH 101 183 183 HOH HOH A . 
H 4 HOH 102 186 186 HOH HOH A . 
H 4 HOH 103 187 187 HOH HOH A . 
I 4 HOH 1   14  14  HOH HOH B . 
I 4 HOH 2   15  15  HOH HOH B . 
I 4 HOH 3   16  1   HOH HOH B . 
I 4 HOH 4   17  2   HOH HOH B . 
I 4 HOH 5   18  4   HOH HOH B . 
I 4 HOH 6   19  5   HOH HOH B . 
I 4 HOH 7   20  6   HOH HOH B . 
I 4 HOH 8   21  8   HOH HOH B . 
I 4 HOH 9   22  22  HOH HOH B . 
I 4 HOH 10  23  9   HOH HOH B . 
I 4 HOH 11  24  11  HOH HOH B . 
I 4 HOH 12  25  18  HOH HOH B . 
I 4 HOH 13  26  26  HOH HOH B . 
I 4 HOH 14  27  27  HOH HOH B . 
I 4 HOH 15  28  28  HOH HOH B . 
I 4 HOH 16  29  29  HOH HOH B . 
I 4 HOH 17  30  30  HOH HOH B . 
I 4 HOH 18  31  12  HOH HOH B . 
I 4 HOH 19  32  13  HOH HOH B . 
I 4 HOH 20  33  33  HOH HOH B . 
I 4 HOH 21  38  38  HOH HOH B . 
I 4 HOH 22  41  41  HOH HOH B . 
I 4 HOH 23  45  45  HOH HOH B . 
I 4 HOH 24  46  46  HOH HOH B . 
I 4 HOH 25  47  47  HOH HOH B . 
I 4 HOH 26  49  49  HOH HOH B . 
I 4 HOH 27  51  51  HOH HOH B . 
I 4 HOH 28  52  52  HOH HOH B . 
I 4 HOH 29  58  58  HOH HOH B . 
I 4 HOH 30  59  59  HOH HOH B . 
I 4 HOH 31  60  60  HOH HOH B . 
I 4 HOH 32  61  61  HOH HOH B . 
I 4 HOH 33  63  63  HOH HOH B . 
I 4 HOH 34  64  64  HOH HOH B . 
I 4 HOH 35  67  67  HOH HOH B . 
I 4 HOH 36  68  68  HOH HOH B . 
I 4 HOH 37  70  70  HOH HOH B . 
I 4 HOH 38  71  71  HOH HOH B . 
I 4 HOH 39  72  72  HOH HOH B . 
I 4 HOH 40  74  74  HOH HOH B . 
I 4 HOH 41  75  75  HOH HOH B . 
I 4 HOH 42  77  77  HOH HOH B . 
I 4 HOH 43  78  78  HOH HOH B . 
I 4 HOH 44  82  82  HOH HOH B . 
I 4 HOH 45  86  86  HOH HOH B . 
I 4 HOH 46  87  87  HOH HOH B . 
I 4 HOH 47  92  92  HOH HOH B . 
I 4 HOH 48  98  98  HOH HOH B . 
I 4 HOH 49  105 105 HOH HOH B . 
I 4 HOH 50  109 109 HOH HOH B . 
I 4 HOH 51  110 110 HOH HOH B . 
I 4 HOH 52  112 112 HOH HOH B . 
I 4 HOH 53  114 114 HOH HOH B . 
I 4 HOH 54  116 116 HOH HOH B . 
I 4 HOH 55  123 123 HOH HOH B . 
I 4 HOH 56  125 125 HOH HOH B . 
I 4 HOH 57  126 126 HOH HOH B . 
I 4 HOH 58  127 127 HOH HOH B . 
I 4 HOH 59  128 128 HOH HOH B . 
I 4 HOH 60  135 135 HOH HOH B . 
I 4 HOH 61  138 138 HOH HOH B . 
I 4 HOH 62  140 140 HOH HOH B . 
I 4 HOH 63  141 141 HOH HOH B . 
I 4 HOH 64  142 142 HOH HOH B . 
I 4 HOH 65  144 144 HOH HOH B . 
I 4 HOH 66  145 145 HOH HOH B . 
I 4 HOH 67  146 146 HOH HOH B . 
I 4 HOH 68  148 148 HOH HOH B . 
I 4 HOH 69  149 149 HOH HOH B . 
I 4 HOH 70  150 150 HOH HOH B . 
I 4 HOH 71  151 151 HOH HOH B . 
I 4 HOH 72  153 153 HOH HOH B . 
I 4 HOH 73  159 159 HOH HOH B . 
I 4 HOH 74  160 160 HOH HOH B . 
I 4 HOH 75  161 161 HOH HOH B . 
I 4 HOH 76  169 169 HOH HOH B . 
I 4 HOH 77  170 170 HOH HOH B . 
I 4 HOH 78  173 173 HOH HOH B . 
I 4 HOH 79  175 175 HOH HOH B . 
I 4 HOH 80  178 178 HOH HOH B . 
I 4 HOH 81  181 181 HOH HOH B . 
I 4 HOH 82  182 182 HOH HOH B . 
I 4 HOH 83  184 184 HOH HOH B . 
I 4 HOH 84  185 185 HOH HOH B . 
I 4 HOH 85  188 188 HOH HOH B . 
# 
_pdbx_struct_assembly.id                   1 
_pdbx_struct_assembly.details              author_and_software_defined_assembly 
_pdbx_struct_assembly.method_details       PISA 
_pdbx_struct_assembly.oligomeric_details   dimeric 
_pdbx_struct_assembly.oligomeric_count     2 
# 
_pdbx_struct_assembly_gen.assembly_id       1 
_pdbx_struct_assembly_gen.oper_expression   1 
_pdbx_struct_assembly_gen.asym_id_list      A,B,C,D,E,F,G,H,I 
# 
loop_
_pdbx_struct_assembly_prop.biol_id 
_pdbx_struct_assembly_prop.type 
_pdbx_struct_assembly_prop.value 
_pdbx_struct_assembly_prop.details 
1 'ABSA (A^2)' 3270 ? 
1 MORE         -12  ? 
1 'SSA (A^2)'  3500 ? 
# 
_pdbx_struct_oper_list.id                   1 
_pdbx_struct_oper_list.type                 'identity operation' 
_pdbx_struct_oper_list.name                 1_555 
_pdbx_struct_oper_list.symmetry_operation   x,y,z 
_pdbx_struct_oper_list.matrix[1][1]         1.0000000000 
_pdbx_struct_oper_list.matrix[1][2]         0.0000000000 
_pdbx_struct_oper_list.matrix[1][3]         0.0000000000 
_pdbx_struct_oper_list.vector[1]            0.0000000000 
_pdbx_struct_oper_list.matrix[2][1]         0.0000000000 
_pdbx_struct_oper_list.matrix[2][2]         1.0000000000 
_pdbx_struct_oper_list.matrix[2][3]         0.0000000000 
_pdbx_struct_oper_list.vector[2]            0.0000000000 
_pdbx_struct_oper_list.matrix[3][1]         0.0000000000 
_pdbx_struct_oper_list.matrix[3][2]         0.0000000000 
_pdbx_struct_oper_list.matrix[3][3]         1.0000000000 
_pdbx_struct_oper_list.vector[3]            0.0000000000 
# 
_pdbx_struct_special_symmetry.id              1 
_pdbx_struct_special_symmetry.PDB_model_num   1 
_pdbx_struct_special_symmetry.auth_asym_id    B 
_pdbx_struct_special_symmetry.auth_comp_id    HOH 
_pdbx_struct_special_symmetry.auth_seq_id     61 
_pdbx_struct_special_symmetry.PDB_ins_code    ? 
_pdbx_struct_special_symmetry.label_asym_id   I 
_pdbx_struct_special_symmetry.label_comp_id   HOH 
_pdbx_struct_special_symmetry.label_seq_id    . 
# 
loop_
_pdbx_struct_conn_angle.id 
_pdbx_struct_conn_angle.ptnr1_label_atom_id 
_pdbx_struct_conn_angle.ptnr1_label_alt_id 
_pdbx_struct_conn_angle.ptnr1_label_asym_id 
_pdbx_struct_conn_angle.ptnr1_label_comp_id 
_pdbx_struct_conn_angle.ptnr1_label_seq_id 
_pdbx_struct_conn_angle.ptnr1_auth_atom_id 
_pdbx_struct_conn_angle.ptnr1_auth_asym_id 
_pdbx_struct_conn_angle.ptnr1_auth_comp_id 
_pdbx_struct_conn_angle.ptnr1_auth_seq_id 
_pdbx_struct_conn_angle.ptnr1_PDB_ins_code 
_pdbx_struct_conn_angle.ptnr1_symmetry 
_pdbx_struct_conn_angle.ptnr2_label_atom_id 
_pdbx_struct_conn_angle.ptnr2_label_alt_id 
_pdbx_struct_conn_angle.ptnr2_label_asym_id 
_pdbx_struct_conn_angle.ptnr2_label_comp_id 
_pdbx_struct_conn_angle.ptnr2_label_seq_id 
_pdbx_struct_conn_angle.ptnr2_auth_atom_id 
_pdbx_struct_conn_angle.ptnr2_auth_asym_id 
_pdbx_struct_conn_angle.ptnr2_auth_comp_id 
_pdbx_struct_conn_angle.ptnr2_auth_seq_id 
_pdbx_struct_conn_angle.ptnr2_PDB_ins_code 
_pdbx_struct_conn_angle.ptnr2_symmetry 
_pdbx_struct_conn_angle.ptnr3_label_atom_id 
_pdbx_struct_conn_angle.ptnr3_label_alt_id 
_pdbx_struct_conn_angle.ptnr3_label_asym_id 
_pdbx_struct_conn_angle.ptnr3_label_comp_id 
_pdbx_struct_conn_angle.ptnr3_label_seq_id 
_pdbx_struct_conn_angle.ptnr3_auth_atom_id 
_pdbx_struct_conn_angle.ptnr3_auth_asym_id 
_pdbx_struct_conn_angle.ptnr3_auth_comp_id 
_pdbx_struct_conn_angle.ptnr3_auth_seq_id 
_pdbx_struct_conn_angle.ptnr3_PDB_ins_code 
_pdbx_struct_conn_angle.ptnr3_symmetry 
_pdbx_struct_conn_angle.value 
_pdbx_struct_conn_angle.value_esd 
1   O6 ? A DG  1  ? A DG  1  ? 1_555 K ? C K . ? A K 14 ? 1_555 O6 ? A DG  2  ? A DG  2   ? 1_555 68.0  ? 
2   O6 ? A DG  1  ? A DG  1  ? 1_555 K ? C K . ? A K 14 ? 1_555 O6 ? A DG  11 ? A DG  11  ? 1_555 170.9 ? 
3   O6 ? A DG  2  ? A DG  2  ? 1_555 K ? C K . ? A K 14 ? 1_555 O6 ? A DG  11 ? A DG  11  ? 1_555 108.7 ? 
4   O6 ? A DG  1  ? A DG  1  ? 1_555 K ? C K . ? A K 14 ? 1_555 O6 ? A DG  12 ? A DG  12  ? 1_555 109.8 ? 
5   O6 ? A DG  2  ? A DG  2  ? 1_555 K ? C K . ? A K 14 ? 1_555 O6 ? A DG  12 ? A DG  12  ? 1_555 172.3 ? 
6   O6 ? A DG  11 ? A DG  11 ? 1_555 K ? C K . ? A K 14 ? 1_555 O6 ? A DG  12 ? A DG  12  ? 1_555 74.7  ? 
7   O6 ? A DG  1  ? A DG  1  ? 1_555 K ? C K . ? A K 14 ? 1_555 O6 ? B DG  3  ? B DG  3   ? 1_555 101.1 ? 
8   O6 ? A DG  2  ? A DG  2  ? 1_555 K ? C K . ? A K 14 ? 1_555 O6 ? B DG  3  ? B DG  3   ? 1_555 70.0  ? 
9   O6 ? A DG  11 ? A DG  11 ? 1_555 K ? C K . ? A K 14 ? 1_555 O6 ? B DG  3  ? B DG  3   ? 1_555 69.8  ? 
10  O6 ? A DG  12 ? A DG  12 ? 1_555 K ? C K . ? A K 14 ? 1_555 O6 ? B DG  3  ? B DG  3   ? 1_555 117.7 ? 
11  O6 ? A DG  1  ? A DG  1  ? 1_555 K ? C K . ? A K 14 ? 1_555 O6 ? B DG  4  ? B DG  4   ? 1_555 70.9  ? 
12  O6 ? A DG  2  ? A DG  2  ? 1_555 K ? C K . ? A K 14 ? 1_555 O6 ? B DG  4  ? B DG  4   ? 1_555 114.6 ? 
13  O6 ? A DG  11 ? A DG  11 ? 1_555 K ? C K . ? A K 14 ? 1_555 O6 ? B DG  4  ? B DG  4   ? 1_555 104.1 ? 
14  O6 ? A DG  12 ? A DG  12 ? 1_555 K ? C K . ? A K 14 ? 1_555 O6 ? B DG  4  ? B DG  4   ? 1_555 70.4  ? 
15  O6 ? B DG  3  ? B DG  3  ? 1_555 K ? C K . ? A K 14 ? 1_555 O6 ? B DG  4  ? B DG  4   ? 1_555 70.9  ? 
16  O6 ? A DG  1  ? A DG  1  ? 1_555 K ? C K . ? A K 14 ? 1_555 O6 ? B DG  9  ? B DG  9   ? 1_555 70.8  ? 
17  O6 ? A DG  2  ? A DG  2  ? 1_555 K ? C K . ? A K 14 ? 1_555 O6 ? B DG  9  ? B DG  9   ? 1_555 103.2 ? 
18  O6 ? A DG  11 ? A DG  11 ? 1_555 K ? C K . ? A K 14 ? 1_555 O6 ? B DG  9  ? B DG  9   ? 1_555 118.3 ? 
19  O6 ? A DG  12 ? A DG  12 ? 1_555 K ? C K . ? A K 14 ? 1_555 O6 ? B DG  9  ? B DG  9   ? 1_555 69.3  ? 
20  O6 ? B DG  3  ? B DG  3  ? 1_555 K ? C K . ? A K 14 ? 1_555 O6 ? B DG  9  ? B DG  9   ? 1_555 171.3 ? 
21  O6 ? B DG  4  ? B DG  4  ? 1_555 K ? C K . ? A K 14 ? 1_555 O6 ? B DG  9  ? B DG  9   ? 1_555 108.4 ? 
22  O6 ? A DG  1  ? A DG  1  ? 1_555 K ? C K . ? A K 14 ? 1_555 O6 ? B DG  10 ? B DG  10  ? 1_555 113.3 ? 
23  O6 ? A DG  2  ? A DG  2  ? 1_555 K ? C K . ? A K 14 ? 1_555 O6 ? B DG  10 ? B DG  10  ? 1_555 69.0  ? 
24  O6 ? A DG  11 ? A DG  11 ? 1_555 K ? C K . ? A K 14 ? 1_555 O6 ? B DG  10 ? B DG  10  ? 1_555 71.9  ? 
25  O6 ? A DG  12 ? A DG  12 ? 1_555 K ? C K . ? A K 14 ? 1_555 O6 ? B DG  10 ? B DG  10  ? 1_555 106.3 ? 
26  O6 ? B DG  3  ? B DG  3  ? 1_555 K ? C K . ? A K 14 ? 1_555 O6 ? B DG  10 ? B DG  10  ? 1_555 108.8 ? 
27  O6 ? B DG  4  ? B DG  4  ? 1_555 K ? C K . ? A K 14 ? 1_555 O6 ? B DG  10 ? B DG  10  ? 1_555 175.6 ? 
28  O6 ? B DG  9  ? B DG  9  ? 1_555 K ? C K . ? A K 14 ? 1_555 O6 ? B DG  10 ? B DG  10  ? 1_555 72.5  ? 
29  O6 ? A DG  1  ? A DG  1  ? 1_555 K ? G K . ? B K 13 ? 1_555 O6 ? A DG  12 ? A DG  12  ? 1_555 103.3 ? 
30  O6 ? A DG  1  ? A DG  1  ? 1_555 K ? G K . ? B K 13 ? 1_555 O6 ? B DG  4  ? B DG  4   ? 1_555 66.6  ? 
31  O6 ? A DG  12 ? A DG  12 ? 1_555 K ? G K . ? B K 13 ? 1_555 O6 ? B DG  4  ? B DG  4   ? 1_555 69.4  ? 
32  O6 ? A DG  1  ? A DG  1  ? 1_555 K ? G K . ? B K 13 ? 1_555 O2 ? B DT  5  ? B DT  5   ? 1_555 93.7  ? 
33  O6 ? A DG  12 ? A DG  12 ? 1_555 K ? G K . ? B K 13 ? 1_555 O2 ? B DT  5  ? B DT  5   ? 1_555 126.2 ? 
34  O6 ? B DG  4  ? B DG  4  ? 1_555 K ? G K . ? B K 13 ? 1_555 O2 ? B DT  5  ? B DT  5   ? 1_555 71.8  ? 
35  O6 ? A DG  1  ? A DG  1  ? 1_555 K ? G K . ? B K 13 ? 1_555 O2 ? B DT  7  ? B DT  7   ? 1_555 75.1  ? 
36  O6 ? A DG  12 ? A DG  12 ? 1_555 K ? G K . ? B K 13 ? 1_555 O2 ? B DT  7  ? B DT  7   ? 1_555 155.8 ? 
37  O6 ? B DG  4  ? B DG  4  ? 1_555 K ? G K . ? B K 13 ? 1_555 O2 ? B DT  7  ? B DT  7   ? 1_555 128.3 ? 
38  O2 ? B DT  5  ? B DT  5  ? 1_555 K ? G K . ? B K 13 ? 1_555 O2 ? B DT  7  ? B DT  7   ? 1_555 77.8  ? 
39  O6 ? A DG  1  ? A DG  1  ? 1_555 K ? G K . ? B K 13 ? 1_555 O6 ? B DG  9  ? B DG  9   ? 1_555 67.2  ? 
40  O6 ? A DG  12 ? A DG  12 ? 1_555 K ? G K . ? B K 13 ? 1_555 O6 ? B DG  9  ? B DG  9   ? 1_555 69.1  ? 
41  O6 ? B DG  4  ? B DG  4  ? 1_555 K ? G K . ? B K 13 ? 1_555 O6 ? B DG  9  ? B DG  9   ? 1_555 106.0 ? 
42  O2 ? B DT  5  ? B DT  5  ? 1_555 K ? G K . ? B K 13 ? 1_555 O6 ? B DG  9  ? B DG  9   ? 1_555 159.1 ? 
43  O2 ? B DT  7  ? B DT  7  ? 1_555 K ? G K . ? B K 13 ? 1_555 O6 ? B DG  9  ? B DG  9   ? 1_555 88.6  ? 
44  O6 ? A DG  1  ? A DG  1  ? 1_555 K ? G K . ? B K 13 ? 1_555 O  ? I HOH .  ? B HOH 20  ? 1_555 162.7 ? 
45  O6 ? A DG  12 ? A DG  12 ? 1_555 K ? G K . ? B K 13 ? 1_555 O  ? I HOH .  ? B HOH 20  ? 1_555 71.2  ? 
46  O6 ? B DG  4  ? B DG  4  ? 1_555 K ? G K . ? B K 13 ? 1_555 O  ? I HOH .  ? B HOH 20  ? 1_555 96.3  ? 
47  O2 ? B DT  5  ? B DT  5  ? 1_555 K ? G K . ? B K 13 ? 1_555 O  ? I HOH .  ? B HOH 20  ? 1_555 77.6  ? 
48  O2 ? B DT  7  ? B DT  7  ? 1_555 K ? G K . ? B K 13 ? 1_555 O  ? I HOH .  ? B HOH 20  ? 1_555 116.8 ? 
49  O6 ? B DG  9  ? B DG  9  ? 1_555 K ? G K . ? B K 13 ? 1_555 O  ? I HOH .  ? B HOH 20  ? 1_555 123.0 ? 
50  O6 ? A DG  1  ? A DG  1  ? 1_555 K ? G K . ? B K 13 ? 1_555 O  ? I HOH .  ? B HOH 144 ? 1_555 141.4 ? 
51  O6 ? A DG  12 ? A DG  12 ? 1_555 K ? G K . ? B K 13 ? 1_555 O  ? I HOH .  ? B HOH 144 ? 1_555 97.1  ? 
52  O6 ? B DG  4  ? B DG  4  ? 1_555 K ? G K . ? B K 13 ? 1_555 O  ? I HOH .  ? B HOH 144 ? 1_555 152.0 ? 
53  O2 ? B DT  5  ? B DT  5  ? 1_555 K ? G K . ? B K 13 ? 1_555 O  ? I HOH .  ? B HOH 144 ? 1_555 100.1 ? 
54  O2 ? B DT  7  ? B DT  7  ? 1_555 K ? G K . ? B K 13 ? 1_555 O  ? I HOH .  ? B HOH 144 ? 1_555 73.0  ? 
55  O6 ? B DG  9  ? B DG  9  ? 1_555 K ? G K . ? B K 13 ? 1_555 O  ? I HOH .  ? B HOH 144 ? 1_555 90.8  ? 
56  O  ? I HOH .  ? B HOH 20 ? 1_555 K ? G K . ? B K 13 ? 1_555 O  ? I HOH .  ? B HOH 144 ? 1_555 55.7  ? 
57  O6 ? A DG  2  ? A DG  2  ? 1_555 K ? D K . ? A K 15 ? 1_555 O6 ? A DG  3  ? A DG  3   ? 1_555 92.5  ? 
58  O6 ? A DG  2  ? A DG  2  ? 1_555 K ? D K . ? A K 15 ? 1_555 O6 ? A DG  10 ? A DG  10  ? 1_555 129.4 ? 
59  O6 ? A DG  3  ? A DG  3  ? 1_555 K ? D K . ? A K 15 ? 1_555 O6 ? A DG  10 ? A DG  10  ? 1_555 111.8 ? 
60  O6 ? A DG  2  ? A DG  2  ? 1_555 K ? D K . ? A K 15 ? 1_555 O6 ? A DG  11 ? A DG  11  ? 1_555 106.2 ? 
61  O6 ? A DG  3  ? A DG  3  ? 1_555 K ? D K . ? A K 15 ? 1_555 O6 ? A DG  11 ? A DG  11  ? 1_555 130.7 ? 
62  O6 ? A DG  10 ? A DG  10 ? 1_555 K ? D K . ? A K 15 ? 1_555 O6 ? A DG  11 ? A DG  11  ? 1_555 91.0  ? 
63  O6 ? A DG  2  ? A DG  2  ? 1_555 K ? D K . ? A K 15 ? 1_555 O6 ? B DG  2  ? B DG  2   ? 1_555 158.9 ? 
64  O6 ? A DG  3  ? A DG  3  ? 1_555 K ? D K . ? A K 15 ? 1_555 O6 ? B DG  2  ? B DG  2   ? 1_555 72.6  ? 
65  O6 ? A DG  10 ? A DG  10 ? 1_555 K ? D K . ? A K 15 ? 1_555 O6 ? B DG  2  ? B DG  2   ? 1_555 71.1  ? 
66  O6 ? A DG  11 ? A DG  11 ? 1_555 K ? D K . ? A K 15 ? 1_555 O6 ? B DG  2  ? B DG  2   ? 1_555 74.9  ? 
67  O6 ? A DG  2  ? A DG  2  ? 1_555 K ? D K . ? A K 15 ? 1_555 O6 ? B DG  3  ? B DG  3   ? 1_555 70.9  ? 
68  O6 ? A DG  3  ? A DG  3  ? 1_555 K ? D K . ? A K 15 ? 1_555 O6 ? B DG  3  ? B DG  3   ? 1_555 76.1  ? 
69  O6 ? A DG  10 ? A DG  10 ? 1_555 K ? D K . ? A K 15 ? 1_555 O6 ? B DG  3  ? B DG  3   ? 1_555 155.7 ? 
70  O6 ? A DG  11 ? A DG  11 ? 1_555 K ? D K . ? A K 15 ? 1_555 O6 ? B DG  3  ? B DG  3   ? 1_555 68.2  ? 
71  O6 ? B DG  2  ? B DG  2  ? 1_555 K ? D K . ? A K 15 ? 1_555 O6 ? B DG  3  ? B DG  3   ? 1_555 90.7  ? 
72  O6 ? A DG  2  ? A DG  2  ? 1_555 K ? D K . ? A K 15 ? 1_555 O6 ? B DG  10 ? B DG  10  ? 1_555 68.8  ? 
73  O6 ? A DG  3  ? A DG  3  ? 1_555 K ? D K . ? A K 15 ? 1_555 O6 ? B DG  10 ? B DG  10  ? 1_555 157.3 ? 
74  O6 ? A DG  10 ? A DG  10 ? 1_555 K ? D K . ? A K 15 ? 1_555 O6 ? B DG  10 ? B DG  10  ? 1_555 74.2  ? 
75  O6 ? A DG  11 ? A DG  11 ? 1_555 K ? D K . ? A K 15 ? 1_555 O6 ? B DG  10 ? B DG  10  ? 1_555 69.2  ? 
76  O6 ? B DG  2  ? B DG  2  ? 1_555 K ? D K . ? A K 15 ? 1_555 O6 ? B DG  10 ? B DG  10  ? 1_555 128.8 ? 
77  O6 ? B DG  3  ? B DG  3  ? 1_555 K ? D K . ? A K 15 ? 1_555 O6 ? B DG  10 ? B DG  10  ? 1_555 107.8 ? 
78  O6 ? A DG  2  ? A DG  2  ? 1_555 K ? D K . ? A K 15 ? 1_555 O6 ? B DG  11 ? B DG  11  ? 1_555 77.2  ? 
79  O6 ? A DG  3  ? A DG  3  ? 1_555 K ? D K . ? A K 15 ? 1_555 O6 ? B DG  11 ? B DG  11  ? 1_555 70.4  ? 
80  O6 ? A DG  10 ? A DG  10 ? 1_555 K ? D K . ? A K 15 ? 1_555 O6 ? B DG  11 ? B DG  11  ? 1_555 71.0  ? 
81  O6 ? A DG  11 ? A DG  11 ? 1_555 K ? D K . ? A K 15 ? 1_555 O6 ? B DG  11 ? B DG  11  ? 1_555 157.5 ? 
82  O6 ? B DG  2  ? B DG  2  ? 1_555 K ? D K . ? A K 15 ? 1_555 O6 ? B DG  11 ? B DG  11  ? 1_555 110.1 ? 
83  O6 ? B DG  3  ? B DG  3  ? 1_555 K ? D K . ? A K 15 ? 1_555 O6 ? B DG  11 ? B DG  11  ? 1_555 132.0 ? 
84  O6 ? B DG  10 ? B DG  10 ? 1_555 K ? D K . ? A K 15 ? 1_555 O6 ? B DG  11 ? B DG  11  ? 1_555 92.3  ? 
85  O6 ? A DG  3  ? A DG  3  ? 1_555 K ? E K . ? A K 16 ? 1_555 O6 ? A DG  4  ? A DG  4   ? 1_555 70.4  ? 
86  O6 ? A DG  3  ? A DG  3  ? 1_555 K ? E K . ? A K 16 ? 1_555 O6 ? A DG  9  ? A DG  9   ? 1_555 166.6 ? 
87  O6 ? A DG  4  ? A DG  4  ? 1_555 K ? E K . ? A K 16 ? 1_555 O6 ? A DG  9  ? A DG  9   ? 1_555 121.7 ? 
88  O6 ? A DG  3  ? A DG  3  ? 1_555 K ? E K . ? A K 16 ? 1_555 O6 ? A DG  10 ? A DG  10  ? 1_555 101.1 ? 
89  O6 ? A DG  4  ? A DG  4  ? 1_555 K ? E K . ? A K 16 ? 1_555 O6 ? A DG  10 ? A DG  10  ? 1_555 170.0 ? 
90  O6 ? A DG  9  ? A DG  9  ? 1_555 K ? E K . ? A K 16 ? 1_555 O6 ? A DG  10 ? A DG  10  ? 1_555 67.4  ? 
91  O6 ? A DG  3  ? A DG  3  ? 1_555 K ? E K . ? A K 16 ? 1_555 O6 ? B DG  1  ? B DG  1   ? 1_555 103.8 ? 
92  O6 ? A DG  4  ? A DG  4  ? 1_555 K ? E K . ? A K 16 ? 1_555 O6 ? B DG  1  ? B DG  1   ? 1_555 74.7  ? 
93  O6 ? A DG  9  ? A DG  9  ? 1_555 K ? E K . ? A K 16 ? 1_555 O6 ? B DG  1  ? B DG  1   ? 1_555 76.1  ? 
94  O6 ? A DG  10 ? A DG  10 ? 1_555 K ? E K . ? A K 16 ? 1_555 O6 ? B DG  1  ? B DG  1   ? 1_555 113.3 ? 
95  O6 ? A DG  3  ? A DG  3  ? 1_555 K ? E K . ? A K 16 ? 1_555 O6 ? B DG  2  ? B DG  2   ? 1_555 67.7  ? 
96  O6 ? A DG  4  ? A DG  4  ? 1_555 K ? E K . ? A K 16 ? 1_555 O6 ? B DG  2  ? B DG  2   ? 1_555 114.1 ? 
97  O6 ? A DG  9  ? A DG  9  ? 1_555 K ? E K . ? A K 16 ? 1_555 O6 ? B DG  2  ? B DG  2   ? 1_555 100.4 ? 
98  O6 ? A DG  10 ? A DG  10 ? 1_555 K ? E K . ? A K 16 ? 1_555 O6 ? B DG  2  ? B DG  2   ? 1_555 65.6  ? 
99  O6 ? B DG  1  ? B DG  1  ? 1_555 K ? E K . ? A K 16 ? 1_555 O6 ? B DG  2  ? B DG  2   ? 1_555 69.0  ? 
100 O6 ? A DG  3  ? A DG  3  ? 1_555 K ? E K . ? A K 16 ? 1_555 O6 ? B DG  11 ? B DG  11  ? 1_555 65.1  ? 
101 O6 ? A DG  4  ? A DG  4  ? 1_555 K ? E K . ? A K 16 ? 1_555 O6 ? B DG  11 ? B DG  11  ? 1_555 105.9 ? 
102 O6 ? A DG  9  ? A DG  9  ? 1_555 K ? E K . ? A K 16 ? 1_555 O6 ? B DG  11 ? B DG  11  ? 1_555 113.1 ? 
103 O6 ? A DG  10 ? A DG  10 ? 1_555 K ? E K . ? A K 16 ? 1_555 O6 ? B DG  11 ? B DG  11  ? 1_555 64.9  ? 
104 O6 ? B DG  1  ? B DG  1  ? 1_555 K ? E K . ? A K 16 ? 1_555 O6 ? B DG  11 ? B DG  11  ? 1_555 167.0 ? 
105 O6 ? B DG  2  ? B DG  2  ? 1_555 K ? E K . ? A K 16 ? 1_555 O6 ? B DG  11 ? B DG  11  ? 1_555 99.6  ? 
106 O6 ? A DG  3  ? A DG  3  ? 1_555 K ? E K . ? A K 16 ? 1_555 O6 ? B DG  12 ? B DG  12  ? 1_555 115.4 ? 
107 O6 ? A DG  4  ? A DG  4  ? 1_555 K ? E K . ? A K 16 ? 1_555 O6 ? B DG  12 ? B DG  12  ? 1_555 78.2  ? 
108 O6 ? A DG  9  ? A DG  9  ? 1_555 K ? E K . ? A K 16 ? 1_555 O6 ? B DG  12 ? B DG  12  ? 1_555 74.9  ? 
109 O6 ? A DG  10 ? A DG  10 ? 1_555 K ? E K . ? A K 16 ? 1_555 O6 ? B DG  12 ? B DG  12  ? 1_555 101.6 ? 
110 O6 ? B DG  1  ? B DG  1  ? 1_555 K ? E K . ? A K 16 ? 1_555 O6 ? B DG  12 ? B DG  12  ? 1_555 120.3 ? 
111 O6 ? B DG  2  ? B DG  2  ? 1_555 K ? E K . ? A K 16 ? 1_555 O6 ? B DG  12 ? B DG  12  ? 1_555 167.0 ? 
112 O6 ? B DG  11 ? B DG  11 ? 1_555 K ? E K . ? A K 16 ? 1_555 O6 ? B DG  12 ? B DG  12  ? 1_555 72.0  ? 
# 
loop_
_pdbx_audit_revision_history.ordinal 
_pdbx_audit_revision_history.data_content_type 
_pdbx_audit_revision_history.major_revision 
_pdbx_audit_revision_history.minor_revision 
_pdbx_audit_revision_history.revision_date 
1 'Structure model' 1 0 2010-08-25 
2 'Structure model' 1 1 2011-07-13 
3 'Structure model' 1 2 2011-11-16 
4 'Structure model' 1 3 2023-09-06 
# 
_pdbx_audit_revision_details.ordinal             1 
_pdbx_audit_revision_details.revision_ordinal    1 
_pdbx_audit_revision_details.data_content_type   'Structure model' 
_pdbx_audit_revision_details.provider            repository 
_pdbx_audit_revision_details.type                'Initial release' 
_pdbx_audit_revision_details.description         ? 
_pdbx_audit_revision_details.details             ? 
# 
loop_
_pdbx_audit_revision_group.ordinal 
_pdbx_audit_revision_group.revision_ordinal 
_pdbx_audit_revision_group.data_content_type 
_pdbx_audit_revision_group.group 
1 2 'Structure model' 'Version format compliance' 
2 3 'Structure model' 'Atomic model'              
3 4 'Structure model' 'Data collection'           
4 4 'Structure model' 'Database references'       
5 4 'Structure model' 'Derived calculations'      
6 4 'Structure model' 'Refinement description'    
# 
loop_
_pdbx_audit_revision_category.ordinal 
_pdbx_audit_revision_category.revision_ordinal 
_pdbx_audit_revision_category.data_content_type 
_pdbx_audit_revision_category.category 
1 4 'Structure model' chem_comp_atom                
2 4 'Structure model' chem_comp_bond                
3 4 'Structure model' database_2                    
4 4 'Structure model' pdbx_initial_refinement_model 
5 4 'Structure model' pdbx_struct_conn_angle        
6 4 'Structure model' struct_conn                   
7 4 'Structure model' struct_site                   
# 
loop_
_pdbx_audit_revision_item.ordinal 
_pdbx_audit_revision_item.revision_ordinal 
_pdbx_audit_revision_item.data_content_type 
_pdbx_audit_revision_item.item 
1  4 'Structure model' '_database_2.pdbx_DOI'                        
2  4 'Structure model' '_database_2.pdbx_database_accession'         
3  4 'Structure model' '_pdbx_struct_conn_angle.ptnr1_auth_asym_id'  
4  4 'Structure model' '_pdbx_struct_conn_angle.ptnr1_auth_comp_id'  
5  4 'Structure model' '_pdbx_struct_conn_angle.ptnr1_auth_seq_id'   
6  4 'Structure model' '_pdbx_struct_conn_angle.ptnr1_label_asym_id' 
7  4 'Structure model' '_pdbx_struct_conn_angle.ptnr1_label_atom_id' 
8  4 'Structure model' '_pdbx_struct_conn_angle.ptnr1_label_comp_id' 
9  4 'Structure model' '_pdbx_struct_conn_angle.ptnr1_label_seq_id'  
10 4 'Structure model' '_pdbx_struct_conn_angle.ptnr2_auth_asym_id'  
11 4 'Structure model' '_pdbx_struct_conn_angle.ptnr2_auth_seq_id'   
12 4 'Structure model' '_pdbx_struct_conn_angle.ptnr2_label_asym_id' 
13 4 'Structure model' '_pdbx_struct_conn_angle.ptnr3_auth_asym_id'  
14 4 'Structure model' '_pdbx_struct_conn_angle.ptnr3_auth_comp_id'  
15 4 'Structure model' '_pdbx_struct_conn_angle.ptnr3_auth_seq_id'   
16 4 'Structure model' '_pdbx_struct_conn_angle.ptnr3_label_asym_id' 
17 4 'Structure model' '_pdbx_struct_conn_angle.ptnr3_label_atom_id' 
18 4 'Structure model' '_pdbx_struct_conn_angle.ptnr3_label_comp_id' 
19 4 'Structure model' '_pdbx_struct_conn_angle.ptnr3_label_seq_id'  
20 4 'Structure model' '_pdbx_struct_conn_angle.value'               
21 4 'Structure model' '_struct_conn.pdbx_dist_value'                
22 4 'Structure model' '_struct_conn.ptnr1_auth_asym_id'             
23 4 'Structure model' '_struct_conn.ptnr1_auth_comp_id'             
24 4 'Structure model' '_struct_conn.ptnr1_auth_seq_id'              
25 4 'Structure model' '_struct_conn.ptnr1_label_asym_id'            
26 4 'Structure model' '_struct_conn.ptnr1_label_atom_id'            
27 4 'Structure model' '_struct_conn.ptnr1_label_comp_id'            
28 4 'Structure model' '_struct_conn.ptnr1_label_seq_id'             
29 4 'Structure model' '_struct_conn.ptnr2_auth_asym_id'             
30 4 'Structure model' '_struct_conn.ptnr2_auth_comp_id'             
31 4 'Structure model' '_struct_conn.ptnr2_auth_seq_id'              
32 4 'Structure model' '_struct_conn.ptnr2_label_asym_id'            
33 4 'Structure model' '_struct_conn.ptnr2_label_atom_id'            
34 4 'Structure model' '_struct_conn.ptnr2_label_comp_id'            
35 4 'Structure model' '_struct_conn.ptnr2_label_seq_id'             
36 4 'Structure model' '_struct_site.pdbx_auth_asym_id'              
37 4 'Structure model' '_struct_site.pdbx_auth_comp_id'              
38 4 'Structure model' '_struct_site.pdbx_auth_seq_id'               
# 
_phasing.method   MR 
# 
loop_
_software.pdbx_ordinal 
_software.name 
_software.version 
_software.date 
_software.type 
_software.contact_author 
_software.contact_author_email 
_software.classification 
_software.location 
_software.language 
_software.citation_id 
1 MOSFLM      .         ?               package 'Andrew G.W. Leslie' andrew@mrc-lmb.cam.ac.uk    'data reduction'  
http://www.mrc-lmb.cam.ac.uk/harry/mosflm/  ?          ? 
2 SCALA       3.3.16    2010/01/06      other   'Phil R. Evans'      pre@mrc-lmb.cam.ac.uk       'data scaling'    
http://www.ccp4.ac.uk/dist/html/scala.html  Fortran_77 ? 
3 PHASER      .         ?               program 'Randy J. Read'      cimr-phaser@lists.cam.ac.uk phasing           
http://www-structmed.cimr.cam.ac.uk/phaser/ ?          ? 
4 PHENIX      1.6.1_357 ?               package 'Paul D. Adams'      PDAdams@lbl.gov             refinement        
http://www.phenix-online.org/               C++        ? 
5 PDB_EXTRACT 3.10      'June 10, 2010' package PDB                  deposit@deposit.rcsb.org    'data extraction' 
http://sw-tools.pdb.org/apps/PDB_EXTRACT/   C++        ? 
# 
_pdbx_validate_close_contact.id               1 
_pdbx_validate_close_contact.PDB_model_num    1 
_pdbx_validate_close_contact.auth_atom_id_1   O 
_pdbx_validate_close_contact.auth_asym_id_1   B 
_pdbx_validate_close_contact.auth_comp_id_1   HOH 
_pdbx_validate_close_contact.auth_seq_id_1    59 
_pdbx_validate_close_contact.PDB_ins_code_1   ? 
_pdbx_validate_close_contact.label_alt_id_1   ? 
_pdbx_validate_close_contact.auth_atom_id_2   O 
_pdbx_validate_close_contact.auth_asym_id_2   B 
_pdbx_validate_close_contact.auth_comp_id_2   HOH 
_pdbx_validate_close_contact.auth_seq_id_2    78 
_pdbx_validate_close_contact.PDB_ins_code_2   ? 
_pdbx_validate_close_contact.label_alt_id_2   ? 
_pdbx_validate_close_contact.dist             2.13 
# 
loop_
_pdbx_validate_symm_contact.id 
_pdbx_validate_symm_contact.PDB_model_num 
_pdbx_validate_symm_contact.auth_atom_id_1 
_pdbx_validate_symm_contact.auth_asym_id_1 
_pdbx_validate_symm_contact.auth_comp_id_1 
_pdbx_validate_symm_contact.auth_seq_id_1 
_pdbx_validate_symm_contact.PDB_ins_code_1 
_pdbx_validate_symm_contact.label_alt_id_1 
_pdbx_validate_symm_contact.site_symmetry_1 
_pdbx_validate_symm_contact.auth_atom_id_2 
_pdbx_validate_symm_contact.auth_asym_id_2 
_pdbx_validate_symm_contact.auth_comp_id_2 
_pdbx_validate_symm_contact.auth_seq_id_2 
_pdbx_validate_symm_contact.PDB_ins_code_2 
_pdbx_validate_symm_contact.label_alt_id_2 
_pdbx_validate_symm_contact.site_symmetry_2 
_pdbx_validate_symm_contact.dist 
1 1 O A HOH 165 ? ? 1_555 O B HOH 170 ? ? 1_554 1.53 
2 1 O A HOH 90  ? ? 1_555 O B HOH 78  ? ? 2_655 2.02 
3 1 O A HOH 104 ? ? 1_555 O A HOH 107 ? ? 3_546 2.03 
4 1 O B HOH 33  ? ? 1_555 O B HOH 33  ? ? 2_655 2.04 
# 
loop_
_pdbx_validate_rmsd_angle.id 
_pdbx_validate_rmsd_angle.PDB_model_num 
_pdbx_validate_rmsd_angle.auth_atom_id_1 
_pdbx_validate_rmsd_angle.auth_asym_id_1 
_pdbx_validate_rmsd_angle.auth_comp_id_1 
_pdbx_validate_rmsd_angle.auth_seq_id_1 
_pdbx_validate_rmsd_angle.PDB_ins_code_1 
_pdbx_validate_rmsd_angle.label_alt_id_1 
_pdbx_validate_rmsd_angle.auth_atom_id_2 
_pdbx_validate_rmsd_angle.auth_asym_id_2 
_pdbx_validate_rmsd_angle.auth_comp_id_2 
_pdbx_validate_rmsd_angle.auth_seq_id_2 
_pdbx_validate_rmsd_angle.PDB_ins_code_2 
_pdbx_validate_rmsd_angle.label_alt_id_2 
_pdbx_validate_rmsd_angle.auth_atom_id_3 
_pdbx_validate_rmsd_angle.auth_asym_id_3 
_pdbx_validate_rmsd_angle.auth_comp_id_3 
_pdbx_validate_rmsd_angle.auth_seq_id_3 
_pdbx_validate_rmsd_angle.PDB_ins_code_3 
_pdbx_validate_rmsd_angle.label_alt_id_3 
_pdbx_validate_rmsd_angle.angle_value 
_pdbx_validate_rmsd_angle.angle_target_value 
_pdbx_validate_rmsd_angle.angle_deviation 
_pdbx_validate_rmsd_angle.angle_standard_deviation 
_pdbx_validate_rmsd_angle.linker_flag 
1 1 "C5'" A DG 10 ? ? "C4'" A DG 10 ? ? "C3'" A DG 10 ? ? 126.35 115.70 10.65  1.20 N 
2 1 "C4'" A DG 10 ? ? "C3'" A DG 10 ? ? "O3'" A DG 10 ? ? 94.30  109.70 -15.40 2.50 N 
3 1 C5    A DG 11 ? ? C6    A DG 11 ? ? N1    A DG 11 ? ? 114.74 111.50 3.24   0.50 N 
4 1 "O4'" B DG 1  ? ? "C1'" B DG 1  ? ? N9    B DG 1  ? ? 112.02 108.30 3.72   0.30 N 
5 1 "C1'" B DT 5  ? ? "O4'" B DT 5  ? ? "C4'" B DT 5  ? ? 103.33 110.10 -6.77  1.00 N 
6 1 "O4'" B DG 9  ? ? "C1'" B DG 9  ? ? N9    B DG 9  ? ? 111.00 108.30 2.70   0.30 N 
7 1 "O4'" B DG 11 ? ? "C1'" B DG 11 ? ? N9    B DG 11 ? ? 111.47 108.30 3.17   0.30 N 
# 
loop_
_chem_comp_atom.comp_id 
_chem_comp_atom.atom_id 
_chem_comp_atom.type_symbol 
_chem_comp_atom.pdbx_aromatic_flag 
_chem_comp_atom.pdbx_stereo_config 
_chem_comp_atom.pdbx_ordinal 
DG  OP3    O N N 1   
DG  P      P N N 2   
DG  OP1    O N N 3   
DG  OP2    O N N 4   
DG  "O5'"  O N N 5   
DG  "C5'"  C N N 6   
DG  "C4'"  C N R 7   
DG  "O4'"  O N N 8   
DG  "C3'"  C N S 9   
DG  "O3'"  O N N 10  
DG  "C2'"  C N N 11  
DG  "C1'"  C N R 12  
DG  N9     N Y N 13  
DG  C8     C Y N 14  
DG  N7     N Y N 15  
DG  C5     C Y N 16  
DG  C6     C N N 17  
DG  O6     O N N 18  
DG  N1     N N N 19  
DG  C2     C N N 20  
DG  N2     N N N 21  
DG  N3     N N N 22  
DG  C4     C Y N 23  
DG  HOP3   H N N 24  
DG  HOP2   H N N 25  
DG  "H5'"  H N N 26  
DG  "H5''" H N N 27  
DG  "H4'"  H N N 28  
DG  "H3'"  H N N 29  
DG  "HO3'" H N N 30  
DG  "H2'"  H N N 31  
DG  "H2''" H N N 32  
DG  "H1'"  H N N 33  
DG  H8     H N N 34  
DG  H1     H N N 35  
DG  H21    H N N 36  
DG  H22    H N N 37  
DT  OP3    O N N 38  
DT  P      P N N 39  
DT  OP1    O N N 40  
DT  OP2    O N N 41  
DT  "O5'"  O N N 42  
DT  "C5'"  C N N 43  
DT  "C4'"  C N R 44  
DT  "O4'"  O N N 45  
DT  "C3'"  C N S 46  
DT  "O3'"  O N N 47  
DT  "C2'"  C N N 48  
DT  "C1'"  C N R 49  
DT  N1     N N N 50  
DT  C2     C N N 51  
DT  O2     O N N 52  
DT  N3     N N N 53  
DT  C4     C N N 54  
DT  O4     O N N 55  
DT  C5     C N N 56  
DT  C7     C N N 57  
DT  C6     C N N 58  
DT  HOP3   H N N 59  
DT  HOP2   H N N 60  
DT  "H5'"  H N N 61  
DT  "H5''" H N N 62  
DT  "H4'"  H N N 63  
DT  "H3'"  H N N 64  
DT  "HO3'" H N N 65  
DT  "H2'"  H N N 66  
DT  "H2''" H N N 67  
DT  "H1'"  H N N 68  
DT  H3     H N N 69  
DT  H71    H N N 70  
DT  H72    H N N 71  
DT  H73    H N N 72  
DT  H6     H N N 73  
HOH O      O N N 74  
HOH H1     H N N 75  
HOH H2     H N N 76  
K   K      K N N 77  
SNS N1     N Y N 78  
SNS C2     C Y N 79  
SNS C3     C Y N 80  
SNS C4     C Y N 81  
SNS C5     C Y N 82  
SNS C6     C Y N 83  
SNS C7     C Y N 84  
SNS C8     C Y N 85  
SNS C9     C Y N 86  
SNS C10    C Y N 87  
SNS C11    C Y N 88  
SNS C12    C Y N 89  
SNS C13    C Y N 90  
SNS C14    C Y N 91  
SNS N15    N N N 92  
SNS C16    C N N 93  
SNS O17    O N N 94  
SNS C18    C N N 95  
SNS C19    C N N 96  
SNS N20    N N N 97  
SNS C21    C N N 98  
SNS C22    C N S 99  
SNS F23    F N N 100 
SNS C24    C N N 101 
SNS C25    C N N 102 
SNS N26    N N N 103 
SNS C27    C N N 104 
SNS O28    O N N 105 
SNS C29    C N N 106 
SNS C30    C N N 107 
SNS N31    N N N 108 
SNS C32    C N N 109 
SNS C33    C N S 110 
SNS F34    F N N 111 
SNS C35    C N N 112 
SNS C36    C N N 113 
SNS H3     H N N 114 
SNS H5     H N N 115 
SNS H6     H N N 116 
SNS H8     H N N 117 
SNS H10    H N N 118 
SNS H11    H N N 119 
SNS H13    H N N 120 
SNS HN15   H N N 121 
SNS H18    H N N 122 
SNS H18A   H N N 123 
SNS H19    H N N 124 
SNS H19A   H N N 125 
SNS H21    H N N 126 
SNS H21A   H N N 127 
SNS H22    H N N 128 
SNS H24    H N N 129 
SNS H24A   H N N 130 
SNS H25    H N N 131 
SNS H25A   H N N 132 
SNS HN26   H N N 133 
SNS H29    H N N 134 
SNS H29A   H N N 135 
SNS H30    H N N 136 
SNS H30A   H N N 137 
SNS H32    H N N 138 
SNS H32A   H N N 139 
SNS H33    H N N 140 
SNS H35    H N N 141 
SNS H35A   H N N 142 
SNS H36    H N N 143 
SNS H36A   H N N 144 
# 
loop_
_chem_comp_bond.comp_id 
_chem_comp_bond.atom_id_1 
_chem_comp_bond.atom_id_2 
_chem_comp_bond.value_order 
_chem_comp_bond.pdbx_aromatic_flag 
_chem_comp_bond.pdbx_stereo_config 
_chem_comp_bond.pdbx_ordinal 
DG  OP3   P      sing N N 1   
DG  OP3   HOP3   sing N N 2   
DG  P     OP1    doub N N 3   
DG  P     OP2    sing N N 4   
DG  P     "O5'"  sing N N 5   
DG  OP2   HOP2   sing N N 6   
DG  "O5'" "C5'"  sing N N 7   
DG  "C5'" "C4'"  sing N N 8   
DG  "C5'" "H5'"  sing N N 9   
DG  "C5'" "H5''" sing N N 10  
DG  "C4'" "O4'"  sing N N 11  
DG  "C4'" "C3'"  sing N N 12  
DG  "C4'" "H4'"  sing N N 13  
DG  "O4'" "C1'"  sing N N 14  
DG  "C3'" "O3'"  sing N N 15  
DG  "C3'" "C2'"  sing N N 16  
DG  "C3'" "H3'"  sing N N 17  
DG  "O3'" "HO3'" sing N N 18  
DG  "C2'" "C1'"  sing N N 19  
DG  "C2'" "H2'"  sing N N 20  
DG  "C2'" "H2''" sing N N 21  
DG  "C1'" N9     sing N N 22  
DG  "C1'" "H1'"  sing N N 23  
DG  N9    C8     sing Y N 24  
DG  N9    C4     sing Y N 25  
DG  C8    N7     doub Y N 26  
DG  C8    H8     sing N N 27  
DG  N7    C5     sing Y N 28  
DG  C5    C6     sing N N 29  
DG  C5    C4     doub Y N 30  
DG  C6    O6     doub N N 31  
DG  C6    N1     sing N N 32  
DG  N1    C2     sing N N 33  
DG  N1    H1     sing N N 34  
DG  C2    N2     sing N N 35  
DG  C2    N3     doub N N 36  
DG  N2    H21    sing N N 37  
DG  N2    H22    sing N N 38  
DG  N3    C4     sing N N 39  
DT  OP3   P      sing N N 40  
DT  OP3   HOP3   sing N N 41  
DT  P     OP1    doub N N 42  
DT  P     OP2    sing N N 43  
DT  P     "O5'"  sing N N 44  
DT  OP2   HOP2   sing N N 45  
DT  "O5'" "C5'"  sing N N 46  
DT  "C5'" "C4'"  sing N N 47  
DT  "C5'" "H5'"  sing N N 48  
DT  "C5'" "H5''" sing N N 49  
DT  "C4'" "O4'"  sing N N 50  
DT  "C4'" "C3'"  sing N N 51  
DT  "C4'" "H4'"  sing N N 52  
DT  "O4'" "C1'"  sing N N 53  
DT  "C3'" "O3'"  sing N N 54  
DT  "C3'" "C2'"  sing N N 55  
DT  "C3'" "H3'"  sing N N 56  
DT  "O3'" "HO3'" sing N N 57  
DT  "C2'" "C1'"  sing N N 58  
DT  "C2'" "H2'"  sing N N 59  
DT  "C2'" "H2''" sing N N 60  
DT  "C1'" N1     sing N N 61  
DT  "C1'" "H1'"  sing N N 62  
DT  N1    C2     sing N N 63  
DT  N1    C6     sing N N 64  
DT  C2    O2     doub N N 65  
DT  C2    N3     sing N N 66  
DT  N3    C4     sing N N 67  
DT  N3    H3     sing N N 68  
DT  C4    O4     doub N N 69  
DT  C4    C5     sing N N 70  
DT  C5    C7     sing N N 71  
DT  C5    C6     doub N N 72  
DT  C7    H71    sing N N 73  
DT  C7    H72    sing N N 74  
DT  C7    H73    sing N N 75  
DT  C6    H6     sing N N 76  
HOH O     H1     sing N N 77  
HOH O     H2     sing N N 78  
SNS N1    C2     doub Y N 79  
SNS N1    C14    sing Y N 80  
SNS C2    C3     sing Y N 81  
SNS C2    C7     sing Y N 82  
SNS C3    C4     doub Y N 83  
SNS C4    C5     sing Y N 84  
SNS C4    N26    sing N N 85  
SNS C5    C6     doub Y N 86  
SNS C6    C7     sing Y N 87  
SNS C7    C8     doub Y N 88  
SNS C8    C9     sing Y N 89  
SNS C9    C10    sing Y N 90  
SNS C9    C14    doub Y N 91  
SNS C10   C11    doub Y N 92  
SNS C11   C12    sing Y N 93  
SNS C12   C13    doub Y N 94  
SNS C12   N15    sing N N 95  
SNS C13   C14    sing Y N 96  
SNS N15   C16    sing N N 97  
SNS C16   O17    doub N N 98  
SNS C16   C18    sing N N 99  
SNS C18   C19    sing N N 100 
SNS C19   N20    sing N N 101 
SNS N20   C21    sing N N 102 
SNS N20   C25    sing N N 103 
SNS C21   C22    sing N N 104 
SNS C22   F23    sing N N 105 
SNS C22   C24    sing N N 106 
SNS C24   C25    sing N N 107 
SNS N26   C27    sing N N 108 
SNS C27   O28    doub N N 109 
SNS C27   C29    sing N N 110 
SNS C29   C30    sing N N 111 
SNS C30   N31    sing N N 112 
SNS N31   C32    sing N N 113 
SNS N31   C36    sing N N 114 
SNS C32   C33    sing N N 115 
SNS C33   F34    sing N N 116 
SNS C33   C35    sing N N 117 
SNS C35   C36    sing N N 118 
SNS C3    H3     sing N N 119 
SNS C5    H5     sing N N 120 
SNS C6    H6     sing N N 121 
SNS C8    H8     sing N N 122 
SNS C10   H10    sing N N 123 
SNS C11   H11    sing N N 124 
SNS C13   H13    sing N N 125 
SNS N15   HN15   sing N N 126 
SNS C18   H18    sing N N 127 
SNS C18   H18A   sing N N 128 
SNS C19   H19    sing N N 129 
SNS C19   H19A   sing N N 130 
SNS C21   H21    sing N N 131 
SNS C21   H21A   sing N N 132 
SNS C22   H22    sing N N 133 
SNS C24   H24    sing N N 134 
SNS C24   H24A   sing N N 135 
SNS C25   H25    sing N N 136 
SNS C25   H25A   sing N N 137 
SNS N26   HN26   sing N N 138 
SNS C29   H29    sing N N 139 
SNS C29   H29A   sing N N 140 
SNS C30   H30    sing N N 141 
SNS C30   H30A   sing N N 142 
SNS C32   H32    sing N N 143 
SNS C32   H32A   sing N N 144 
SNS C33   H33    sing N N 145 
SNS C35   H35    sing N N 146 
SNS C35   H35A   sing N N 147 
SNS C36   H36    sing N N 148 
SNS C36   H36A   sing N N 149 
# 
_ndb_struct_conf_na.entry_id   3NZ7 
_ndb_struct_conf_na.feature    'quadruple helix' 
# 
loop_
_pdbx_entity_nonpoly.entity_id 
_pdbx_entity_nonpoly.name 
_pdbx_entity_nonpoly.comp_id 
2 'POTASSIUM ION'                                              K   
3 "3,6-bis(3-(3'-(S)-fluoropyrrolindino)propionamido)acridine" SNS 
4 water                                                        HOH 
# 
_pdbx_initial_refinement_model.id               1 
_pdbx_initial_refinement_model.entity_id_list   ? 
_pdbx_initial_refinement_model.type             'experimental model' 
_pdbx_initial_refinement_model.source_name      PDB 
_pdbx_initial_refinement_model.accession_code   1L1H 
_pdbx_initial_refinement_model.details          'PDB entry 1L1H' 
# 
